data_1VCK
# 
_entry.id   1VCK 
# 
_audit_conform.dict_name       mmcif_pdbx.dic 
_audit_conform.dict_version    5.383 
_audit_conform.dict_location   http://mmcif.pdb.org/dictionaries/ascii/mmcif_pdbx.dic 
# 
loop_
_database_2.database_id 
_database_2.database_code 
_database_2.pdbx_database_accession 
_database_2.pdbx_DOI 
PDB   1VCK         pdb_00001vck 10.2210/pdb1vck/pdb 
RCSB  RCSB006464   ?            ?                   
WWPDB D_1000006464 ?            ?                   
# 
loop_
_pdbx_audit_revision_history.ordinal 
_pdbx_audit_revision_history.data_content_type 
_pdbx_audit_revision_history.major_revision 
_pdbx_audit_revision_history.minor_revision 
_pdbx_audit_revision_history.revision_date 
1 'Structure model' 1 0 2005-03-01 
2 'Structure model' 1 1 2008-04-27 
3 'Structure model' 1 2 2011-07-13 
4 'Structure model' 1 3 2023-12-27 
# 
_pdbx_audit_revision_details.ordinal             1 
_pdbx_audit_revision_details.revision_ordinal    1 
_pdbx_audit_revision_details.data_content_type   'Structure model' 
_pdbx_audit_revision_details.provider            repository 
_pdbx_audit_revision_details.type                'Initial release' 
_pdbx_audit_revision_details.description         ? 
_pdbx_audit_revision_details.details             ? 
# 
loop_
_pdbx_audit_revision_group.ordinal 
_pdbx_audit_revision_group.revision_ordinal 
_pdbx_audit_revision_group.data_content_type 
_pdbx_audit_revision_group.group 
1 2 'Structure model' 'Version format compliance' 
2 3 'Structure model' 'Version format compliance' 
3 4 'Structure model' 'Data collection'           
4 4 'Structure model' 'Database references'       
5 4 'Structure model' 'Derived calculations'      
# 
loop_
_pdbx_audit_revision_category.ordinal 
_pdbx_audit_revision_category.revision_ordinal 
_pdbx_audit_revision_category.data_content_type 
_pdbx_audit_revision_category.category 
1 4 'Structure model' chem_comp_atom         
2 4 'Structure model' chem_comp_bond         
3 4 'Structure model' database_2             
4 4 'Structure model' pdbx_struct_conn_angle 
5 4 'Structure model' struct_conn            
6 4 'Structure model' struct_ref_seq_dif     
7 4 'Structure model' struct_site            
# 
loop_
_pdbx_audit_revision_item.ordinal 
_pdbx_audit_revision_item.revision_ordinal 
_pdbx_audit_revision_item.data_content_type 
_pdbx_audit_revision_item.item 
1  4 'Structure model' '_database_2.pdbx_DOI'                        
2  4 'Structure model' '_database_2.pdbx_database_accession'         
3  4 'Structure model' '_pdbx_struct_conn_angle.ptnr1_auth_comp_id'  
4  4 'Structure model' '_pdbx_struct_conn_angle.ptnr1_auth_seq_id'   
5  4 'Structure model' '_pdbx_struct_conn_angle.ptnr1_label_asym_id' 
6  4 'Structure model' '_pdbx_struct_conn_angle.ptnr1_label_atom_id' 
7  4 'Structure model' '_pdbx_struct_conn_angle.ptnr1_label_comp_id' 
8  4 'Structure model' '_pdbx_struct_conn_angle.ptnr1_label_seq_id'  
9  4 'Structure model' '_pdbx_struct_conn_angle.ptnr1_symmetry'      
10 4 'Structure model' '_pdbx_struct_conn_angle.ptnr2_auth_comp_id'  
11 4 'Structure model' '_pdbx_struct_conn_angle.ptnr2_auth_seq_id'   
12 4 'Structure model' '_pdbx_struct_conn_angle.ptnr2_label_asym_id' 
13 4 'Structure model' '_pdbx_struct_conn_angle.ptnr2_label_atom_id' 
14 4 'Structure model' '_pdbx_struct_conn_angle.ptnr2_label_comp_id' 
15 4 'Structure model' '_pdbx_struct_conn_angle.ptnr3_auth_comp_id'  
16 4 'Structure model' '_pdbx_struct_conn_angle.ptnr3_auth_seq_id'   
17 4 'Structure model' '_pdbx_struct_conn_angle.ptnr3_label_asym_id' 
18 4 'Structure model' '_pdbx_struct_conn_angle.ptnr3_label_atom_id' 
19 4 'Structure model' '_pdbx_struct_conn_angle.ptnr3_label_comp_id' 
20 4 'Structure model' '_pdbx_struct_conn_angle.ptnr3_label_seq_id'  
21 4 'Structure model' '_pdbx_struct_conn_angle.ptnr3_symmetry'      
22 4 'Structure model' '_pdbx_struct_conn_angle.value'               
23 4 'Structure model' '_struct_conn.pdbx_dist_value'                
24 4 'Structure model' '_struct_conn.ptnr1_auth_comp_id'             
25 4 'Structure model' '_struct_conn.ptnr1_auth_seq_id'              
26 4 'Structure model' '_struct_conn.ptnr1_label_asym_id'            
27 4 'Structure model' '_struct_conn.ptnr1_label_atom_id'            
28 4 'Structure model' '_struct_conn.ptnr1_label_comp_id'            
29 4 'Structure model' '_struct_conn.ptnr1_label_seq_id'             
30 4 'Structure model' '_struct_conn.ptnr1_symmetry'                 
31 4 'Structure model' '_struct_conn.ptnr2_auth_comp_id'             
32 4 'Structure model' '_struct_conn.ptnr2_auth_seq_id'              
33 4 'Structure model' '_struct_conn.ptnr2_label_asym_id'            
34 4 'Structure model' '_struct_conn.ptnr2_label_atom_id'            
35 4 'Structure model' '_struct_conn.ptnr2_label_comp_id'            
36 4 'Structure model' '_struct_conn.ptnr2_label_seq_id'             
37 4 'Structure model' '_struct_conn.ptnr2_symmetry'                 
38 4 'Structure model' '_struct_ref_seq_dif.details'                 
39 4 'Structure model' '_struct_site.pdbx_auth_asym_id'              
40 4 'Structure model' '_struct_site.pdbx_auth_comp_id'              
41 4 'Structure model' '_struct_site.pdbx_auth_seq_id'               
# 
_pdbx_database_status.status_code                     REL 
_pdbx_database_status.entry_id                        1VCK 
_pdbx_database_status.recvd_initial_deposition_date   2004-03-09 
_pdbx_database_status.deposit_site                    PDBJ 
_pdbx_database_status.process_site                    PDBJ 
_pdbx_database_status.status_code_sf                  REL 
_pdbx_database_status.status_code_mr                  ? 
_pdbx_database_status.SG_entry                        ? 
_pdbx_database_status.pdb_format_compatible           Y 
_pdbx_database_status.status_code_cs                  ? 
_pdbx_database_status.status_code_nmr_data            ? 
_pdbx_database_status.methods_development_category    ? 
# 
loop_
_audit_author.name 
_audit_author.pdbx_ordinal 
'Nam, J.-W.'    1  
'Noguchi, H.'   2  
'Fujiomoto, Z.' 3  
'Mizuno, H.'    4  
'Fushinobu, S.' 5  
'Kobashi, N.'   6  
'Iwata, K.'     7  
'Yoshida, T.'   8  
'Habe, H.'      9  
'Yamane, H.'    10 
'Omori, T.'     11 
'Nojiri, H.'    12 
# 
_citation.id                        primary 
_citation.title                     
;Crystal structure of the ferredoxin component of carbazole 1,9a-dioxygenase of Pseudomonas resinovorans strain CA10, a novel Rieske non-heme iron oxygenase system
;
_citation.journal_abbrev            PROTEINS 
_citation.journal_volume            58 
_citation.page_first                779 
_citation.page_last                 789 
_citation.year                      2005 
_citation.journal_id_ASTM           PSFGEY 
_citation.country                   US 
_citation.journal_id_ISSN           0887-3585 
_citation.journal_id_CSD            0867 
_citation.book_publisher            ? 
_citation.pdbx_database_id_PubMed   15645447 
_citation.pdbx_database_id_DOI      10.1002/prot.20374 
# 
loop_
_citation_author.citation_id 
_citation_author.name 
_citation_author.ordinal 
_citation_author.identifier_ORCID 
primary 'Nam, J.-W.'    1  ? 
primary 'Noguchi, H.'   2  ? 
primary 'Fujiomoto, Z.' 3  ? 
primary 'Mizuno, H.'    4  ? 
primary 'Ashikawa, Y.'  5  ? 
primary 'Abo, M.'       6  ? 
primary 'Fushinobu, S.' 7  ? 
primary 'Kobashi, N.'   8  ? 
primary 'Wakagi, T.'    9  ? 
primary 'Iwata, K.'     10 ? 
primary 'Yoshida, T.'   11 ? 
primary 'Habe, H.'      12 ? 
primary 'Yamane, H.'    13 ? 
primary 'Omori, T.'     14 ? 
primary 'Nojiri, H.'    15 ? 
# 
loop_
_entity.id 
_entity.type 
_entity.src_method 
_entity.pdbx_description 
_entity.formula_weight 
_entity.pdbx_number_of_molecules 
_entity.pdbx_ec 
_entity.pdbx_mutation 
_entity.pdbx_fragment 
_entity.details 
1 polymer     man 'ferredoxin component of carbazole' 12448.059 1   1.14.12.- ? ? ? 
2 non-polymer syn 'FE (III) ION'                      55.845    1   ?         ? ? ? 
3 non-polymer syn 'FE2/S2 (INORGANIC) CLUSTER'        175.820   1   ?         ? ? ? 
4 non-polymer syn 'HYDROSULFURIC ACID'                34.081    1   ?         ? ? ? 
5 water       nat water                               18.015    139 ?         ? ? ? 
# 
_entity_name_com.entity_id   1 
_entity_name_com.name        'Rieske-type ferredoxin of carbazole 1,9a-dioxygenase' 
# 
_entity_poly.entity_id                      1 
_entity_poly.type                           'polypeptide(L)' 
_entity_poly.nstd_linkage                   no 
_entity_poly.nstd_monomer                   no 
_entity_poly.pdbx_seq_one_letter_code       
;MNQIWLKVCAASDMQPGTIRRVNRVGAAPLAVYRVGDQFYATEDTCTHGIASLSEGTLDGDVIECPFHGGAFNVCTGMPA
SSPCTVPLGVFEVEVKEGEVYVAGEKKLEHHHHHH
;
_entity_poly.pdbx_seq_one_letter_code_can   
;MNQIWLKVCAASDMQPGTIRRVNRVGAAPLAVYRVGDQFYATEDTCTHGIASLSEGTLDGDVIECPFHGGAFNVCTGMPA
SSPCTVPLGVFEVEVKEGEVYVAGEKKLEHHHHHH
;
_entity_poly.pdbx_strand_id                 A 
_entity_poly.pdbx_target_identifier         ? 
# 
loop_
_pdbx_entity_nonpoly.entity_id 
_pdbx_entity_nonpoly.name 
_pdbx_entity_nonpoly.comp_id 
2 'FE (III) ION'               FE  
3 'FE2/S2 (INORGANIC) CLUSTER' FES 
4 'HYDROSULFURIC ACID'         H2S 
5 water                        HOH 
# 
loop_
_entity_poly_seq.entity_id 
_entity_poly_seq.num 
_entity_poly_seq.mon_id 
_entity_poly_seq.hetero 
1 1   MET n 
1 2   ASN n 
1 3   GLN n 
1 4   ILE n 
1 5   TRP n 
1 6   LEU n 
1 7   LYS n 
1 8   VAL n 
1 9   CYS n 
1 10  ALA n 
1 11  ALA n 
1 12  SER n 
1 13  ASP n 
1 14  MET n 
1 15  GLN n 
1 16  PRO n 
1 17  GLY n 
1 18  THR n 
1 19  ILE n 
1 20  ARG n 
1 21  ARG n 
1 22  VAL n 
1 23  ASN n 
1 24  ARG n 
1 25  VAL n 
1 26  GLY n 
1 27  ALA n 
1 28  ALA n 
1 29  PRO n 
1 30  LEU n 
1 31  ALA n 
1 32  VAL n 
1 33  TYR n 
1 34  ARG n 
1 35  VAL n 
1 36  GLY n 
1 37  ASP n 
1 38  GLN n 
1 39  PHE n 
1 40  TYR n 
1 41  ALA n 
1 42  THR n 
1 43  GLU n 
1 44  ASP n 
1 45  THR n 
1 46  CYS n 
1 47  THR n 
1 48  HIS n 
1 49  GLY n 
1 50  ILE n 
1 51  ALA n 
1 52  SER n 
1 53  LEU n 
1 54  SER n 
1 55  GLU n 
1 56  GLY n 
1 57  THR n 
1 58  LEU n 
1 59  ASP n 
1 60  GLY n 
1 61  ASP n 
1 62  VAL n 
1 63  ILE n 
1 64  GLU n 
1 65  CYS n 
1 66  PRO n 
1 67  PHE n 
1 68  HIS n 
1 69  GLY n 
1 70  GLY n 
1 71  ALA n 
1 72  PHE n 
1 73  ASN n 
1 74  VAL n 
1 75  CYS n 
1 76  THR n 
1 77  GLY n 
1 78  MET n 
1 79  PRO n 
1 80  ALA n 
1 81  SER n 
1 82  SER n 
1 83  PRO n 
1 84  CYS n 
1 85  THR n 
1 86  VAL n 
1 87  PRO n 
1 88  LEU n 
1 89  GLY n 
1 90  VAL n 
1 91  PHE n 
1 92  GLU n 
1 93  VAL n 
1 94  GLU n 
1 95  VAL n 
1 96  LYS n 
1 97  GLU n 
1 98  GLY n 
1 99  GLU n 
1 100 VAL n 
1 101 TYR n 
1 102 VAL n 
1 103 ALA n 
1 104 GLY n 
1 105 GLU n 
1 106 LYS n 
1 107 LYS n 
1 108 LEU n 
1 109 GLU n 
1 110 HIS n 
1 111 HIS n 
1 112 HIS n 
1 113 HIS n 
1 114 HIS n 
1 115 HIS n 
# 
_entity_src_gen.entity_id                          1 
_entity_src_gen.pdbx_src_id                        1 
_entity_src_gen.pdbx_alt_source_flag               sample 
_entity_src_gen.pdbx_seq_type                      ? 
_entity_src_gen.pdbx_beg_seq_num                   ? 
_entity_src_gen.pdbx_end_seq_num                   ? 
_entity_src_gen.gene_src_common_name               ? 
_entity_src_gen.gene_src_genus                     Pseudomonas 
_entity_src_gen.pdbx_gene_src_gene                 ? 
_entity_src_gen.gene_src_species                   ? 
_entity_src_gen.gene_src_strain                    CA10 
_entity_src_gen.gene_src_tissue                    ? 
_entity_src_gen.gene_src_tissue_fraction           ? 
_entity_src_gen.gene_src_details                   ? 
_entity_src_gen.pdbx_gene_src_fragment             ? 
_entity_src_gen.pdbx_gene_src_scientific_name      'Pseudomonas resinovorans' 
_entity_src_gen.pdbx_gene_src_ncbi_taxonomy_id     53412 
_entity_src_gen.pdbx_gene_src_variant              ? 
_entity_src_gen.pdbx_gene_src_cell_line            ? 
_entity_src_gen.pdbx_gene_src_atcc                 ? 
_entity_src_gen.pdbx_gene_src_organ                ? 
_entity_src_gen.pdbx_gene_src_organelle            ? 
_entity_src_gen.pdbx_gene_src_cell                 ? 
_entity_src_gen.pdbx_gene_src_cellular_location    ? 
_entity_src_gen.host_org_common_name               ? 
_entity_src_gen.pdbx_host_org_scientific_name      'Escherichia coli' 
_entity_src_gen.pdbx_host_org_ncbi_taxonomy_id     562 
_entity_src_gen.host_org_genus                     Escherichia 
_entity_src_gen.pdbx_host_org_gene                 ? 
_entity_src_gen.pdbx_host_org_organ                ? 
_entity_src_gen.host_org_species                   ? 
_entity_src_gen.pdbx_host_org_tissue               ? 
_entity_src_gen.pdbx_host_org_tissue_fraction      ? 
_entity_src_gen.pdbx_host_org_strain               ? 
_entity_src_gen.pdbx_host_org_variant              ? 
_entity_src_gen.pdbx_host_org_cell_line            ? 
_entity_src_gen.pdbx_host_org_atcc                 ? 
_entity_src_gen.pdbx_host_org_culture_collection   ? 
_entity_src_gen.pdbx_host_org_cell                 ? 
_entity_src_gen.pdbx_host_org_organelle            ? 
_entity_src_gen.pdbx_host_org_cellular_location    ? 
_entity_src_gen.pdbx_host_org_vector_type          plasmid 
_entity_src_gen.pdbx_host_org_vector               ? 
_entity_src_gen.host_org_details                   ? 
_entity_src_gen.expression_system_id               ? 
_entity_src_gen.plasmid_name                       pECAC1 
_entity_src_gen.plasmid_details                    ? 
_entity_src_gen.pdbx_description                   ? 
# 
loop_
_chem_comp.id 
_chem_comp.type 
_chem_comp.mon_nstd_flag 
_chem_comp.name 
_chem_comp.pdbx_synonyms 
_chem_comp.formula 
_chem_comp.formula_weight 
ALA 'L-peptide linking' y ALANINE                      ?                  'C3 H7 N O2'     89.093  
ARG 'L-peptide linking' y ARGININE                     ?                  'C6 H15 N4 O2 1' 175.209 
ASN 'L-peptide linking' y ASPARAGINE                   ?                  'C4 H8 N2 O3'    132.118 
ASP 'L-peptide linking' y 'ASPARTIC ACID'              ?                  'C4 H7 N O4'     133.103 
CYS 'L-peptide linking' y CYSTEINE                     ?                  'C3 H7 N O2 S'   121.158 
FE  non-polymer         . 'FE (III) ION'               ?                  'Fe 3'           55.845  
FES non-polymer         . 'FE2/S2 (INORGANIC) CLUSTER' ?                  'Fe2 S2'         175.820 
GLN 'L-peptide linking' y GLUTAMINE                    ?                  'C5 H10 N2 O3'   146.144 
GLU 'L-peptide linking' y 'GLUTAMIC ACID'              ?                  'C5 H9 N O4'     147.129 
GLY 'peptide linking'   y GLYCINE                      ?                  'C2 H5 N O2'     75.067  
H2S non-polymer         . 'HYDROSULFURIC ACID'         'HYDROGEN SULFIDE' 'H2 S'           34.081  
HIS 'L-peptide linking' y HISTIDINE                    ?                  'C6 H10 N3 O2 1' 156.162 
HOH non-polymer         . WATER                        ?                  'H2 O'           18.015  
ILE 'L-peptide linking' y ISOLEUCINE                   ?                  'C6 H13 N O2'    131.173 
LEU 'L-peptide linking' y LEUCINE                      ?                  'C6 H13 N O2'    131.173 
LYS 'L-peptide linking' y LYSINE                       ?                  'C6 H15 N2 O2 1' 147.195 
MET 'L-peptide linking' y METHIONINE                   ?                  'C5 H11 N O2 S'  149.211 
PHE 'L-peptide linking' y PHENYLALANINE                ?                  'C9 H11 N O2'    165.189 
PRO 'L-peptide linking' y PROLINE                      ?                  'C5 H9 N O2'     115.130 
SER 'L-peptide linking' y SERINE                       ?                  'C3 H7 N O3'     105.093 
THR 'L-peptide linking' y THREONINE                    ?                  'C4 H9 N O3'     119.119 
TRP 'L-peptide linking' y TRYPTOPHAN                   ?                  'C11 H12 N2 O2'  204.225 
TYR 'L-peptide linking' y TYROSINE                     ?                  'C9 H11 N O3'    181.189 
VAL 'L-peptide linking' y VALINE                       ?                  'C5 H11 N O2'    117.146 
# 
loop_
_pdbx_poly_seq_scheme.asym_id 
_pdbx_poly_seq_scheme.entity_id 
_pdbx_poly_seq_scheme.seq_id 
_pdbx_poly_seq_scheme.mon_id 
_pdbx_poly_seq_scheme.ndb_seq_num 
_pdbx_poly_seq_scheme.pdb_seq_num 
_pdbx_poly_seq_scheme.auth_seq_num 
_pdbx_poly_seq_scheme.pdb_mon_id 
_pdbx_poly_seq_scheme.auth_mon_id 
_pdbx_poly_seq_scheme.pdb_strand_id 
_pdbx_poly_seq_scheme.pdb_ins_code 
_pdbx_poly_seq_scheme.hetero 
A 1 1   MET 1   1   ?   ?   ?   A . n 
A 1 2   ASN 2   2   ?   ?   ?   A . n 
A 1 3   GLN 3   3   ?   ?   ?   A . n 
A 1 4   ILE 4   4   4   ILE ILE A . n 
A 1 5   TRP 5   5   5   TRP TRP A . n 
A 1 6   LEU 6   6   6   LEU LEU A . n 
A 1 7   LYS 7   7   7   LYS LYS A . n 
A 1 8   VAL 8   8   8   VAL VAL A . n 
A 1 9   CYS 9   9   9   CYS CYS A . n 
A 1 10  ALA 10  10  10  ALA ALA A . n 
A 1 11  ALA 11  11  11  ALA ALA A . n 
A 1 12  SER 12  12  12  SER SER A . n 
A 1 13  ASP 13  13  13  ASP ASP A . n 
A 1 14  MET 14  14  14  MET MET A . n 
A 1 15  GLN 15  15  15  GLN GLN A . n 
A 1 16  PRO 16  16  16  PRO PRO A . n 
A 1 17  GLY 17  17  17  GLY GLY A . n 
A 1 18  THR 18  18  18  THR THR A . n 
A 1 19  ILE 19  19  19  ILE ILE A . n 
A 1 20  ARG 20  20  20  ARG ARG A . n 
A 1 21  ARG 21  21  21  ARG ARG A . n 
A 1 22  VAL 22  22  22  VAL VAL A . n 
A 1 23  ASN 23  23  23  ASN ASN A . n 
A 1 24  ARG 24  24  24  ARG ARG A . n 
A 1 25  VAL 25  25  25  VAL VAL A . n 
A 1 26  GLY 26  26  26  GLY GLY A . n 
A 1 27  ALA 27  27  27  ALA ALA A . n 
A 1 28  ALA 28  28  28  ALA ALA A . n 
A 1 29  PRO 29  29  29  PRO PRO A . n 
A 1 30  LEU 30  30  30  LEU LEU A . n 
A 1 31  ALA 31  31  31  ALA ALA A . n 
A 1 32  VAL 32  32  32  VAL VAL A . n 
A 1 33  TYR 33  33  33  TYR TYR A . n 
A 1 34  ARG 34  34  34  ARG ARG A . n 
A 1 35  VAL 35  35  35  VAL VAL A . n 
A 1 36  GLY 36  36  36  GLY GLY A . n 
A 1 37  ASP 37  37  37  ASP ASP A . n 
A 1 38  GLN 38  38  38  GLN GLN A . n 
A 1 39  PHE 39  39  39  PHE PHE A . n 
A 1 40  TYR 40  40  40  TYR TYR A . n 
A 1 41  ALA 41  41  41  ALA ALA A . n 
A 1 42  THR 42  42  42  THR THR A . n 
A 1 43  GLU 43  43  43  GLU GLU A . n 
A 1 44  ASP 44  44  44  ASP ASP A . n 
A 1 45  THR 45  45  45  THR THR A . n 
A 1 46  CYS 46  46  46  CYS CYS A . n 
A 1 47  THR 47  47  47  THR THR A . n 
A 1 48  HIS 48  48  48  HIS HIS A . n 
A 1 49  GLY 49  49  49  GLY GLY A . n 
A 1 50  ILE 50  50  50  ILE ILE A . n 
A 1 51  ALA 51  51  51  ALA ALA A . n 
A 1 52  SER 52  52  52  SER SER A . n 
A 1 53  LEU 53  53  53  LEU LEU A . n 
A 1 54  SER 54  54  54  SER SER A . n 
A 1 55  GLU 55  55  55  GLU GLU A . n 
A 1 56  GLY 56  56  56  GLY GLY A . n 
A 1 57  THR 57  57  57  THR THR A . n 
A 1 58  LEU 58  58  58  LEU LEU A . n 
A 1 59  ASP 59  59  59  ASP ASP A . n 
A 1 60  GLY 60  60  60  GLY GLY A . n 
A 1 61  ASP 61  61  61  ASP ASP A . n 
A 1 62  VAL 62  62  62  VAL VAL A . n 
A 1 63  ILE 63  63  63  ILE ILE A . n 
A 1 64  GLU 64  64  64  GLU GLU A . n 
A 1 65  CYS 65  65  65  CYS CYS A . n 
A 1 66  PRO 66  66  66  PRO PRO A . n 
A 1 67  PHE 67  67  67  PHE PHE A . n 
A 1 68  HIS 68  68  68  HIS HIS A . n 
A 1 69  GLY 69  69  69  GLY GLY A . n 
A 1 70  GLY 70  70  70  GLY GLY A . n 
A 1 71  ALA 71  71  71  ALA ALA A . n 
A 1 72  PHE 72  72  72  PHE PHE A . n 
A 1 73  ASN 73  73  73  ASN ASN A . n 
A 1 74  VAL 74  74  74  VAL VAL A . n 
A 1 75  CYS 75  75  75  CYS CYS A . n 
A 1 76  THR 76  76  76  THR THR A . n 
A 1 77  GLY 77  77  77  GLY GLY A . n 
A 1 78  MET 78  78  78  MET MET A . n 
A 1 79  PRO 79  79  79  PRO PRO A . n 
A 1 80  ALA 80  80  80  ALA ALA A . n 
A 1 81  SER 81  81  81  SER SER A . n 
A 1 82  SER 82  82  82  SER SER A . n 
A 1 83  PRO 83  83  83  PRO PRO A . n 
A 1 84  CYS 84  84  84  CYS CYS A . n 
A 1 85  THR 85  85  85  THR THR A . n 
A 1 86  VAL 86  86  86  VAL VAL A . n 
A 1 87  PRO 87  87  87  PRO PRO A . n 
A 1 88  LEU 88  88  88  LEU LEU A . n 
A 1 89  GLY 89  89  89  GLY GLY A . n 
A 1 90  VAL 90  90  90  VAL VAL A . n 
A 1 91  PHE 91  91  91  PHE PHE A . n 
A 1 92  GLU 92  92  92  GLU GLU A . n 
A 1 93  VAL 93  93  93  VAL VAL A . n 
A 1 94  GLU 94  94  94  GLU GLU A . n 
A 1 95  VAL 95  95  95  VAL VAL A . n 
A 1 96  LYS 96  96  96  LYS LYS A . n 
A 1 97  GLU 97  97  97  GLU GLU A . n 
A 1 98  GLY 98  98  98  GLY GLY A . n 
A 1 99  GLU 99  99  99  GLU GLU A . n 
A 1 100 VAL 100 100 100 VAL VAL A . n 
A 1 101 TYR 101 101 101 TYR TYR A . n 
A 1 102 VAL 102 102 102 VAL VAL A . n 
A 1 103 ALA 103 103 103 ALA ALA A . n 
A 1 104 GLY 104 104 104 GLY GLY A . n 
A 1 105 GLU 105 105 105 GLU GLU A . n 
A 1 106 LYS 106 106 106 LYS LYS A . n 
A 1 107 LYS 107 107 107 LYS LYS A . n 
A 1 108 LEU 108 108 ?   ?   ?   A . n 
A 1 109 GLU 109 109 ?   ?   ?   A . n 
A 1 110 HIS 110 110 ?   ?   ?   A . n 
A 1 111 HIS 111 111 ?   ?   ?   A . n 
A 1 112 HIS 112 112 ?   ?   ?   A . n 
A 1 113 HIS 113 113 ?   ?   ?   A . n 
A 1 114 HIS 114 114 ?   ?   ?   A . n 
A 1 115 HIS 115 115 ?   ?   ?   A . n 
# 
loop_
_pdbx_nonpoly_scheme.asym_id 
_pdbx_nonpoly_scheme.entity_id 
_pdbx_nonpoly_scheme.mon_id 
_pdbx_nonpoly_scheme.ndb_seq_num 
_pdbx_nonpoly_scheme.pdb_seq_num 
_pdbx_nonpoly_scheme.auth_seq_num 
_pdbx_nonpoly_scheme.pdb_mon_id 
_pdbx_nonpoly_scheme.auth_mon_id 
_pdbx_nonpoly_scheme.pdb_strand_id 
_pdbx_nonpoly_scheme.pdb_ins_code 
B 2 FE  1   211 211 FE  FE  A . 
C 3 FES 1   201 201 FES FES A . 
D 4 H2S 1   212 212 H2S H2S A . 
E 5 HOH 1   213 1   HOH HOH A . 
E 5 HOH 2   214 2   HOH HOH A . 
E 5 HOH 3   215 3   HOH HOH A . 
E 5 HOH 4   216 4   HOH HOH A . 
E 5 HOH 5   217 5   HOH HOH A . 
E 5 HOH 6   218 6   HOH HOH A . 
E 5 HOH 7   219 7   HOH HOH A . 
E 5 HOH 8   220 8   HOH HOH A . 
E 5 HOH 9   221 9   HOH HOH A . 
E 5 HOH 10  222 10  HOH HOH A . 
E 5 HOH 11  223 11  HOH HOH A . 
E 5 HOH 12  224 12  HOH HOH A . 
E 5 HOH 13  225 13  HOH HOH A . 
E 5 HOH 14  226 14  HOH HOH A . 
E 5 HOH 15  227 15  HOH HOH A . 
E 5 HOH 16  228 16  HOH HOH A . 
E 5 HOH 17  229 17  HOH HOH A . 
E 5 HOH 18  230 18  HOH HOH A . 
E 5 HOH 19  231 19  HOH HOH A . 
E 5 HOH 20  232 20  HOH HOH A . 
E 5 HOH 21  233 21  HOH HOH A . 
E 5 HOH 22  234 22  HOH HOH A . 
E 5 HOH 23  235 23  HOH HOH A . 
E 5 HOH 24  236 24  HOH HOH A . 
E 5 HOH 25  237 25  HOH HOH A . 
E 5 HOH 26  238 26  HOH HOH A . 
E 5 HOH 27  239 27  HOH HOH A . 
E 5 HOH 28  240 28  HOH HOH A . 
E 5 HOH 29  241 29  HOH HOH A . 
E 5 HOH 30  242 30  HOH HOH A . 
E 5 HOH 31  243 31  HOH HOH A . 
E 5 HOH 32  244 32  HOH HOH A . 
E 5 HOH 33  245 33  HOH HOH A . 
E 5 HOH 34  246 34  HOH HOH A . 
E 5 HOH 35  247 35  HOH HOH A . 
E 5 HOH 36  248 36  HOH HOH A . 
E 5 HOH 37  249 37  HOH HOH A . 
E 5 HOH 38  250 38  HOH HOH A . 
E 5 HOH 39  251 39  HOH HOH A . 
E 5 HOH 40  252 40  HOH HOH A . 
E 5 HOH 41  253 41  HOH HOH A . 
E 5 HOH 42  254 42  HOH HOH A . 
E 5 HOH 43  255 43  HOH HOH A . 
E 5 HOH 44  256 44  HOH HOH A . 
E 5 HOH 45  257 45  HOH HOH A . 
E 5 HOH 46  258 46  HOH HOH A . 
E 5 HOH 47  259 47  HOH HOH A . 
E 5 HOH 48  260 48  HOH HOH A . 
E 5 HOH 49  261 49  HOH HOH A . 
E 5 HOH 50  262 50  HOH HOH A . 
E 5 HOH 51  263 51  HOH HOH A . 
E 5 HOH 52  264 52  HOH HOH A . 
E 5 HOH 53  265 53  HOH HOH A . 
E 5 HOH 54  266 54  HOH HOH A . 
E 5 HOH 55  267 55  HOH HOH A . 
E 5 HOH 56  268 56  HOH HOH A . 
E 5 HOH 57  269 57  HOH HOH A . 
E 5 HOH 58  270 58  HOH HOH A . 
E 5 HOH 59  271 59  HOH HOH A . 
E 5 HOH 60  272 60  HOH HOH A . 
E 5 HOH 61  273 61  HOH HOH A . 
E 5 HOH 62  274 62  HOH HOH A . 
E 5 HOH 63  275 63  HOH HOH A . 
E 5 HOH 64  276 64  HOH HOH A . 
E 5 HOH 65  277 65  HOH HOH A . 
E 5 HOH 66  278 66  HOH HOH A . 
E 5 HOH 67  279 67  HOH HOH A . 
E 5 HOH 68  280 68  HOH HOH A . 
E 5 HOH 69  281 69  HOH HOH A . 
E 5 HOH 70  282 70  HOH HOH A . 
E 5 HOH 71  283 71  HOH HOH A . 
E 5 HOH 72  284 72  HOH HOH A . 
E 5 HOH 73  285 73  HOH HOH A . 
E 5 HOH 74  286 74  HOH HOH A . 
E 5 HOH 75  287 75  HOH HOH A . 
E 5 HOH 76  288 76  HOH HOH A . 
E 5 HOH 77  289 77  HOH HOH A . 
E 5 HOH 78  290 78  HOH HOH A . 
E 5 HOH 79  291 79  HOH HOH A . 
E 5 HOH 80  292 80  HOH HOH A . 
E 5 HOH 81  293 81  HOH HOH A . 
E 5 HOH 82  294 82  HOH HOH A . 
E 5 HOH 83  295 83  HOH HOH A . 
E 5 HOH 84  296 84  HOH HOH A . 
E 5 HOH 85  297 85  HOH HOH A . 
E 5 HOH 86  298 86  HOH HOH A . 
E 5 HOH 87  299 87  HOH HOH A . 
E 5 HOH 88  300 88  HOH HOH A . 
E 5 HOH 89  301 89  HOH HOH A . 
E 5 HOH 90  302 90  HOH HOH A . 
E 5 HOH 91  303 91  HOH HOH A . 
E 5 HOH 92  304 92  HOH HOH A . 
E 5 HOH 93  305 93  HOH HOH A . 
E 5 HOH 94  306 94  HOH HOH A . 
E 5 HOH 95  307 95  HOH HOH A . 
E 5 HOH 96  308 96  HOH HOH A . 
E 5 HOH 97  309 97  HOH HOH A . 
E 5 HOH 98  310 98  HOH HOH A . 
E 5 HOH 99  311 99  HOH HOH A . 
E 5 HOH 100 312 100 HOH HOH A . 
E 5 HOH 101 313 101 HOH HOH A . 
E 5 HOH 102 314 102 HOH HOH A . 
E 5 HOH 103 315 103 HOH HOH A . 
E 5 HOH 104 316 104 HOH HOH A . 
E 5 HOH 105 317 105 HOH HOH A . 
E 5 HOH 106 318 106 HOH HOH A . 
E 5 HOH 107 319 107 HOH HOH A . 
E 5 HOH 108 320 108 HOH HOH A . 
E 5 HOH 109 321 109 HOH HOH A . 
E 5 HOH 110 322 110 HOH HOH A . 
E 5 HOH 111 323 111 HOH HOH A . 
E 5 HOH 112 324 112 HOH HOH A . 
E 5 HOH 113 325 113 HOH HOH A . 
E 5 HOH 114 326 114 HOH HOH A . 
E 5 HOH 115 327 115 HOH HOH A . 
E 5 HOH 116 328 116 HOH HOH A . 
E 5 HOH 117 329 117 HOH HOH A . 
E 5 HOH 118 330 118 HOH HOH A . 
E 5 HOH 119 331 119 HOH HOH A . 
E 5 HOH 120 332 120 HOH HOH A . 
E 5 HOH 121 333 121 HOH HOH A . 
E 5 HOH 122 334 122 HOH HOH A . 
E 5 HOH 123 335 123 HOH HOH A . 
E 5 HOH 124 336 124 HOH HOH A . 
E 5 HOH 125 337 125 HOH HOH A . 
E 5 HOH 126 338 126 HOH HOH A . 
E 5 HOH 127 339 127 HOH HOH A . 
E 5 HOH 128 340 128 HOH HOH A . 
E 5 HOH 129 341 129 HOH HOH A . 
E 5 HOH 130 342 130 HOH HOH A . 
E 5 HOH 131 343 131 HOH HOH A . 
E 5 HOH 132 344 132 HOH HOH A . 
E 5 HOH 133 345 133 HOH HOH A . 
E 5 HOH 134 346 134 HOH HOH A . 
E 5 HOH 135 347 135 HOH HOH A . 
E 5 HOH 136 348 136 HOH HOH A . 
E 5 HOH 137 349 137 HOH HOH A . 
E 5 HOH 138 350 138 HOH HOH A . 
E 5 HOH 139 351 139 HOH HOH A . 
# 
loop_
_software.name 
_software.classification 
_software.version 
_software.citation_id 
_software.pdbx_ordinal 
CNS    refinement       1.0       ? 1 
MOSFLM 'data reduction' .         ? 2 
CCP4   'data scaling'   '(SCALA)' ? 3 
MOLREP phasing          .         ? 4 
# 
_cell.entry_id           1VCK 
_cell.length_a           98.281 
_cell.length_b           98.281 
_cell.length_c           98.281 
_cell.angle_alpha        90.00 
_cell.angle_beta         90.00 
_cell.angle_gamma        90.00 
_cell.Z_PDB              24 
_cell.pdbx_unique_axis   ? 
_cell.length_a_esd       ? 
_cell.length_b_esd       ? 
_cell.length_c_esd       ? 
_cell.angle_alpha_esd    ? 
_cell.angle_beta_esd     ? 
_cell.angle_gamma_esd    ? 
# 
_symmetry.entry_id                         1VCK 
_symmetry.space_group_name_H-M             'P 41 3 2' 
_symmetry.pdbx_full_space_group_name_H-M   ? 
_symmetry.cell_setting                     ? 
_symmetry.Int_Tables_number                213 
_symmetry.space_group_name_Hall            ? 
# 
_exptl.entry_id          1VCK 
_exptl.method            'X-RAY DIFFRACTION' 
_exptl.crystals_number   1 
# 
_exptl_crystal.id                    1 
_exptl_crystal.density_meas          ? 
_exptl_crystal.density_Matthews      3.09 
_exptl_crystal.density_percent_sol   59.94 
_exptl_crystal.description           ? 
_exptl_crystal.F_000                 ? 
_exptl_crystal.preparation           ? 
# 
_exptl_crystal_grow.crystal_id      1 
_exptl_crystal_grow.method          'VAPOR DIFFUSION, HANGING DROP' 
_exptl_crystal_grow.temp            278 
_exptl_crystal_grow.temp_details    ? 
_exptl_crystal_grow.pH              4.6 
_exptl_crystal_grow.pdbx_details    
;17-19% PEG2000 MME, 0.2M ammonium sulfate, 0.1M sodium acetate, 0.02M magnesium chloride, pH 4.6, VAPOR DIFFUSION, HANGING DROP, temperature 278K
;
_exptl_crystal_grow.pdbx_pH_range   . 
# 
_diffrn.id                     1 
_diffrn.ambient_temp           100 
_diffrn.ambient_temp_details   ? 
_diffrn.crystal_id             1 
# 
_diffrn_detector.diffrn_id              1 
_diffrn_detector.detector               CCD 
_diffrn_detector.type                   'ADSC QUANTUM 4' 
_diffrn_detector.pdbx_collection_date   2001-04-07 
_diffrn_detector.details                ? 
# 
_diffrn_radiation.diffrn_id                        1 
_diffrn_radiation.wavelength_id                    1 
_diffrn_radiation.pdbx_monochromatic_or_laue_m_l   M 
_diffrn_radiation.monochromator                    ? 
_diffrn_radiation.pdbx_diffrn_protocol             'SINGLE WAVELENGTH' 
_diffrn_radiation.pdbx_scattering_type             x-ray 
# 
_diffrn_radiation_wavelength.id           1 
_diffrn_radiation_wavelength.wavelength   1.0 
_diffrn_radiation_wavelength.wt           1.0 
# 
_diffrn_source.diffrn_id                   1 
_diffrn_source.source                      SYNCHROTRON 
_diffrn_source.type                        'PHOTON FACTORY BEAMLINE BL-6A' 
_diffrn_source.pdbx_synchrotron_site       'Photon Factory' 
_diffrn_source.pdbx_synchrotron_beamline   BL-6A 
_diffrn_source.pdbx_wavelength             ? 
_diffrn_source.pdbx_wavelength_list        1.0 
# 
_reflns.entry_id                     1VCK 
_reflns.observed_criterion_sigma_I   ? 
_reflns.observed_criterion_sigma_F   ? 
_reflns.d_resolution_low             29.63 
_reflns.d_resolution_high            1.90 
_reflns.number_obs                   13347 
_reflns.number_all                   ? 
_reflns.percent_possible_obs         99.9 
_reflns.pdbx_Rmerge_I_obs            ? 
_reflns.pdbx_Rsym_value              ? 
_reflns.pdbx_netI_over_sigmaI        ? 
_reflns.B_iso_Wilson_estimate        18.0 
_reflns.pdbx_redundancy              ? 
_reflns.R_free_details               ? 
_reflns.limit_h_max                  ? 
_reflns.limit_h_min                  ? 
_reflns.limit_k_max                  ? 
_reflns.limit_k_min                  ? 
_reflns.limit_l_max                  ? 
_reflns.limit_l_min                  ? 
_reflns.observed_criterion_F_max     ? 
_reflns.observed_criterion_F_min     ? 
_reflns.pdbx_chi_squared             ? 
_reflns.pdbx_scaling_rejects         ? 
_reflns.pdbx_diffrn_id               1 
_reflns.pdbx_ordinal                 1 
# 
_reflns_shell.d_res_high             1.90 
_reflns_shell.d_res_low              2.02 
_reflns_shell.percent_possible_all   100 
_reflns_shell.Rmerge_I_obs           ? 
_reflns_shell.pdbx_Rsym_value        ? 
_reflns_shell.meanI_over_sigI_obs    ? 
_reflns_shell.pdbx_redundancy        ? 
_reflns_shell.percent_possible_obs   ? 
_reflns_shell.number_unique_all      ? 
_reflns_shell.number_measured_all    ? 
_reflns_shell.number_measured_obs    ? 
_reflns_shell.number_unique_obs      ? 
_reflns_shell.pdbx_chi_squared       ? 
_reflns_shell.pdbx_diffrn_id         ? 
_reflns_shell.pdbx_ordinal           1 
# 
_refine.entry_id                                 1VCK 
_refine.ls_number_reflns_obs                     13347 
_refine.ls_number_reflns_all                     ? 
_refine.pdbx_ls_sigma_I                          ? 
_refine.pdbx_ls_sigma_F                          0.0 
_refine.pdbx_data_cutoff_high_absF               2305799.77 
_refine.pdbx_data_cutoff_low_absF                0.000000 
_refine.pdbx_data_cutoff_high_rms_absF           ? 
_refine.ls_d_res_low                             29.63 
_refine.ls_d_res_high                            1.90 
_refine.ls_percent_reflns_obs                    99.9 
_refine.ls_R_factor_obs                          0.202 
_refine.ls_R_factor_all                          ? 
_refine.ls_R_factor_R_work                       0.202 
_refine.ls_R_factor_R_free                       0.236 
_refine.ls_R_factor_R_free_error                 0.006 
_refine.ls_R_factor_R_free_error_details         ? 
_refine.ls_percent_reflns_R_free                 10.3 
_refine.ls_number_reflns_R_free                  1373 
_refine.ls_number_parameters                     ? 
_refine.ls_number_restraints                     ? 
_refine.occupancy_min                            ? 
_refine.occupancy_max                            ? 
_refine.correlation_coeff_Fo_to_Fc               ? 
_refine.correlation_coeff_Fo_to_Fc_free          ? 
_refine.B_iso_mean                               33.6 
_refine.aniso_B[1][1]                            0.00 
_refine.aniso_B[2][2]                            0.00 
_refine.aniso_B[3][3]                            0.00 
_refine.aniso_B[1][2]                            0.00 
_refine.aniso_B[1][3]                            0.00 
_refine.aniso_B[2][3]                            0.00 
_refine.solvent_model_details                    'FLAT MODEL' 
_refine.solvent_model_param_ksol                 0.386991 
_refine.solvent_model_param_bsol                 66.0281 
_refine.pdbx_solvent_vdw_probe_radii             ? 
_refine.pdbx_solvent_ion_probe_radii             ? 
_refine.pdbx_solvent_shrinkage_radii             ? 
_refine.pdbx_ls_cross_valid_method               THROUGHOUT 
_refine.details                                  ? 
_refine.pdbx_starting_model                      ? 
_refine.pdbx_method_to_determine_struct          'MOLECULAR REPLACEMENT' 
_refine.pdbx_isotropic_thermal_model             RESTRAINED 
_refine.pdbx_stereochemistry_target_values       ? 
_refine.pdbx_stereochem_target_val_spec_case     ? 
_refine.pdbx_R_Free_selection_details            RANDOM 
_refine.pdbx_overall_ESU_R                       ? 
_refine.pdbx_overall_ESU_R_Free                  ? 
_refine.overall_SU_ML                            ? 
_refine.overall_SU_B                             ? 
_refine.ls_redundancy_reflns_obs                 ? 
_refine.B_iso_min                                ? 
_refine.B_iso_max                                ? 
_refine.overall_SU_R_Cruickshank_DPI             ? 
_refine.overall_SU_R_free                        ? 
_refine.ls_wR_factor_R_free                      ? 
_refine.ls_wR_factor_R_work                      ? 
_refine.overall_FOM_free_R_set                   ? 
_refine.overall_FOM_work_R_set                   ? 
_refine.pdbx_overall_phase_error                 ? 
_refine.pdbx_refine_id                           'X-RAY DIFFRACTION' 
_refine.pdbx_diffrn_id                           1 
_refine.pdbx_TLS_residual_ADP_flag               ? 
_refine.pdbx_overall_SU_R_free_Cruickshank_DPI   ? 
_refine.pdbx_overall_SU_R_Blow_DPI               ? 
_refine.pdbx_overall_SU_R_free_Blow_DPI          ? 
# 
_refine_analyze.entry_id                        1VCK 
_refine_analyze.Luzzati_coordinate_error_obs    0.21 
_refine_analyze.Luzzati_sigma_a_obs             0.10 
_refine_analyze.Luzzati_d_res_low_obs           5.00 
_refine_analyze.Luzzati_coordinate_error_free   0.24 
_refine_analyze.Luzzati_sigma_a_free            0.07 
_refine_analyze.Luzzati_d_res_low_free          ? 
_refine_analyze.number_disordered_residues      ? 
_refine_analyze.occupancy_sum_hydrogen          ? 
_refine_analyze.occupancy_sum_non_hydrogen      ? 
_refine_analyze.pdbx_Luzzati_d_res_high_obs     ? 
_refine_analyze.pdbx_refine_id                  'X-RAY DIFFRACTION' 
# 
_refine_hist.pdbx_refine_id                   'X-RAY DIFFRACTION' 
_refine_hist.cycle_id                         LAST 
_refine_hist.pdbx_number_atoms_protein        768 
_refine_hist.pdbx_number_atoms_nucleic_acid   0 
_refine_hist.pdbx_number_atoms_ligand         6 
_refine_hist.number_atoms_solvent             139 
_refine_hist.number_atoms_total               913 
_refine_hist.d_res_high                       1.90 
_refine_hist.d_res_low                        29.63 
# 
loop_
_refine_ls_restr.type 
_refine_ls_restr.dev_ideal 
_refine_ls_restr.dev_ideal_target 
_refine_ls_restr.weight 
_refine_ls_restr.number 
_refine_ls_restr.pdbx_refine_id 
_refine_ls_restr.pdbx_restraint_function 
c_bond_d           0.004 ?    ? ? 'X-RAY DIFFRACTION' ? 
c_angle_deg        1.3   ?    ? ? 'X-RAY DIFFRACTION' ? 
c_dihedral_angle_d 27.0  ?    ? ? 'X-RAY DIFFRACTION' ? 
c_improper_angle_d 0.76  ?    ? ? 'X-RAY DIFFRACTION' ? 
c_mcbond_it        1.18  1.50 ? ? 'X-RAY DIFFRACTION' ? 
c_mcangle_it       1.90  2.00 ? ? 'X-RAY DIFFRACTION' ? 
c_scbond_it        1.84  2.00 ? ? 'X-RAY DIFFRACTION' ? 
c_scangle_it       2.75  2.50 ? ? 'X-RAY DIFFRACTION' ? 
# 
_refine_ls_shell.pdbx_total_number_of_bins_used   6 
_refine_ls_shell.d_res_high                       1.90 
_refine_ls_shell.d_res_low                        2.02 
_refine_ls_shell.number_reflns_R_work             1936 
_refine_ls_shell.R_factor_R_work                  0.211 
_refine_ls_shell.percent_reflns_obs               100.0 
_refine_ls_shell.R_factor_R_free                  0.241 
_refine_ls_shell.R_factor_R_free_error            0.016 
_refine_ls_shell.percent_reflns_R_free            10.5 
_refine_ls_shell.number_reflns_R_free             228 
_refine_ls_shell.number_reflns_obs                ? 
_refine_ls_shell.redundancy_reflns_obs            ? 
_refine_ls_shell.number_reflns_all                ? 
_refine_ls_shell.R_factor_all                     ? 
_refine_ls_shell.pdbx_refine_id                   'X-RAY DIFFRACTION' 
# 
loop_
_pdbx_xplor_file.serial_no 
_pdbx_xplor_file.param_file 
_pdbx_xplor_file.topol_file 
_pdbx_xplor_file.pdbx_refine_id 
1 PROTEIN_REP.PARAM PROTEIN.TOP 'X-RAY DIFFRACTION' 
2 WATER_REP.PARAM   WATER.TOP   'X-RAY DIFFRACTION' 
3 CIS_PEPTIDE.PARAM ION.TOP     'X-RAY DIFFRACTION' 
4 ION.PARAM         ?           'X-RAY DIFFRACTION' 
# 
_struct.entry_id                  1VCK 
_struct.title                     
'Crystal structure of ferredoxin component of carbazole 1,9a-dioxygenase of Pseudomonas resinovorans strain CA10' 
_struct.pdbx_model_details        ? 
_struct.pdbx_CASP_flag            ? 
_struct.pdbx_model_type_details   ? 
# 
_struct_keywords.entry_id        1VCK 
_struct_keywords.pdbx_keywords   OXIDOREDUCTASE 
_struct_keywords.text            
;Rieske-type ferredoxin, Carbazole 1, 9a-dioxygenase, Pseudomonas resinovorans strain CA10, Angular dioxygenase, Rieske non-heme iron oxygenase system, CarAc, OXIDOREDUCTASE
;
# 
loop_
_struct_asym.id 
_struct_asym.pdbx_blank_PDB_chainid_flag 
_struct_asym.pdbx_modified 
_struct_asym.entity_id 
_struct_asym.details 
A N N 1 ? 
B N N 2 ? 
C N N 3 ? 
D N N 4 ? 
E N N 5 ? 
# 
_struct_ref.id                         1 
_struct_ref.db_name                    UNP 
_struct_ref.db_code                    Q8GI16_PSERE 
_struct_ref.pdbx_db_accession          Q8GI16 
_struct_ref.entity_id                  1 
_struct_ref.pdbx_seq_one_letter_code   
;MNQIWLKVCAASDMQPGTIRRVNRVGAAPLAVYRVGDQFYATEDTCTHGIASLSEGTLDGDVIECPFHGGAFNVCTGMPA
SSPCTVPLGVFEVEVKEGEVYVAGEKK
;
_struct_ref.pdbx_align_begin           1 
_struct_ref.pdbx_db_isoform            ? 
# 
_struct_ref_seq.align_id                      1 
_struct_ref_seq.ref_id                        1 
_struct_ref_seq.pdbx_PDB_id_code              1VCK 
_struct_ref_seq.pdbx_strand_id                A 
_struct_ref_seq.seq_align_beg                 1 
_struct_ref_seq.pdbx_seq_align_beg_ins_code   ? 
_struct_ref_seq.seq_align_end                 107 
_struct_ref_seq.pdbx_seq_align_end_ins_code   ? 
_struct_ref_seq.pdbx_db_accession             Q8GI16 
_struct_ref_seq.db_align_beg                  1 
_struct_ref_seq.pdbx_db_align_beg_ins_code    ? 
_struct_ref_seq.db_align_end                  107 
_struct_ref_seq.pdbx_db_align_end_ins_code    ? 
_struct_ref_seq.pdbx_auth_seq_align_beg       1 
_struct_ref_seq.pdbx_auth_seq_align_end       107 
# 
loop_
_struct_ref_seq_dif.align_id 
_struct_ref_seq_dif.pdbx_pdb_id_code 
_struct_ref_seq_dif.mon_id 
_struct_ref_seq_dif.pdbx_pdb_strand_id 
_struct_ref_seq_dif.seq_num 
_struct_ref_seq_dif.pdbx_pdb_ins_code 
_struct_ref_seq_dif.pdbx_seq_db_name 
_struct_ref_seq_dif.pdbx_seq_db_accession_code 
_struct_ref_seq_dif.db_mon_id 
_struct_ref_seq_dif.pdbx_seq_db_seq_num 
_struct_ref_seq_dif.details 
_struct_ref_seq_dif.pdbx_auth_seq_num 
_struct_ref_seq_dif.pdbx_ordinal 
1 1VCK LEU A 108 ? UNP Q8GI16 ? ? 'expression tag' 108 1 
1 1VCK GLU A 109 ? UNP Q8GI16 ? ? 'expression tag' 109 2 
1 1VCK HIS A 110 ? UNP Q8GI16 ? ? 'expression tag' 110 3 
1 1VCK HIS A 111 ? UNP Q8GI16 ? ? 'expression tag' 111 4 
1 1VCK HIS A 112 ? UNP Q8GI16 ? ? 'expression tag' 112 5 
1 1VCK HIS A 113 ? UNP Q8GI16 ? ? 'expression tag' 113 6 
1 1VCK HIS A 114 ? UNP Q8GI16 ? ? 'expression tag' 114 7 
1 1VCK HIS A 115 ? UNP Q8GI16 ? ? 'expression tag' 115 8 
# 
_pdbx_struct_assembly.id                   1 
_pdbx_struct_assembly.details              author_and_software_defined_assembly 
_pdbx_struct_assembly.method_details       PISA 
_pdbx_struct_assembly.oligomeric_details   monomeric 
_pdbx_struct_assembly.oligomeric_count     1 
# 
_pdbx_struct_assembly_gen.assembly_id       1 
_pdbx_struct_assembly_gen.oper_expression   1 
_pdbx_struct_assembly_gen.asym_id_list      A,B,C,D,E 
# 
_pdbx_struct_oper_list.id                   1 
_pdbx_struct_oper_list.type                 'identity operation' 
_pdbx_struct_oper_list.name                 1_555 
_pdbx_struct_oper_list.symmetry_operation   x,y,z 
_pdbx_struct_oper_list.matrix[1][1]         1.0000000000 
_pdbx_struct_oper_list.matrix[1][2]         0.0000000000 
_pdbx_struct_oper_list.matrix[1][3]         0.0000000000 
_pdbx_struct_oper_list.vector[1]            0.0000000000 
_pdbx_struct_oper_list.matrix[2][1]         0.0000000000 
_pdbx_struct_oper_list.matrix[2][2]         1.0000000000 
_pdbx_struct_oper_list.matrix[2][3]         0.0000000000 
_pdbx_struct_oper_list.vector[2]            0.0000000000 
_pdbx_struct_oper_list.matrix[3][1]         0.0000000000 
_pdbx_struct_oper_list.matrix[3][2]         0.0000000000 
_pdbx_struct_oper_list.matrix[3][3]         1.0000000000 
_pdbx_struct_oper_list.vector[3]            0.0000000000 
# 
_struct_biol.id        1 
_struct_biol.details   ? 
# 
loop_
_struct_conf.conf_type_id 
_struct_conf.id 
_struct_conf.pdbx_PDB_helix_id 
_struct_conf.beg_label_comp_id 
_struct_conf.beg_label_asym_id 
_struct_conf.beg_label_seq_id 
_struct_conf.pdbx_beg_PDB_ins_code 
_struct_conf.end_label_comp_id 
_struct_conf.end_label_asym_id 
_struct_conf.end_label_seq_id 
_struct_conf.pdbx_end_PDB_ins_code 
_struct_conf.beg_auth_comp_id 
_struct_conf.beg_auth_asym_id 
_struct_conf.beg_auth_seq_id 
_struct_conf.end_auth_comp_id 
_struct_conf.end_auth_asym_id 
_struct_conf.end_auth_seq_id 
_struct_conf.pdbx_PDB_helix_class 
_struct_conf.details 
_struct_conf.pdbx_PDB_helix_length 
HELX_P HELX_P1 1 SER A 12 ? MET A 14 ? SER A 12 MET A 14 5 ? 3 
HELX_P HELX_P2 2 SER A 52 ? GLY A 56 ? SER A 52 GLY A 56 5 ? 5 
# 
_struct_conf_type.id          HELX_P 
_struct_conf_type.criteria    ? 
_struct_conf_type.reference   ? 
# 
loop_
_struct_conn.id 
_struct_conn.conn_type_id 
_struct_conn.pdbx_leaving_atom_flag 
_struct_conn.pdbx_PDB_id 
_struct_conn.ptnr1_label_asym_id 
_struct_conn.ptnr1_label_comp_id 
_struct_conn.ptnr1_label_seq_id 
_struct_conn.ptnr1_label_atom_id 
_struct_conn.pdbx_ptnr1_label_alt_id 
_struct_conn.pdbx_ptnr1_PDB_ins_code 
_struct_conn.pdbx_ptnr1_standard_comp_id 
_struct_conn.ptnr1_symmetry 
_struct_conn.ptnr2_label_asym_id 
_struct_conn.ptnr2_label_comp_id 
_struct_conn.ptnr2_label_seq_id 
_struct_conn.ptnr2_label_atom_id 
_struct_conn.pdbx_ptnr2_label_alt_id 
_struct_conn.pdbx_ptnr2_PDB_ins_code 
_struct_conn.ptnr1_auth_asym_id 
_struct_conn.ptnr1_auth_comp_id 
_struct_conn.ptnr1_auth_seq_id 
_struct_conn.ptnr2_auth_asym_id 
_struct_conn.ptnr2_auth_comp_id 
_struct_conn.ptnr2_auth_seq_id 
_struct_conn.ptnr2_symmetry 
_struct_conn.pdbx_ptnr3_label_atom_id 
_struct_conn.pdbx_ptnr3_label_seq_id 
_struct_conn.pdbx_ptnr3_label_comp_id 
_struct_conn.pdbx_ptnr3_label_asym_id 
_struct_conn.pdbx_ptnr3_label_alt_id 
_struct_conn.pdbx_ptnr3_PDB_ins_code 
_struct_conn.details 
_struct_conn.pdbx_dist_value 
_struct_conn.pdbx_value_order 
_struct_conn.pdbx_role 
metalc1 metalc ? ? A CYS 46 SG  ? ? ? 1_555 C FES . FE1 ? ? A CYS 46  A FES 201 1_555 ? ? ? ? ? ? ? 2.330 ? ? 
metalc2 metalc ? ? A HIS 48 ND1 ? ? ? 1_555 C FES . FE2 ? ? A HIS 48  A FES 201 1_555 ? ? ? ? ? ? ? 2.115 ? ? 
metalc3 metalc ? ? A GLU 55 OE1 ? ? ? 1_555 B FE  . FE  ? ? A GLU 55  A FE  211 1_555 ? ? ? ? ? ? ? 2.018 ? ? 
metalc4 metalc ? ? A GLU 55 OE2 ? ? ? 9_555 B FE  . FE  ? ? A GLU 55  A FE  211 1_555 ? ? ? ? ? ? ? 1.984 ? ? 
metalc5 metalc ? ? A CYS 65 SG  ? ? ? 1_555 C FES . FE1 ? ? A CYS 65  A FES 201 1_555 ? ? ? ? ? ? ? 2.251 ? ? 
metalc6 metalc ? ? A HIS 68 ND1 ? ? ? 1_555 C FES . FE2 ? ? A HIS 68  A FES 201 1_555 ? ? ? ? ? ? ? 2.164 ? ? 
metalc7 metalc ? ? B FE  .  FE  ? ? ? 1_555 E HOH . O   ? ? A FE  211 A HOH 260 9_555 ? ? ? ? ? ? ? 2.185 ? ? 
# 
_struct_conn_type.id          metalc 
_struct_conn_type.criteria    ? 
_struct_conn_type.reference   ? 
# 
loop_
_pdbx_struct_conn_angle.id 
_pdbx_struct_conn_angle.ptnr1_label_atom_id 
_pdbx_struct_conn_angle.ptnr1_label_alt_id 
_pdbx_struct_conn_angle.ptnr1_label_asym_id 
_pdbx_struct_conn_angle.ptnr1_label_comp_id 
_pdbx_struct_conn_angle.ptnr1_label_seq_id 
_pdbx_struct_conn_angle.ptnr1_auth_atom_id 
_pdbx_struct_conn_angle.ptnr1_auth_asym_id 
_pdbx_struct_conn_angle.ptnr1_auth_comp_id 
_pdbx_struct_conn_angle.ptnr1_auth_seq_id 
_pdbx_struct_conn_angle.ptnr1_PDB_ins_code 
_pdbx_struct_conn_angle.ptnr1_symmetry 
_pdbx_struct_conn_angle.ptnr2_label_atom_id 
_pdbx_struct_conn_angle.ptnr2_label_alt_id 
_pdbx_struct_conn_angle.ptnr2_label_asym_id 
_pdbx_struct_conn_angle.ptnr2_label_comp_id 
_pdbx_struct_conn_angle.ptnr2_label_seq_id 
_pdbx_struct_conn_angle.ptnr2_auth_atom_id 
_pdbx_struct_conn_angle.ptnr2_auth_asym_id 
_pdbx_struct_conn_angle.ptnr2_auth_comp_id 
_pdbx_struct_conn_angle.ptnr2_auth_seq_id 
_pdbx_struct_conn_angle.ptnr2_PDB_ins_code 
_pdbx_struct_conn_angle.ptnr2_symmetry 
_pdbx_struct_conn_angle.ptnr3_label_atom_id 
_pdbx_struct_conn_angle.ptnr3_label_alt_id 
_pdbx_struct_conn_angle.ptnr3_label_asym_id 
_pdbx_struct_conn_angle.ptnr3_label_comp_id 
_pdbx_struct_conn_angle.ptnr3_label_seq_id 
_pdbx_struct_conn_angle.ptnr3_auth_atom_id 
_pdbx_struct_conn_angle.ptnr3_auth_asym_id 
_pdbx_struct_conn_angle.ptnr3_auth_comp_id 
_pdbx_struct_conn_angle.ptnr3_auth_seq_id 
_pdbx_struct_conn_angle.ptnr3_PDB_ins_code 
_pdbx_struct_conn_angle.ptnr3_symmetry 
_pdbx_struct_conn_angle.value 
_pdbx_struct_conn_angle.value_esd 
1  SG  ? A CYS 46 ? A CYS 46  ? 1_555 FE1 ? C FES . ? A FES 201 ? 1_555 S1  ? C FES .  ? A FES 201 ? 1_555 105.1 ? 
2  SG  ? A CYS 46 ? A CYS 46  ? 1_555 FE1 ? C FES . ? A FES 201 ? 1_555 S2  ? C FES .  ? A FES 201 ? 1_555 111.9 ? 
3  S1  ? C FES .  ? A FES 201 ? 1_555 FE1 ? C FES . ? A FES 201 ? 1_555 S2  ? C FES .  ? A FES 201 ? 1_555 105.8 ? 
4  SG  ? A CYS 46 ? A CYS 46  ? 1_555 FE1 ? C FES . ? A FES 201 ? 1_555 SG  ? A CYS 65 ? A CYS 65  ? 1_555 110.1 ? 
5  S1  ? C FES .  ? A FES 201 ? 1_555 FE1 ? C FES . ? A FES 201 ? 1_555 SG  ? A CYS 65 ? A CYS 65  ? 1_555 114.1 ? 
6  S2  ? C FES .  ? A FES 201 ? 1_555 FE1 ? C FES . ? A FES 201 ? 1_555 SG  ? A CYS 65 ? A CYS 65  ? 1_555 109.7 ? 
7  ND1 ? A HIS 48 ? A HIS 48  ? 1_555 FE2 ? C FES . ? A FES 201 ? 1_555 S1  ? C FES .  ? A FES 201 ? 1_555 108.1 ? 
8  ND1 ? A HIS 48 ? A HIS 48  ? 1_555 FE2 ? C FES . ? A FES 201 ? 1_555 S2  ? C FES .  ? A FES 201 ? 1_555 118.5 ? 
9  S1  ? C FES .  ? A FES 201 ? 1_555 FE2 ? C FES . ? A FES 201 ? 1_555 S2  ? C FES .  ? A FES 201 ? 1_555 106.5 ? 
10 ND1 ? A HIS 48 ? A HIS 48  ? 1_555 FE2 ? C FES . ? A FES 201 ? 1_555 ND1 ? A HIS 68 ? A HIS 68  ? 1_555 94.3  ? 
11 S1  ? C FES .  ? A FES 201 ? 1_555 FE2 ? C FES . ? A FES 201 ? 1_555 ND1 ? A HIS 68 ? A HIS 68  ? 1_555 119.8 ? 
12 S2  ? C FES .  ? A FES 201 ? 1_555 FE2 ? C FES . ? A FES 201 ? 1_555 ND1 ? A HIS 68 ? A HIS 68  ? 1_555 109.9 ? 
13 OE1 ? A GLU 55 ? A GLU 55  ? 1_555 FE  ? B FE  . ? A FE  211 ? 1_555 OE2 ? A GLU 55 ? A GLU 55  ? 9_555 87.5  ? 
14 OE1 ? A GLU 55 ? A GLU 55  ? 1_555 FE  ? B FE  . ? A FE  211 ? 1_555 O   ? E HOH .  ? A HOH 260 ? 9_555 81.9  ? 
15 OE2 ? A GLU 55 ? A GLU 55  ? 9_555 FE  ? B FE  . ? A FE  211 ? 1_555 O   ? E HOH .  ? A HOH 260 ? 9_555 78.9  ? 
# 
_struct_mon_prot_cis.pdbx_id                1 
_struct_mon_prot_cis.label_comp_id          SER 
_struct_mon_prot_cis.label_seq_id           82 
_struct_mon_prot_cis.label_asym_id          A 
_struct_mon_prot_cis.label_alt_id           . 
_struct_mon_prot_cis.pdbx_PDB_ins_code      ? 
_struct_mon_prot_cis.auth_comp_id           SER 
_struct_mon_prot_cis.auth_seq_id            82 
_struct_mon_prot_cis.auth_asym_id           A 
_struct_mon_prot_cis.pdbx_label_comp_id_2   PRO 
_struct_mon_prot_cis.pdbx_label_seq_id_2    83 
_struct_mon_prot_cis.pdbx_label_asym_id_2   A 
_struct_mon_prot_cis.pdbx_PDB_ins_code_2    ? 
_struct_mon_prot_cis.pdbx_auth_comp_id_2    PRO 
_struct_mon_prot_cis.pdbx_auth_seq_id_2     83 
_struct_mon_prot_cis.pdbx_auth_asym_id_2    A 
_struct_mon_prot_cis.pdbx_PDB_model_num     1 
_struct_mon_prot_cis.pdbx_omega_angle       0.20 
# 
loop_
_struct_sheet.id 
_struct_sheet.type 
_struct_sheet.number_strands 
_struct_sheet.details 
A ? 3 ? 
B ? 3 ? 
C ? 4 ? 
# 
loop_
_struct_sheet_order.sheet_id 
_struct_sheet_order.range_id_1 
_struct_sheet_order.range_id_2 
_struct_sheet_order.offset 
_struct_sheet_order.sense 
A 1 2 ? anti-parallel 
A 2 3 ? anti-parallel 
B 1 2 ? anti-parallel 
B 2 3 ? anti-parallel 
C 1 2 ? anti-parallel 
C 2 3 ? anti-parallel 
C 3 4 ? anti-parallel 
# 
loop_
_struct_sheet_range.sheet_id 
_struct_sheet_range.id 
_struct_sheet_range.beg_label_comp_id 
_struct_sheet_range.beg_label_asym_id 
_struct_sheet_range.beg_label_seq_id 
_struct_sheet_range.pdbx_beg_PDB_ins_code 
_struct_sheet_range.end_label_comp_id 
_struct_sheet_range.end_label_asym_id 
_struct_sheet_range.end_label_seq_id 
_struct_sheet_range.pdbx_end_PDB_ins_code 
_struct_sheet_range.beg_auth_comp_id 
_struct_sheet_range.beg_auth_asym_id 
_struct_sheet_range.beg_auth_seq_id 
_struct_sheet_range.end_auth_comp_id 
_struct_sheet_range.end_auth_asym_id 
_struct_sheet_range.end_auth_seq_id 
A 1 TRP A 5  ? ALA A 10  ? TRP A 5  ALA A 10  
A 2 GLU A 99 ? ALA A 103 ? GLU A 99 ALA A 103 
A 3 VAL A 93 ? LYS A 96  ? VAL A 93 LYS A 96  
B 1 ILE A 19 ? ARG A 24  ? ILE A 19 ARG A 24  
B 2 ALA A 27 ? VAL A 35  ? ALA A 27 VAL A 35  
B 3 GLN A 38 ? GLU A 43  ? GLN A 38 GLU A 43  
C 1 THR A 57 ? ASP A 59  ? THR A 57 ASP A 59  
C 2 VAL A 62 ? GLU A 64  ? VAL A 62 GLU A 64  
C 3 ALA A 71 ? ASN A 73  ? ALA A 71 ASN A 73  
C 4 PRO A 79 ? SER A 81  ? PRO A 79 SER A 81  
# 
loop_
_pdbx_struct_sheet_hbond.sheet_id 
_pdbx_struct_sheet_hbond.range_id_1 
_pdbx_struct_sheet_hbond.range_id_2 
_pdbx_struct_sheet_hbond.range_1_label_atom_id 
_pdbx_struct_sheet_hbond.range_1_label_comp_id 
_pdbx_struct_sheet_hbond.range_1_label_asym_id 
_pdbx_struct_sheet_hbond.range_1_label_seq_id 
_pdbx_struct_sheet_hbond.range_1_PDB_ins_code 
_pdbx_struct_sheet_hbond.range_1_auth_atom_id 
_pdbx_struct_sheet_hbond.range_1_auth_comp_id 
_pdbx_struct_sheet_hbond.range_1_auth_asym_id 
_pdbx_struct_sheet_hbond.range_1_auth_seq_id 
_pdbx_struct_sheet_hbond.range_2_label_atom_id 
_pdbx_struct_sheet_hbond.range_2_label_comp_id 
_pdbx_struct_sheet_hbond.range_2_label_asym_id 
_pdbx_struct_sheet_hbond.range_2_label_seq_id 
_pdbx_struct_sheet_hbond.range_2_PDB_ins_code 
_pdbx_struct_sheet_hbond.range_2_auth_atom_id 
_pdbx_struct_sheet_hbond.range_2_auth_comp_id 
_pdbx_struct_sheet_hbond.range_2_auth_asym_id 
_pdbx_struct_sheet_hbond.range_2_auth_seq_id 
A 1 2 N CYS A 9   ? N CYS A 9   O VAL A 100 ? O VAL A 100 
A 2 3 O TYR A 101 ? O TYR A 101 N GLU A 94  ? N GLU A 94  
B 1 2 N VAL A 22  ? N VAL A 22  O LEU A 30  ? O LEU A 30  
B 2 3 N TYR A 33  ? N TYR A 33  O TYR A 40  ? O TYR A 40  
C 1 2 N THR A 57  ? N THR A 57  O GLU A 64  ? O GLU A 64  
C 2 3 N ILE A 63  ? N ILE A 63  O PHE A 72  ? O PHE A 72  
C 3 4 N ALA A 71  ? N ALA A 71  O ALA A 80  ? O ALA A 80  
# 
loop_
_struct_site.id 
_struct_site.pdbx_evidence_code 
_struct_site.pdbx_auth_asym_id 
_struct_site.pdbx_auth_comp_id 
_struct_site.pdbx_auth_seq_id 
_struct_site.pdbx_auth_ins_code 
_struct_site.pdbx_num_residues 
_struct_site.details 
AC1 Software A FE  211 ? 5 'BINDING SITE FOR RESIDUE FE A 211'  
AC2 Software A FES 201 ? 8 'BINDING SITE FOR RESIDUE FES A 201' 
AC3 Software A H2S 212 ? 6 'BINDING SITE FOR RESIDUE H2S A 212' 
# 
loop_
_struct_site_gen.id 
_struct_site_gen.site_id 
_struct_site_gen.pdbx_num_res 
_struct_site_gen.label_comp_id 
_struct_site_gen.label_asym_id 
_struct_site_gen.label_seq_id 
_struct_site_gen.pdbx_auth_ins_code 
_struct_site_gen.auth_comp_id 
_struct_site_gen.auth_asym_id 
_struct_site_gen.auth_seq_id 
_struct_site_gen.label_atom_id 
_struct_site_gen.label_alt_id 
_struct_site_gen.symmetry 
_struct_site_gen.details 
1  AC1 5 GLU A 55 ? GLU A 55  . ? 9_555 ? 
2  AC1 5 GLU A 55 ? GLU A 55  . ? 1_555 ? 
3  AC1 5 H2S D .  ? H2S A 212 . ? 9_555 ? 
4  AC1 5 H2S D .  ? H2S A 212 . ? 1_555 ? 
5  AC1 5 HOH E .  ? HOH A 260 . ? 9_555 ? 
6  AC2 8 CYS A 46 ? CYS A 46  . ? 1_555 ? 
7  AC2 8 HIS A 48 ? HIS A 48  . ? 1_555 ? 
8  AC2 8 GLY A 49 ? GLY A 49  . ? 1_555 ? 
9  AC2 8 CYS A 65 ? CYS A 65  . ? 1_555 ? 
10 AC2 8 PHE A 67 ? PHE A 67  . ? 1_555 ? 
11 AC2 8 HIS A 68 ? HIS A 68  . ? 1_555 ? 
12 AC2 8 GLY A 70 ? GLY A 70  . ? 1_555 ? 
13 AC2 8 CYS A 84 ? CYS A 84  . ? 1_555 ? 
14 AC3 6 GLU A 55 ? GLU A 55  . ? 1_555 ? 
15 AC3 6 FE  B .  ? FE  A 211 . ? 1_555 ? 
16 AC3 6 FE  B .  ? FE  A 211 . ? 5_555 ? 
17 AC3 6 HOH E .  ? HOH A 329 . ? 5_555 ? 
18 AC3 6 HOH E .  ? HOH A 329 . ? 1_555 ? 
19 AC3 6 HOH E .  ? HOH A 348 . ? 1_555 ? 
# 
loop_
_pdbx_validate_symm_contact.id 
_pdbx_validate_symm_contact.PDB_model_num 
_pdbx_validate_symm_contact.auth_atom_id_1 
_pdbx_validate_symm_contact.auth_asym_id_1 
_pdbx_validate_symm_contact.auth_comp_id_1 
_pdbx_validate_symm_contact.auth_seq_id_1 
_pdbx_validate_symm_contact.PDB_ins_code_1 
_pdbx_validate_symm_contact.label_alt_id_1 
_pdbx_validate_symm_contact.site_symmetry_1 
_pdbx_validate_symm_contact.auth_atom_id_2 
_pdbx_validate_symm_contact.auth_asym_id_2 
_pdbx_validate_symm_contact.auth_comp_id_2 
_pdbx_validate_symm_contact.auth_seq_id_2 
_pdbx_validate_symm_contact.PDB_ins_code_2 
_pdbx_validate_symm_contact.label_alt_id_2 
_pdbx_validate_symm_contact.site_symmetry_2 
_pdbx_validate_symm_contact.dist 
1 1 O A HOH 263 ? ? 1_555 O A HOH 263 ? ? 19_555 2.08 
2 1 O A HOH 264 ? ? 1_555 O A HOH 264 ? ? 19_555 2.10 
# 
loop_
_pdbx_validate_torsion.id 
_pdbx_validate_torsion.PDB_model_num 
_pdbx_validate_torsion.auth_comp_id 
_pdbx_validate_torsion.auth_asym_id 
_pdbx_validate_torsion.auth_seq_id 
_pdbx_validate_torsion.PDB_ins_code 
_pdbx_validate_torsion.label_alt_id 
_pdbx_validate_torsion.phi 
_pdbx_validate_torsion.psi 
1 1 VAL A 8  ? ? -93.35  -64.27  
2 1 CYS A 9  ? ? -179.55 -178.18 
3 1 HIS A 68 ? ? 54.27   -4.76   
# 
loop_
_pdbx_struct_special_symmetry.id 
_pdbx_struct_special_symmetry.PDB_model_num 
_pdbx_struct_special_symmetry.auth_asym_id 
_pdbx_struct_special_symmetry.auth_comp_id 
_pdbx_struct_special_symmetry.auth_seq_id 
_pdbx_struct_special_symmetry.PDB_ins_code 
_pdbx_struct_special_symmetry.label_asym_id 
_pdbx_struct_special_symmetry.label_comp_id 
_pdbx_struct_special_symmetry.label_seq_id 
1 1 A HOH 328 ? E HOH . 
2 1 A HOH 329 ? E HOH . 
3 1 A HOH 330 ? E HOH . 
# 
loop_
_pdbx_unobs_or_zero_occ_residues.id 
_pdbx_unobs_or_zero_occ_residues.PDB_model_num 
_pdbx_unobs_or_zero_occ_residues.polymer_flag 
_pdbx_unobs_or_zero_occ_residues.occupancy_flag 
_pdbx_unobs_or_zero_occ_residues.auth_asym_id 
_pdbx_unobs_or_zero_occ_residues.auth_comp_id 
_pdbx_unobs_or_zero_occ_residues.auth_seq_id 
_pdbx_unobs_or_zero_occ_residues.PDB_ins_code 
_pdbx_unobs_or_zero_occ_residues.label_asym_id 
_pdbx_unobs_or_zero_occ_residues.label_comp_id 
_pdbx_unobs_or_zero_occ_residues.label_seq_id 
1  1 Y 1 A MET 1   ? A MET 1   
2  1 Y 1 A ASN 2   ? A ASN 2   
3  1 Y 1 A GLN 3   ? A GLN 3   
4  1 Y 1 A LEU 108 ? A LEU 108 
5  1 Y 1 A GLU 109 ? A GLU 109 
6  1 Y 1 A HIS 110 ? A HIS 110 
7  1 Y 1 A HIS 111 ? A HIS 111 
8  1 Y 1 A HIS 112 ? A HIS 112 
9  1 Y 1 A HIS 113 ? A HIS 113 
10 1 Y 1 A HIS 114 ? A HIS 114 
11 1 Y 1 A HIS 115 ? A HIS 115 
# 
loop_
_chem_comp_atom.comp_id 
_chem_comp_atom.atom_id 
_chem_comp_atom.type_symbol 
_chem_comp_atom.pdbx_aromatic_flag 
_chem_comp_atom.pdbx_stereo_config 
_chem_comp_atom.pdbx_ordinal 
ALA N    N  N N 1   
ALA CA   C  N S 2   
ALA C    C  N N 3   
ALA O    O  N N 4   
ALA CB   C  N N 5   
ALA OXT  O  N N 6   
ALA H    H  N N 7   
ALA H2   H  N N 8   
ALA HA   H  N N 9   
ALA HB1  H  N N 10  
ALA HB2  H  N N 11  
ALA HB3  H  N N 12  
ALA HXT  H  N N 13  
ARG N    N  N N 14  
ARG CA   C  N S 15  
ARG C    C  N N 16  
ARG O    O  N N 17  
ARG CB   C  N N 18  
ARG CG   C  N N 19  
ARG CD   C  N N 20  
ARG NE   N  N N 21  
ARG CZ   C  N N 22  
ARG NH1  N  N N 23  
ARG NH2  N  N N 24  
ARG OXT  O  N N 25  
ARG H    H  N N 26  
ARG H2   H  N N 27  
ARG HA   H  N N 28  
ARG HB2  H  N N 29  
ARG HB3  H  N N 30  
ARG HG2  H  N N 31  
ARG HG3  H  N N 32  
ARG HD2  H  N N 33  
ARG HD3  H  N N 34  
ARG HE   H  N N 35  
ARG HH11 H  N N 36  
ARG HH12 H  N N 37  
ARG HH21 H  N N 38  
ARG HH22 H  N N 39  
ARG HXT  H  N N 40  
ASN N    N  N N 41  
ASN CA   C  N S 42  
ASN C    C  N N 43  
ASN O    O  N N 44  
ASN CB   C  N N 45  
ASN CG   C  N N 46  
ASN OD1  O  N N 47  
ASN ND2  N  N N 48  
ASN OXT  O  N N 49  
ASN H    H  N N 50  
ASN H2   H  N N 51  
ASN HA   H  N N 52  
ASN HB2  H  N N 53  
ASN HB3  H  N N 54  
ASN HD21 H  N N 55  
ASN HD22 H  N N 56  
ASN HXT  H  N N 57  
ASP N    N  N N 58  
ASP CA   C  N S 59  
ASP C    C  N N 60  
ASP O    O  N N 61  
ASP CB   C  N N 62  
ASP CG   C  N N 63  
ASP OD1  O  N N 64  
ASP OD2  O  N N 65  
ASP OXT  O  N N 66  
ASP H    H  N N 67  
ASP H2   H  N N 68  
ASP HA   H  N N 69  
ASP HB2  H  N N 70  
ASP HB3  H  N N 71  
ASP HD2  H  N N 72  
ASP HXT  H  N N 73  
CYS N    N  N N 74  
CYS CA   C  N R 75  
CYS C    C  N N 76  
CYS O    O  N N 77  
CYS CB   C  N N 78  
CYS SG   S  N N 79  
CYS OXT  O  N N 80  
CYS H    H  N N 81  
CYS H2   H  N N 82  
CYS HA   H  N N 83  
CYS HB2  H  N N 84  
CYS HB3  H  N N 85  
CYS HG   H  N N 86  
CYS HXT  H  N N 87  
FE  FE   FE N N 88  
FES FE1  FE N N 89  
FES FE2  FE N N 90  
FES S1   S  N N 91  
FES S2   S  N N 92  
GLN N    N  N N 93  
GLN CA   C  N S 94  
GLN C    C  N N 95  
GLN O    O  N N 96  
GLN CB   C  N N 97  
GLN CG   C  N N 98  
GLN CD   C  N N 99  
GLN OE1  O  N N 100 
GLN NE2  N  N N 101 
GLN OXT  O  N N 102 
GLN H    H  N N 103 
GLN H2   H  N N 104 
GLN HA   H  N N 105 
GLN HB2  H  N N 106 
GLN HB3  H  N N 107 
GLN HG2  H  N N 108 
GLN HG3  H  N N 109 
GLN HE21 H  N N 110 
GLN HE22 H  N N 111 
GLN HXT  H  N N 112 
GLU N    N  N N 113 
GLU CA   C  N S 114 
GLU C    C  N N 115 
GLU O    O  N N 116 
GLU CB   C  N N 117 
GLU CG   C  N N 118 
GLU CD   C  N N 119 
GLU OE1  O  N N 120 
GLU OE2  O  N N 121 
GLU OXT  O  N N 122 
GLU H    H  N N 123 
GLU H2   H  N N 124 
GLU HA   H  N N 125 
GLU HB2  H  N N 126 
GLU HB3  H  N N 127 
GLU HG2  H  N N 128 
GLU HG3  H  N N 129 
GLU HE2  H  N N 130 
GLU HXT  H  N N 131 
GLY N    N  N N 132 
GLY CA   C  N N 133 
GLY C    C  N N 134 
GLY O    O  N N 135 
GLY OXT  O  N N 136 
GLY H    H  N N 137 
GLY H2   H  N N 138 
GLY HA2  H  N N 139 
GLY HA3  H  N N 140 
GLY HXT  H  N N 141 
H2S S    S  N N 142 
H2S HS1  H  N N 143 
H2S HS2  H  N N 144 
HIS N    N  N N 145 
HIS CA   C  N S 146 
HIS C    C  N N 147 
HIS O    O  N N 148 
HIS CB   C  N N 149 
HIS CG   C  Y N 150 
HIS ND1  N  Y N 151 
HIS CD2  C  Y N 152 
HIS CE1  C  Y N 153 
HIS NE2  N  Y N 154 
HIS OXT  O  N N 155 
HIS H    H  N N 156 
HIS H2   H  N N 157 
HIS HA   H  N N 158 
HIS HB2  H  N N 159 
HIS HB3  H  N N 160 
HIS HD1  H  N N 161 
HIS HD2  H  N N 162 
HIS HE1  H  N N 163 
HIS HE2  H  N N 164 
HIS HXT  H  N N 165 
HOH O    O  N N 166 
HOH H1   H  N N 167 
HOH H2   H  N N 168 
ILE N    N  N N 169 
ILE CA   C  N S 170 
ILE C    C  N N 171 
ILE O    O  N N 172 
ILE CB   C  N S 173 
ILE CG1  C  N N 174 
ILE CG2  C  N N 175 
ILE CD1  C  N N 176 
ILE OXT  O  N N 177 
ILE H    H  N N 178 
ILE H2   H  N N 179 
ILE HA   H  N N 180 
ILE HB   H  N N 181 
ILE HG12 H  N N 182 
ILE HG13 H  N N 183 
ILE HG21 H  N N 184 
ILE HG22 H  N N 185 
ILE HG23 H  N N 186 
ILE HD11 H  N N 187 
ILE HD12 H  N N 188 
ILE HD13 H  N N 189 
ILE HXT  H  N N 190 
LEU N    N  N N 191 
LEU CA   C  N S 192 
LEU C    C  N N 193 
LEU O    O  N N 194 
LEU CB   C  N N 195 
LEU CG   C  N N 196 
LEU CD1  C  N N 197 
LEU CD2  C  N N 198 
LEU OXT  O  N N 199 
LEU H    H  N N 200 
LEU H2   H  N N 201 
LEU HA   H  N N 202 
LEU HB2  H  N N 203 
LEU HB3  H  N N 204 
LEU HG   H  N N 205 
LEU HD11 H  N N 206 
LEU HD12 H  N N 207 
LEU HD13 H  N N 208 
LEU HD21 H  N N 209 
LEU HD22 H  N N 210 
LEU HD23 H  N N 211 
LEU HXT  H  N N 212 
LYS N    N  N N 213 
LYS CA   C  N S 214 
LYS C    C  N N 215 
LYS O    O  N N 216 
LYS CB   C  N N 217 
LYS CG   C  N N 218 
LYS CD   C  N N 219 
LYS CE   C  N N 220 
LYS NZ   N  N N 221 
LYS OXT  O  N N 222 
LYS H    H  N N 223 
LYS H2   H  N N 224 
LYS HA   H  N N 225 
LYS HB2  H  N N 226 
LYS HB3  H  N N 227 
LYS HG2  H  N N 228 
LYS HG3  H  N N 229 
LYS HD2  H  N N 230 
LYS HD3  H  N N 231 
LYS HE2  H  N N 232 
LYS HE3  H  N N 233 
LYS HZ1  H  N N 234 
LYS HZ2  H  N N 235 
LYS HZ3  H  N N 236 
LYS HXT  H  N N 237 
MET N    N  N N 238 
MET CA   C  N S 239 
MET C    C  N N 240 
MET O    O  N N 241 
MET CB   C  N N 242 
MET CG   C  N N 243 
MET SD   S  N N 244 
MET CE   C  N N 245 
MET OXT  O  N N 246 
MET H    H  N N 247 
MET H2   H  N N 248 
MET HA   H  N N 249 
MET HB2  H  N N 250 
MET HB3  H  N N 251 
MET HG2  H  N N 252 
MET HG3  H  N N 253 
MET HE1  H  N N 254 
MET HE2  H  N N 255 
MET HE3  H  N N 256 
MET HXT  H  N N 257 
PHE N    N  N N 258 
PHE CA   C  N S 259 
PHE C    C  N N 260 
PHE O    O  N N 261 
PHE CB   C  N N 262 
PHE CG   C  Y N 263 
PHE CD1  C  Y N 264 
PHE CD2  C  Y N 265 
PHE CE1  C  Y N 266 
PHE CE2  C  Y N 267 
PHE CZ   C  Y N 268 
PHE OXT  O  N N 269 
PHE H    H  N N 270 
PHE H2   H  N N 271 
PHE HA   H  N N 272 
PHE HB2  H  N N 273 
PHE HB3  H  N N 274 
PHE HD1  H  N N 275 
PHE HD2  H  N N 276 
PHE HE1  H  N N 277 
PHE HE2  H  N N 278 
PHE HZ   H  N N 279 
PHE HXT  H  N N 280 
PRO N    N  N N 281 
PRO CA   C  N S 282 
PRO C    C  N N 283 
PRO O    O  N N 284 
PRO CB   C  N N 285 
PRO CG   C  N N 286 
PRO CD   C  N N 287 
PRO OXT  O  N N 288 
PRO H    H  N N 289 
PRO HA   H  N N 290 
PRO HB2  H  N N 291 
PRO HB3  H  N N 292 
PRO HG2  H  N N 293 
PRO HG3  H  N N 294 
PRO HD2  H  N N 295 
PRO HD3  H  N N 296 
PRO HXT  H  N N 297 
SER N    N  N N 298 
SER CA   C  N S 299 
SER C    C  N N 300 
SER O    O  N N 301 
SER CB   C  N N 302 
SER OG   O  N N 303 
SER OXT  O  N N 304 
SER H    H  N N 305 
SER H2   H  N N 306 
SER HA   H  N N 307 
SER HB2  H  N N 308 
SER HB3  H  N N 309 
SER HG   H  N N 310 
SER HXT  H  N N 311 
THR N    N  N N 312 
THR CA   C  N S 313 
THR C    C  N N 314 
THR O    O  N N 315 
THR CB   C  N R 316 
THR OG1  O  N N 317 
THR CG2  C  N N 318 
THR OXT  O  N N 319 
THR H    H  N N 320 
THR H2   H  N N 321 
THR HA   H  N N 322 
THR HB   H  N N 323 
THR HG1  H  N N 324 
THR HG21 H  N N 325 
THR HG22 H  N N 326 
THR HG23 H  N N 327 
THR HXT  H  N N 328 
TRP N    N  N N 329 
TRP CA   C  N S 330 
TRP C    C  N N 331 
TRP O    O  N N 332 
TRP CB   C  N N 333 
TRP CG   C  Y N 334 
TRP CD1  C  Y N 335 
TRP CD2  C  Y N 336 
TRP NE1  N  Y N 337 
TRP CE2  C  Y N 338 
TRP CE3  C  Y N 339 
TRP CZ2  C  Y N 340 
TRP CZ3  C  Y N 341 
TRP CH2  C  Y N 342 
TRP OXT  O  N N 343 
TRP H    H  N N 344 
TRP H2   H  N N 345 
TRP HA   H  N N 346 
TRP HB2  H  N N 347 
TRP HB3  H  N N 348 
TRP HD1  H  N N 349 
TRP HE1  H  N N 350 
TRP HE3  H  N N 351 
TRP HZ2  H  N N 352 
TRP HZ3  H  N N 353 
TRP HH2  H  N N 354 
TRP HXT  H  N N 355 
TYR N    N  N N 356 
TYR CA   C  N S 357 
TYR C    C  N N 358 
TYR O    O  N N 359 
TYR CB   C  N N 360 
TYR CG   C  Y N 361 
TYR CD1  C  Y N 362 
TYR CD2  C  Y N 363 
TYR CE1  C  Y N 364 
TYR CE2  C  Y N 365 
TYR CZ   C  Y N 366 
TYR OH   O  N N 367 
TYR OXT  O  N N 368 
TYR H    H  N N 369 
TYR H2   H  N N 370 
TYR HA   H  N N 371 
TYR HB2  H  N N 372 
TYR HB3  H  N N 373 
TYR HD1  H  N N 374 
TYR HD2  H  N N 375 
TYR HE1  H  N N 376 
TYR HE2  H  N N 377 
TYR HH   H  N N 378 
TYR HXT  H  N N 379 
VAL N    N  N N 380 
VAL CA   C  N S 381 
VAL C    C  N N 382 
VAL O    O  N N 383 
VAL CB   C  N N 384 
VAL CG1  C  N N 385 
VAL CG2  C  N N 386 
VAL OXT  O  N N 387 
VAL H    H  N N 388 
VAL H2   H  N N 389 
VAL HA   H  N N 390 
VAL HB   H  N N 391 
VAL HG11 H  N N 392 
VAL HG12 H  N N 393 
VAL HG13 H  N N 394 
VAL HG21 H  N N 395 
VAL HG22 H  N N 396 
VAL HG23 H  N N 397 
VAL HXT  H  N N 398 
# 
loop_
_chem_comp_bond.comp_id 
_chem_comp_bond.atom_id_1 
_chem_comp_bond.atom_id_2 
_chem_comp_bond.value_order 
_chem_comp_bond.pdbx_aromatic_flag 
_chem_comp_bond.pdbx_stereo_config 
_chem_comp_bond.pdbx_ordinal 
ALA N   CA   sing N N 1   
ALA N   H    sing N N 2   
ALA N   H2   sing N N 3   
ALA CA  C    sing N N 4   
ALA CA  CB   sing N N 5   
ALA CA  HA   sing N N 6   
ALA C   O    doub N N 7   
ALA C   OXT  sing N N 8   
ALA CB  HB1  sing N N 9   
ALA CB  HB2  sing N N 10  
ALA CB  HB3  sing N N 11  
ALA OXT HXT  sing N N 12  
ARG N   CA   sing N N 13  
ARG N   H    sing N N 14  
ARG N   H2   sing N N 15  
ARG CA  C    sing N N 16  
ARG CA  CB   sing N N 17  
ARG CA  HA   sing N N 18  
ARG C   O    doub N N 19  
ARG C   OXT  sing N N 20  
ARG CB  CG   sing N N 21  
ARG CB  HB2  sing N N 22  
ARG CB  HB3  sing N N 23  
ARG CG  CD   sing N N 24  
ARG CG  HG2  sing N N 25  
ARG CG  HG3  sing N N 26  
ARG CD  NE   sing N N 27  
ARG CD  HD2  sing N N 28  
ARG CD  HD3  sing N N 29  
ARG NE  CZ   sing N N 30  
ARG NE  HE   sing N N 31  
ARG CZ  NH1  sing N N 32  
ARG CZ  NH2  doub N N 33  
ARG NH1 HH11 sing N N 34  
ARG NH1 HH12 sing N N 35  
ARG NH2 HH21 sing N N 36  
ARG NH2 HH22 sing N N 37  
ARG OXT HXT  sing N N 38  
ASN N   CA   sing N N 39  
ASN N   H    sing N N 40  
ASN N   H2   sing N N 41  
ASN CA  C    sing N N 42  
ASN CA  CB   sing N N 43  
ASN CA  HA   sing N N 44  
ASN C   O    doub N N 45  
ASN C   OXT  sing N N 46  
ASN CB  CG   sing N N 47  
ASN CB  HB2  sing N N 48  
ASN CB  HB3  sing N N 49  
ASN CG  OD1  doub N N 50  
ASN CG  ND2  sing N N 51  
ASN ND2 HD21 sing N N 52  
ASN ND2 HD22 sing N N 53  
ASN OXT HXT  sing N N 54  
ASP N   CA   sing N N 55  
ASP N   H    sing N N 56  
ASP N   H2   sing N N 57  
ASP CA  C    sing N N 58  
ASP CA  CB   sing N N 59  
ASP CA  HA   sing N N 60  
ASP C   O    doub N N 61  
ASP C   OXT  sing N N 62  
ASP CB  CG   sing N N 63  
ASP CB  HB2  sing N N 64  
ASP CB  HB3  sing N N 65  
ASP CG  OD1  doub N N 66  
ASP CG  OD2  sing N N 67  
ASP OD2 HD2  sing N N 68  
ASP OXT HXT  sing N N 69  
CYS N   CA   sing N N 70  
CYS N   H    sing N N 71  
CYS N   H2   sing N N 72  
CYS CA  C    sing N N 73  
CYS CA  CB   sing N N 74  
CYS CA  HA   sing N N 75  
CYS C   O    doub N N 76  
CYS C   OXT  sing N N 77  
CYS CB  SG   sing N N 78  
CYS CB  HB2  sing N N 79  
CYS CB  HB3  sing N N 80  
CYS SG  HG   sing N N 81  
CYS OXT HXT  sing N N 82  
FES FE1 S1   sing N N 83  
FES FE1 S2   sing N N 84  
FES FE2 S1   sing N N 85  
FES FE2 S2   sing N N 86  
GLN N   CA   sing N N 87  
GLN N   H    sing N N 88  
GLN N   H2   sing N N 89  
GLN CA  C    sing N N 90  
GLN CA  CB   sing N N 91  
GLN CA  HA   sing N N 92  
GLN C   O    doub N N 93  
GLN C   OXT  sing N N 94  
GLN CB  CG   sing N N 95  
GLN CB  HB2  sing N N 96  
GLN CB  HB3  sing N N 97  
GLN CG  CD   sing N N 98  
GLN CG  HG2  sing N N 99  
GLN CG  HG3  sing N N 100 
GLN CD  OE1  doub N N 101 
GLN CD  NE2  sing N N 102 
GLN NE2 HE21 sing N N 103 
GLN NE2 HE22 sing N N 104 
GLN OXT HXT  sing N N 105 
GLU N   CA   sing N N 106 
GLU N   H    sing N N 107 
GLU N   H2   sing N N 108 
GLU CA  C    sing N N 109 
GLU CA  CB   sing N N 110 
GLU CA  HA   sing N N 111 
GLU C   O    doub N N 112 
GLU C   OXT  sing N N 113 
GLU CB  CG   sing N N 114 
GLU CB  HB2  sing N N 115 
GLU CB  HB3  sing N N 116 
GLU CG  CD   sing N N 117 
GLU CG  HG2  sing N N 118 
GLU CG  HG3  sing N N 119 
GLU CD  OE1  doub N N 120 
GLU CD  OE2  sing N N 121 
GLU OE2 HE2  sing N N 122 
GLU OXT HXT  sing N N 123 
GLY N   CA   sing N N 124 
GLY N   H    sing N N 125 
GLY N   H2   sing N N 126 
GLY CA  C    sing N N 127 
GLY CA  HA2  sing N N 128 
GLY CA  HA3  sing N N 129 
GLY C   O    doub N N 130 
GLY C   OXT  sing N N 131 
GLY OXT HXT  sing N N 132 
H2S S   HS1  sing N N 133 
H2S S   HS2  sing N N 134 
HIS N   CA   sing N N 135 
HIS N   H    sing N N 136 
HIS N   H2   sing N N 137 
HIS CA  C    sing N N 138 
HIS CA  CB   sing N N 139 
HIS CA  HA   sing N N 140 
HIS C   O    doub N N 141 
HIS C   OXT  sing N N 142 
HIS CB  CG   sing N N 143 
HIS CB  HB2  sing N N 144 
HIS CB  HB3  sing N N 145 
HIS CG  ND1  sing Y N 146 
HIS CG  CD2  doub Y N 147 
HIS ND1 CE1  doub Y N 148 
HIS ND1 HD1  sing N N 149 
HIS CD2 NE2  sing Y N 150 
HIS CD2 HD2  sing N N 151 
HIS CE1 NE2  sing Y N 152 
HIS CE1 HE1  sing N N 153 
HIS NE2 HE2  sing N N 154 
HIS OXT HXT  sing N N 155 
HOH O   H1   sing N N 156 
HOH O   H2   sing N N 157 
ILE N   CA   sing N N 158 
ILE N   H    sing N N 159 
ILE N   H2   sing N N 160 
ILE CA  C    sing N N 161 
ILE CA  CB   sing N N 162 
ILE CA  HA   sing N N 163 
ILE C   O    doub N N 164 
ILE C   OXT  sing N N 165 
ILE CB  CG1  sing N N 166 
ILE CB  CG2  sing N N 167 
ILE CB  HB   sing N N 168 
ILE CG1 CD1  sing N N 169 
ILE CG1 HG12 sing N N 170 
ILE CG1 HG13 sing N N 171 
ILE CG2 HG21 sing N N 172 
ILE CG2 HG22 sing N N 173 
ILE CG2 HG23 sing N N 174 
ILE CD1 HD11 sing N N 175 
ILE CD1 HD12 sing N N 176 
ILE CD1 HD13 sing N N 177 
ILE OXT HXT  sing N N 178 
LEU N   CA   sing N N 179 
LEU N   H    sing N N 180 
LEU N   H2   sing N N 181 
LEU CA  C    sing N N 182 
LEU CA  CB   sing N N 183 
LEU CA  HA   sing N N 184 
LEU C   O    doub N N 185 
LEU C   OXT  sing N N 186 
LEU CB  CG   sing N N 187 
LEU CB  HB2  sing N N 188 
LEU CB  HB3  sing N N 189 
LEU CG  CD1  sing N N 190 
LEU CG  CD2  sing N N 191 
LEU CG  HG   sing N N 192 
LEU CD1 HD11 sing N N 193 
LEU CD1 HD12 sing N N 194 
LEU CD1 HD13 sing N N 195 
LEU CD2 HD21 sing N N 196 
LEU CD2 HD22 sing N N 197 
LEU CD2 HD23 sing N N 198 
LEU OXT HXT  sing N N 199 
LYS N   CA   sing N N 200 
LYS N   H    sing N N 201 
LYS N   H2   sing N N 202 
LYS CA  C    sing N N 203 
LYS CA  CB   sing N N 204 
LYS CA  HA   sing N N 205 
LYS C   O    doub N N 206 
LYS C   OXT  sing N N 207 
LYS CB  CG   sing N N 208 
LYS CB  HB2  sing N N 209 
LYS CB  HB3  sing N N 210 
LYS CG  CD   sing N N 211 
LYS CG  HG2  sing N N 212 
LYS CG  HG3  sing N N 213 
LYS CD  CE   sing N N 214 
LYS CD  HD2  sing N N 215 
LYS CD  HD3  sing N N 216 
LYS CE  NZ   sing N N 217 
LYS CE  HE2  sing N N 218 
LYS CE  HE3  sing N N 219 
LYS NZ  HZ1  sing N N 220 
LYS NZ  HZ2  sing N N 221 
LYS NZ  HZ3  sing N N 222 
LYS OXT HXT  sing N N 223 
MET N   CA   sing N N 224 
MET N   H    sing N N 225 
MET N   H2   sing N N 226 
MET CA  C    sing N N 227 
MET CA  CB   sing N N 228 
MET CA  HA   sing N N 229 
MET C   O    doub N N 230 
MET C   OXT  sing N N 231 
MET CB  CG   sing N N 232 
MET CB  HB2  sing N N 233 
MET CB  HB3  sing N N 234 
MET CG  SD   sing N N 235 
MET CG  HG2  sing N N 236 
MET CG  HG3  sing N N 237 
MET SD  CE   sing N N 238 
MET CE  HE1  sing N N 239 
MET CE  HE2  sing N N 240 
MET CE  HE3  sing N N 241 
MET OXT HXT  sing N N 242 
PHE N   CA   sing N N 243 
PHE N   H    sing N N 244 
PHE N   H2   sing N N 245 
PHE CA  C    sing N N 246 
PHE CA  CB   sing N N 247 
PHE CA  HA   sing N N 248 
PHE C   O    doub N N 249 
PHE C   OXT  sing N N 250 
PHE CB  CG   sing N N 251 
PHE CB  HB2  sing N N 252 
PHE CB  HB3  sing N N 253 
PHE CG  CD1  doub Y N 254 
PHE CG  CD2  sing Y N 255 
PHE CD1 CE1  sing Y N 256 
PHE CD1 HD1  sing N N 257 
PHE CD2 CE2  doub Y N 258 
PHE CD2 HD2  sing N N 259 
PHE CE1 CZ   doub Y N 260 
PHE CE1 HE1  sing N N 261 
PHE CE2 CZ   sing Y N 262 
PHE CE2 HE2  sing N N 263 
PHE CZ  HZ   sing N N 264 
PHE OXT HXT  sing N N 265 
PRO N   CA   sing N N 266 
PRO N   CD   sing N N 267 
PRO N   H    sing N N 268 
PRO CA  C    sing N N 269 
PRO CA  CB   sing N N 270 
PRO CA  HA   sing N N 271 
PRO C   O    doub N N 272 
PRO C   OXT  sing N N 273 
PRO CB  CG   sing N N 274 
PRO CB  HB2  sing N N 275 
PRO CB  HB3  sing N N 276 
PRO CG  CD   sing N N 277 
PRO CG  HG2  sing N N 278 
PRO CG  HG3  sing N N 279 
PRO CD  HD2  sing N N 280 
PRO CD  HD3  sing N N 281 
PRO OXT HXT  sing N N 282 
SER N   CA   sing N N 283 
SER N   H    sing N N 284 
SER N   H2   sing N N 285 
SER CA  C    sing N N 286 
SER CA  CB   sing N N 287 
SER CA  HA   sing N N 288 
SER C   O    doub N N 289 
SER C   OXT  sing N N 290 
SER CB  OG   sing N N 291 
SER CB  HB2  sing N N 292 
SER CB  HB3  sing N N 293 
SER OG  HG   sing N N 294 
SER OXT HXT  sing N N 295 
THR N   CA   sing N N 296 
THR N   H    sing N N 297 
THR N   H2   sing N N 298 
THR CA  C    sing N N 299 
THR CA  CB   sing N N 300 
THR CA  HA   sing N N 301 
THR C   O    doub N N 302 
THR C   OXT  sing N N 303 
THR CB  OG1  sing N N 304 
THR CB  CG2  sing N N 305 
THR CB  HB   sing N N 306 
THR OG1 HG1  sing N N 307 
THR CG2 HG21 sing N N 308 
THR CG2 HG22 sing N N 309 
THR CG2 HG23 sing N N 310 
THR OXT HXT  sing N N 311 
TRP N   CA   sing N N 312 
TRP N   H    sing N N 313 
TRP N   H2   sing N N 314 
TRP CA  C    sing N N 315 
TRP CA  CB   sing N N 316 
TRP CA  HA   sing N N 317 
TRP C   O    doub N N 318 
TRP C   OXT  sing N N 319 
TRP CB  CG   sing N N 320 
TRP CB  HB2  sing N N 321 
TRP CB  HB3  sing N N 322 
TRP CG  CD1  doub Y N 323 
TRP CG  CD2  sing Y N 324 
TRP CD1 NE1  sing Y N 325 
TRP CD1 HD1  sing N N 326 
TRP CD2 CE2  doub Y N 327 
TRP CD2 CE3  sing Y N 328 
TRP NE1 CE2  sing Y N 329 
TRP NE1 HE1  sing N N 330 
TRP CE2 CZ2  sing Y N 331 
TRP CE3 CZ3  doub Y N 332 
TRP CE3 HE3  sing N N 333 
TRP CZ2 CH2  doub Y N 334 
TRP CZ2 HZ2  sing N N 335 
TRP CZ3 CH2  sing Y N 336 
TRP CZ3 HZ3  sing N N 337 
TRP CH2 HH2  sing N N 338 
TRP OXT HXT  sing N N 339 
TYR N   CA   sing N N 340 
TYR N   H    sing N N 341 
TYR N   H2   sing N N 342 
TYR CA  C    sing N N 343 
TYR CA  CB   sing N N 344 
TYR CA  HA   sing N N 345 
TYR C   O    doub N N 346 
TYR C   OXT  sing N N 347 
TYR CB  CG   sing N N 348 
TYR CB  HB2  sing N N 349 
TYR CB  HB3  sing N N 350 
TYR CG  CD1  doub Y N 351 
TYR CG  CD2  sing Y N 352 
TYR CD1 CE1  sing Y N 353 
TYR CD1 HD1  sing N N 354 
TYR CD2 CE2  doub Y N 355 
TYR CD2 HD2  sing N N 356 
TYR CE1 CZ   doub Y N 357 
TYR CE1 HE1  sing N N 358 
TYR CE2 CZ   sing Y N 359 
TYR CE2 HE2  sing N N 360 
TYR CZ  OH   sing N N 361 
TYR OH  HH   sing N N 362 
TYR OXT HXT  sing N N 363 
VAL N   CA   sing N N 364 
VAL N   H    sing N N 365 
VAL N   H2   sing N N 366 
VAL CA  C    sing N N 367 
VAL CA  CB   sing N N 368 
VAL CA  HA   sing N N 369 
VAL C   O    doub N N 370 
VAL C   OXT  sing N N 371 
VAL CB  CG1  sing N N 372 
VAL CB  CG2  sing N N 373 
VAL CB  HB   sing N N 374 
VAL CG1 HG11 sing N N 375 
VAL CG1 HG12 sing N N 376 
VAL CG1 HG13 sing N N 377 
VAL CG2 HG21 sing N N 378 
VAL CG2 HG22 sing N N 379 
VAL CG2 HG23 sing N N 380 
VAL OXT HXT  sing N N 381 
# 
_atom_sites.entry_id                    1VCK 
_atom_sites.fract_transf_matrix[1][1]   0.00517425 
_atom_sites.fract_transf_matrix[1][2]   -0.00854575 
_atom_sites.fract_transf_matrix[1][3]   -0.00193076 
_atom_sites.fract_transf_matrix[2][1]   -0.00234906 
_atom_sites.fract_transf_matrix[2][2]   0.00080702 
_atom_sites.fract_transf_matrix[2][3]   -0.00986718 
_atom_sites.fract_transf_matrix[3][1]   0.00844036 
_atom_sites.fract_transf_matrix[3][2]   0.00546346 
_atom_sites.fract_transf_matrix[3][3]   -0.00156253 
_atom_sites.fract_transf_vector[1]      0.459850 
_atom_sites.fract_transf_vector[2]      0.590314 
_atom_sites.fract_transf_vector[3]      0.370382 
# 
loop_
_atom_type.symbol 
C  
FE 
N  
O  
S  
# 
loop_
_atom_site.group_PDB 
_atom_site.id 
_atom_site.type_symbol 
_atom_site.label_atom_id 
_atom_site.label_alt_id 
_atom_site.label_comp_id 
_atom_site.label_asym_id 
_atom_site.label_entity_id 
_atom_site.label_seq_id 
_atom_site.pdbx_PDB_ins_code 
_atom_site.Cartn_x 
_atom_site.Cartn_y 
_atom_site.Cartn_z 
_atom_site.occupancy 
_atom_site.B_iso_or_equiv 
_atom_site.pdbx_formal_charge 
_atom_site.auth_seq_id 
_atom_site.auth_comp_id 
_atom_site.auth_asym_id 
_atom_site.auth_atom_id 
_atom_site.pdbx_PDB_model_num 
ATOM   1   N  N   . ILE A 1 4   ? -9.321  12.301  -8.532  1.00 59.09 ? 4   ILE A N   1 
ATOM   2   C  CA  . ILE A 1 4   ? -7.990  12.856  -8.154  1.00 59.12 ? 4   ILE A CA  1 
ATOM   3   C  C   . ILE A 1 4   ? -6.921  11.771  -8.229  1.00 58.72 ? 4   ILE A C   1 
ATOM   4   O  O   . ILE A 1 4   ? -6.887  10.863  -7.399  1.00 58.57 ? 4   ILE A O   1 
ATOM   5   C  CB  . ILE A 1 4   ? -8.004  13.426  -6.715  1.00 60.15 ? 4   ILE A CB  1 
ATOM   6   C  CG1 . ILE A 1 4   ? -9.020  14.568  -6.603  1.00 61.13 ? 4   ILE A CG1 1 
ATOM   7   C  CG2 . ILE A 1 4   ? -6.617  13.930  -6.344  1.00 59.59 ? 4   ILE A CG2 1 
ATOM   8   C  CD1 . ILE A 1 4   ? -10.470 14.129  -6.691  1.00 61.73 ? 4   ILE A CD1 1 
ATOM   9   N  N   . TRP A 1 5   ? -6.049  11.867  -9.227  1.00 57.98 ? 5   TRP A N   1 
ATOM   10  C  CA  . TRP A 1 5   ? -4.984  10.889  -9.393  1.00 57.17 ? 5   TRP A CA  1 
ATOM   11  C  C   . TRP A 1 5   ? -3.619  11.466  -9.052  1.00 56.08 ? 5   TRP A C   1 
ATOM   12  O  O   . TRP A 1 5   ? -3.250  12.541  -9.524  1.00 56.42 ? 5   TRP A O   1 
ATOM   13  C  CB  . TRP A 1 5   ? -4.971  10.343  -10.822 1.00 58.07 ? 5   TRP A CB  1 
ATOM   14  C  CG  . TRP A 1 5   ? -6.202  9.573   -11.166 1.00 59.47 ? 5   TRP A CG  1 
ATOM   15  C  CD1 . TRP A 1 5   ? -7.399  10.080  -11.584 1.00 60.06 ? 5   TRP A CD1 1 
ATOM   16  C  CD2 . TRP A 1 5   ? -6.376  8.154   -11.075 1.00 60.29 ? 5   TRP A CD2 1 
ATOM   17  N  NE1 . TRP A 1 5   ? -8.309  9.065   -11.758 1.00 60.23 ? 5   TRP A NE1 1 
ATOM   18  C  CE2 . TRP A 1 5   ? -7.707  7.871   -11.453 1.00 60.49 ? 5   TRP A CE2 1 
ATOM   19  C  CE3 . TRP A 1 5   ? -5.536  7.093   -10.709 1.00 59.99 ? 5   TRP A CE3 1 
ATOM   20  C  CZ2 . TRP A 1 5   ? -8.220  6.571   -11.474 1.00 60.49 ? 5   TRP A CZ2 1 
ATOM   21  C  CZ3 . TRP A 1 5   ? -6.047  5.798   -10.731 1.00 60.06 ? 5   TRP A CZ3 1 
ATOM   22  C  CH2 . TRP A 1 5   ? -7.377  5.550   -11.112 1.00 60.21 ? 5   TRP A CH2 1 
ATOM   23  N  N   . LEU A 1 6   ? -2.876  10.740  -8.225  1.00 54.15 ? 6   LEU A N   1 
ATOM   24  C  CA  . LEU A 1 6   ? -1.549  11.165  -7.807  1.00 52.70 ? 6   LEU A CA  1 
ATOM   25  C  C   . LEU A 1 6   ? -0.479  10.375  -8.550  1.00 52.09 ? 6   LEU A C   1 
ATOM   26  O  O   . LEU A 1 6   ? -0.495  9.145   -8.560  1.00 51.85 ? 6   LEU A O   1 
ATOM   27  C  CB  . LEU A 1 6   ? -1.386  10.958  -6.299  1.00 52.39 ? 6   LEU A CB  1 
ATOM   28  C  CG  . LEU A 1 6   ? -2.388  11.681  -5.397  1.00 52.70 ? 6   LEU A CG  1 
ATOM   29  C  CD1 . LEU A 1 6   ? -2.198  11.232  -3.958  1.00 52.83 ? 6   LEU A CD1 1 
ATOM   30  C  CD2 . LEU A 1 6   ? -2.203  13.187  -5.521  1.00 52.68 ? 6   LEU A CD2 1 
ATOM   31  N  N   . LYS A 1 7   ? 0.450   11.090  -9.173  1.00 51.65 ? 7   LYS A N   1 
ATOM   32  C  CA  . LYS A 1 7   ? 1.534   10.458  -9.910  1.00 51.56 ? 7   LYS A CA  1 
ATOM   33  C  C   . LYS A 1 7   ? 2.465   9.778   -8.910  1.00 50.45 ? 7   LYS A C   1 
ATOM   34  O  O   . LYS A 1 7   ? 2.992   10.423  -8.004  1.00 50.45 ? 7   LYS A O   1 
ATOM   35  C  CB  . LYS A 1 7   ? 2.296   11.515  -10.717 1.00 53.33 ? 7   LYS A CB  1 
ATOM   36  C  CG  . LYS A 1 7   ? 3.307   10.958  -11.703 1.00 56.27 ? 7   LYS A CG  1 
ATOM   37  C  CD  . LYS A 1 7   ? 3.928   12.074  -12.529 1.00 58.33 ? 7   LYS A CD  1 
ATOM   38  C  CE  . LYS A 1 7   ? 4.918   11.531  -13.550 1.00 60.70 ? 7   LYS A CE  1 
ATOM   39  N  NZ  . LYS A 1 7   ? 5.549   12.617  -14.355 1.00 62.29 ? 7   LYS A NZ  1 
ATOM   40  N  N   . VAL A 1 8   ? 2.657   8.473   -9.072  1.00 48.83 ? 8   VAL A N   1 
ATOM   41  C  CA  . VAL A 1 8   ? 3.518   7.714   -8.171  1.00 46.79 ? 8   VAL A CA  1 
ATOM   42  C  C   . VAL A 1 8   ? 4.944   7.617   -8.701  1.00 46.80 ? 8   VAL A C   1 
ATOM   43  O  O   . VAL A 1 8   ? 5.881   8.130   -8.089  1.00 47.21 ? 8   VAL A O   1 
ATOM   44  C  CB  . VAL A 1 8   ? 2.970   6.286   -7.950  1.00 46.05 ? 8   VAL A CB  1 
ATOM   45  C  CG1 . VAL A 1 8   ? 3.891   5.508   -7.023  1.00 44.67 ? 8   VAL A CG1 1 
ATOM   46  C  CG2 . VAL A 1 8   ? 1.570   6.355   -7.367  1.00 44.32 ? 8   VAL A CG2 1 
ATOM   47  N  N   . CYS A 1 9   ? 5.103   6.952   -9.840  1.00 46.16 ? 9   CYS A N   1 
ATOM   48  C  CA  . CYS A 1 9   ? 6.414   6.781   -10.455 1.00 45.16 ? 9   CYS A CA  1 
ATOM   49  C  C   . CYS A 1 9   ? 6.271   5.992   -11.746 1.00 44.59 ? 9   CYS A C   1 
ATOM   50  O  O   . CYS A 1 9   ? 5.165   5.634   -12.145 1.00 44.20 ? 9   CYS A O   1 
ATOM   51  C  CB  . CYS A 1 9   ? 7.346   6.016   -9.514  1.00 45.86 ? 9   CYS A CB  1 
ATOM   52  S  SG  . CYS A 1 9   ? 6.865   4.285   -9.250  1.00 46.36 ? 9   CYS A SG  1 
ATOM   53  N  N   . ALA A 1 10  ? 7.396   5.727   -12.398 1.00 44.60 ? 10  ALA A N   1 
ATOM   54  C  CA  . ALA A 1 10  ? 7.386   4.946   -13.625 1.00 44.16 ? 10  ALA A CA  1 
ATOM   55  C  C   . ALA A 1 10  ? 7.357   3.487   -13.193 1.00 44.07 ? 10  ALA A C   1 
ATOM   56  O  O   . ALA A 1 10  ? 8.112   3.083   -12.310 1.00 44.43 ? 10  ALA A O   1 
ATOM   57  C  CB  . ALA A 1 10  ? 8.637   5.228   -14.444 1.00 44.75 ? 10  ALA A CB  1 
ATOM   58  N  N   . ALA A 1 11  ? 6.478   2.701   -13.805 1.00 43.27 ? 11  ALA A N   1 
ATOM   59  C  CA  . ALA A 1 11  ? 6.356   1.291   -13.465 1.00 42.84 ? 11  ALA A CA  1 
ATOM   60  C  C   . ALA A 1 11  ? 7.724   0.621   -13.436 1.00 43.30 ? 11  ALA A C   1 
ATOM   61  O  O   . ALA A 1 11  ? 8.015   -0.183  -12.550 1.00 43.02 ? 11  ALA A O   1 
ATOM   62  C  CB  . ALA A 1 11  ? 5.449   0.589   -14.468 1.00 42.36 ? 11  ALA A CB  1 
ATOM   63  N  N   . SER A 1 12  ? 8.566   0.967   -14.404 1.00 43.46 ? 12  SER A N   1 
ATOM   64  C  CA  . SER A 1 12  ? 9.902   0.390   -14.501 1.00 43.90 ? 12  SER A CA  1 
ATOM   65  C  C   . SER A 1 12  ? 10.818  0.754   -13.334 1.00 43.75 ? 12  SER A C   1 
ATOM   66  O  O   . SER A 1 12  ? 11.865  0.135   -13.153 1.00 43.65 ? 12  SER A O   1 
ATOM   67  C  CB  . SER A 1 12  ? 10.555  0.806   -15.823 1.00 43.98 ? 12  SER A CB  1 
ATOM   68  O  OG  . SER A 1 12  ? 10.560  2.216   -15.977 1.00 44.74 ? 12  SER A OG  1 
ATOM   69  N  N   . ASP A 1 13  ? 10.429  1.751   -12.541 1.00 44.09 ? 13  ASP A N   1 
ATOM   70  C  CA  . ASP A 1 13  ? 11.245  2.159   -11.400 1.00 44.46 ? 13  ASP A CA  1 
ATOM   71  C  C   . ASP A 1 13  ? 10.947  1.350   -10.142 1.00 43.34 ? 13  ASP A C   1 
ATOM   72  O  O   . ASP A 1 13  ? 11.640  1.479   -9.131  1.00 42.48 ? 13  ASP A O   1 
ATOM   73  C  CB  . ASP A 1 13  ? 11.060  3.650   -11.110 1.00 48.14 ? 13  ASP A CB  1 
ATOM   74  C  CG  . ASP A 1 13  ? 11.698  4.531   -12.166 1.00 51.50 ? 13  ASP A CG  1 
ATOM   75  O  OD1 . ASP A 1 13  ? 12.880  4.299   -12.499 1.00 52.96 ? 13  ASP A OD1 1 
ATOM   76  O  OD2 . ASP A 1 13  ? 11.021  5.460   -12.657 1.00 54.74 ? 13  ASP A OD2 1 
ATOM   77  N  N   . MET A 1 14  ? 9.910   0.521   -10.201 1.00 41.09 ? 14  MET A N   1 
ATOM   78  C  CA  . MET A 1 14  ? 9.547   -0.317  -9.064  1.00 39.08 ? 14  MET A CA  1 
ATOM   79  C  C   . MET A 1 14  ? 9.789   -1.786  -9.364  1.00 38.29 ? 14  MET A C   1 
ATOM   80  O  O   . MET A 1 14  ? 9.159   -2.358  -10.254 1.00 38.13 ? 14  MET A O   1 
ATOM   81  C  CB  . MET A 1 14  ? 8.075   -0.129  -8.690  1.00 38.38 ? 14  MET A CB  1 
ATOM   82  C  CG  . MET A 1 14  ? 7.803   1.009   -7.728  1.00 38.37 ? 14  MET A CG  1 
ATOM   83  S  SD  . MET A 1 14  ? 6.093   0.988   -7.149  1.00 35.06 ? 14  MET A SD  1 
ATOM   84  C  CE  . MET A 1 14  ? 6.231   -0.054  -5.700  1.00 37.23 ? 14  MET A CE  1 
ATOM   85  N  N   . GLN A 1 15  ? 10.709  -2.394  -8.625  1.00 38.53 ? 15  GLN A N   1 
ATOM   86  C  CA  . GLN A 1 15  ? 11.002  -3.806  -8.805  1.00 38.90 ? 15  GLN A CA  1 
ATOM   87  C  C   . GLN A 1 15  ? 9.906   -4.599  -8.102  1.00 38.17 ? 15  GLN A C   1 
ATOM   88  O  O   . GLN A 1 15  ? 9.347   -4.150  -7.101  1.00 37.52 ? 15  GLN A O   1 
ATOM   89  C  CB  . GLN A 1 15  ? 12.364  -4.154  -8.200  1.00 40.81 ? 15  GLN A CB  1 
ATOM   90  C  CG  . GLN A 1 15  ? 13.549  -3.640  -8.999  1.00 43.88 ? 15  GLN A CG  1 
ATOM   91  C  CD  . GLN A 1 15  ? 13.690  -4.338  -10.338 1.00 46.43 ? 15  GLN A CD  1 
ATOM   92  O  OE1 . GLN A 1 15  ? 13.888  -5.552  -10.398 1.00 47.32 ? 15  GLN A OE1 1 
ATOM   93  N  NE2 . GLN A 1 15  ? 13.584  -3.574  -11.421 1.00 47.79 ? 15  GLN A NE2 1 
ATOM   94  N  N   . PRO A 1 16  ? 9.569   -5.785  -8.628  1.00 37.18 ? 16  PRO A N   1 
ATOM   95  C  CA  . PRO A 1 16  ? 8.526   -6.590  -7.992  1.00 35.53 ? 16  PRO A CA  1 
ATOM   96  C  C   . PRO A 1 16  ? 8.867   -6.856  -6.530  1.00 34.98 ? 16  PRO A C   1 
ATOM   97  O  O   . PRO A 1 16  ? 10.016  -7.143  -6.195  1.00 35.48 ? 16  PRO A O   1 
ATOM   98  C  CB  . PRO A 1 16  ? 8.521   -7.862  -8.831  1.00 36.22 ? 16  PRO A CB  1 
ATOM   99  C  CG  . PRO A 1 16  ? 8.859   -7.350  -10.190 1.00 37.23 ? 16  PRO A CG  1 
ATOM   100 C  CD  . PRO A 1 16  ? 9.995   -6.392  -9.901  1.00 37.55 ? 16  PRO A CD  1 
ATOM   101 N  N   . GLY A 1 17  ? 7.867   -6.743  -5.663  1.00 33.09 ? 17  GLY A N   1 
ATOM   102 C  CA  . GLY A 1 17  ? 8.088   -6.979  -4.251  1.00 31.43 ? 17  GLY A CA  1 
ATOM   103 C  C   . GLY A 1 17  ? 8.536   -5.753  -3.473  1.00 30.96 ? 17  GLY A C   1 
ATOM   104 O  O   . GLY A 1 17  ? 8.902   -5.871  -2.305  1.00 30.82 ? 17  GLY A O   1 
ATOM   105 N  N   . THR A 1 18  ? 8.508   -4.582  -4.106  1.00 30.49 ? 18  THR A N   1 
ATOM   106 C  CA  . THR A 1 18  ? 8.919   -3.351  -3.436  1.00 31.17 ? 18  THR A CA  1 
ATOM   107 C  C   . THR A 1 18  ? 7.718   -2.478  -3.097  1.00 30.60 ? 18  THR A C   1 
ATOM   108 O  O   . THR A 1 18  ? 6.610   -2.711  -3.585  1.00 29.05 ? 18  THR A O   1 
ATOM   109 C  CB  . THR A 1 18  ? 9.902   -2.526  -4.300  1.00 32.12 ? 18  THR A CB  1 
ATOM   110 O  OG1 . THR A 1 18  ? 9.241   -2.076  -5.489  1.00 32.11 ? 18  THR A OG1 1 
ATOM   111 C  CG2 . THR A 1 18  ? 11.105  -3.372  -4.683  1.00 32.13 ? 18  THR A CG2 1 
ATOM   112 N  N   . ILE A 1 19  ? 7.948   -1.470  -2.262  1.00 29.90 ? 19  ILE A N   1 
ATOM   113 C  CA  . ILE A 1 19  ? 6.889   -0.570  -1.829  1.00 31.13 ? 19  ILE A CA  1 
ATOM   114 C  C   . ILE A 1 19  ? 7.279   0.893   -2.006  1.00 33.24 ? 19  ILE A C   1 
ATOM   115 O  O   . ILE A 1 19  ? 8.453   1.251   -1.915  1.00 32.24 ? 19  ILE A O   1 
ATOM   116 C  CB  . ILE A 1 19  ? 6.560   -0.792  -0.340  1.00 29.17 ? 19  ILE A CB  1 
ATOM   117 C  CG1 . ILE A 1 19  ? 6.413   -2.285  -0.055  1.00 28.69 ? 19  ILE A CG1 1 
ATOM   118 C  CG2 . ILE A 1 19  ? 5.280   -0.055  0.028   1.00 28.61 ? 19  ILE A CG2 1 
ATOM   119 C  CD1 . ILE A 1 19  ? 6.229   -2.598  1.404   1.00 29.94 ? 19  ILE A CD1 1 
ATOM   120 N  N   . ARG A 1 20  ? 6.281   1.734   -2.252  1.00 33.86 ? 20  ARG A N   1 
ATOM   121 C  CA  . ARG A 1 20  ? 6.498   3.164   -2.435  1.00 35.45 ? 20  ARG A CA  1 
ATOM   122 C  C   . ARG A 1 20  ? 5.499   3.950   -1.599  1.00 35.04 ? 20  ARG A C   1 
ATOM   123 O  O   . ARG A 1 20  ? 4.296   3.706   -1.670  1.00 33.98 ? 20  ARG A O   1 
ATOM   124 C  CB  . ARG A 1 20  ? 6.320   3.546   -3.905  1.00 39.09 ? 20  ARG A CB  1 
ATOM   125 C  CG  . ARG A 1 20  ? 7.436   3.092   -4.821  1.00 43.43 ? 20  ARG A CG  1 
ATOM   126 C  CD  . ARG A 1 20  ? 8.465   4.192   -4.995  1.00 47.82 ? 20  ARG A CD  1 
ATOM   127 N  NE  . ARG A 1 20  ? 9.415   3.890   -6.061  1.00 50.78 ? 20  ARG A NE  1 
ATOM   128 C  CZ  . ARG A 1 20  ? 10.248  4.781   -6.589  1.00 51.07 ? 20  ARG A CZ  1 
ATOM   129 N  NH1 . ARG A 1 20  ? 10.245  6.030   -6.149  1.00 51.38 ? 20  ARG A NH1 1 
ATOM   130 N  NH2 . ARG A 1 20  ? 11.080  4.425   -7.559  1.00 53.30 ? 20  ARG A NH2 1 
ATOM   131 N  N   . ARG A 1 21  ? 5.994   4.890   -0.804  1.00 33.72 ? 21  ARG A N   1 
ATOM   132 C  CA  . ARG A 1 21  ? 5.116   5.712   0.012   1.00 33.63 ? 21  ARG A CA  1 
ATOM   133 C  C   . ARG A 1 21  ? 4.670   6.908   -0.822  1.00 32.49 ? 21  ARG A C   1 
ATOM   134 O  O   . ARG A 1 21  ? 5.471   7.490   -1.552  1.00 33.02 ? 21  ARG A O   1 
ATOM   135 C  CB  . ARG A 1 21  ? 5.852   6.214   1.249   1.00 34.82 ? 21  ARG A CB  1 
ATOM   136 C  CG  . ARG A 1 21  ? 5.087   7.294   1.982   1.00 40.04 ? 21  ARG A CG  1 
ATOM   137 C  CD  . ARG A 1 21  ? 6.032   8.243   2.684   1.00 43.22 ? 21  ARG A CD  1 
ATOM   138 N  NE  . ARG A 1 21  ? 6.729   7.598   3.790   1.00 47.40 ? 21  ARG A NE  1 
ATOM   139 C  CZ  . ARG A 1 21  ? 7.797   8.105   4.391   1.00 47.16 ? 21  ARG A CZ  1 
ATOM   140 N  NH1 . ARG A 1 21  ? 8.303   9.264   3.992   1.00 50.47 ? 21  ARG A NH1 1 
ATOM   141 N  NH2 . ARG A 1 21  ? 8.360   7.451   5.390   1.00 48.29 ? 21  ARG A NH2 1 
ATOM   142 N  N   . VAL A 1 22  ? 3.399   7.272   -0.710  1.00 32.10 ? 22  VAL A N   1 
ATOM   143 C  CA  . VAL A 1 22  ? 2.855   8.398   -1.460  1.00 32.39 ? 22  VAL A CA  1 
ATOM   144 C  C   . VAL A 1 22  ? 2.136   9.350   -0.517  1.00 33.27 ? 22  VAL A C   1 
ATOM   145 O  O   . VAL A 1 22  ? 1.128   8.991   0.089   1.00 33.32 ? 22  VAL A O   1 
ATOM   146 C  CB  . VAL A 1 22  ? 1.857   7.921   -2.534  1.00 32.12 ? 22  VAL A CB  1 
ATOM   147 C  CG1 . VAL A 1 22  ? 1.247   9.117   -3.256  1.00 31.21 ? 22  VAL A CG1 1 
ATOM   148 C  CG2 . VAL A 1 22  ? 2.564   7.005   -3.518  1.00 31.86 ? 22  VAL A CG2 1 
ATOM   149 N  N   . ASN A 1 23  ? 2.664   10.564  -0.400  1.00 34.38 ? 23  ASN A N   1 
ATOM   150 C  CA  . ASN A 1 23  ? 2.086   11.584  0.465   1.00 35.63 ? 23  ASN A CA  1 
ATOM   151 C  C   . ASN A 1 23  ? 0.862   12.245  -0.168  1.00 36.73 ? 23  ASN A C   1 
ATOM   152 O  O   . ASN A 1 23  ? 0.777   12.384  -1.389  1.00 37.61 ? 23  ASN A O   1 
ATOM   153 C  CB  . ASN A 1 23  ? 3.137   12.653  0.782   1.00 35.89 ? 23  ASN A CB  1 
ATOM   154 C  CG  . ASN A 1 23  ? 4.313   12.098  1.564   1.00 37.57 ? 23  ASN A CG  1 
ATOM   155 O  OD1 . ASN A 1 23  ? 4.176   11.713  2.726   1.00 38.90 ? 23  ASN A OD1 1 
ATOM   156 N  ND2 . ASN A 1 23  ? 5.478   12.049  0.927   1.00 37.15 ? 23  ASN A ND2 1 
ATOM   157 N  N   . ARG A 1 24  ? -0.085  12.646  0.674   1.00 35.91 ? 24  ARG A N   1 
ATOM   158 C  CA  . ARG A 1 24  ? -1.299  13.307  0.215   1.00 37.85 ? 24  ARG A CA  1 
ATOM   159 C  C   . ARG A 1 24  ? -1.470  14.651  0.921   1.00 39.70 ? 24  ARG A C   1 
ATOM   160 O  O   . ARG A 1 24  ? -0.954  14.853  2.020   1.00 40.23 ? 24  ARG A O   1 
ATOM   161 C  CB  . ARG A 1 24  ? -2.520  12.431  0.496   1.00 36.97 ? 24  ARG A CB  1 
ATOM   162 C  CG  . ARG A 1 24  ? -2.578  11.147  -0.312  1.00 35.71 ? 24  ARG A CG  1 
ATOM   163 C  CD  . ARG A 1 24  ? -3.899  10.436  -0.069  1.00 34.61 ? 24  ARG A CD  1 
ATOM   164 N  NE  . ARG A 1 24  ? -4.044  10.014  1.323   1.00 32.05 ? 24  ARG A NE  1 
ATOM   165 C  CZ  . ARG A 1 24  ? -5.167  9.548   1.853   1.00 32.12 ? 24  ARG A CZ  1 
ATOM   166 N  NH1 . ARG A 1 24  ? -6.259  9.445   1.110   1.00 32.32 ? 24  ARG A NH1 1 
ATOM   167 N  NH2 . ARG A 1 24  ? -5.195  9.175   3.126   1.00 32.09 ? 24  ARG A NH2 1 
ATOM   168 N  N   . VAL A 1 25  ? -2.194  15.566  0.287   1.00 41.42 ? 25  VAL A N   1 
ATOM   169 C  CA  . VAL A 1 25  ? -2.437  16.878  0.875   1.00 42.60 ? 25  VAL A CA  1 
ATOM   170 C  C   . VAL A 1 25  ? -3.652  16.805  1.796   1.00 42.23 ? 25  VAL A C   1 
ATOM   171 O  O   . VAL A 1 25  ? -4.743  16.426  1.371   1.00 42.89 ? 25  VAL A O   1 
ATOM   172 C  CB  . VAL A 1 25  ? -2.698  17.947  -0.213  1.00 43.85 ? 25  VAL A CB  1 
ATOM   173 C  CG1 . VAL A 1 25  ? -3.016  19.290  0.438   1.00 44.68 ? 25  VAL A CG1 1 
ATOM   174 C  CG2 . VAL A 1 25  ? -1.481  18.074  -1.119  1.00 44.52 ? 25  VAL A CG2 1 
ATOM   175 N  N   . GLY A 1 26  ? -3.452  17.157  3.061   1.00 42.11 ? 26  GLY A N   1 
ATOM   176 C  CA  . GLY A 1 26  ? -4.539  17.131  4.021   1.00 41.62 ? 26  GLY A CA  1 
ATOM   177 C  C   . GLY A 1 26  ? -4.981  15.741  4.438   1.00 41.32 ? 26  GLY A C   1 
ATOM   178 O  O   . GLY A 1 26  ? -6.143  15.543  4.810   1.00 41.93 ? 26  GLY A O   1 
ATOM   179 N  N   . ALA A 1 27  ? -4.067  14.777  4.391   1.00 39.92 ? 27  ALA A N   1 
ATOM   180 C  CA  . ALA A 1 27  ? -4.399  13.408  4.769   1.00 37.29 ? 27  ALA A CA  1 
ATOM   181 C  C   . ALA A 1 27  ? -3.163  12.532  4.953   1.00 35.47 ? 27  ALA A C   1 
ATOM   182 O  O   . ALA A 1 27  ? -2.061  12.887  4.528   1.00 34.52 ? 27  ALA A O   1 
ATOM   183 C  CB  . ALA A 1 27  ? -5.320  12.795  3.721   1.00 38.78 ? 27  ALA A CB  1 
ATOM   184 N  N   . ALA A 1 28  ? -3.361  11.381  5.590   1.00 33.37 ? 28  ALA A N   1 
ATOM   185 C  CA  . ALA A 1 28  ? -2.280  10.432  5.838   1.00 31.77 ? 28  ALA A CA  1 
ATOM   186 C  C   . ALA A 1 28  ? -1.763  9.872   4.517   1.00 30.33 ? 28  ALA A C   1 
ATOM   187 O  O   . ALA A 1 28  ? -2.502  9.786   3.538   1.00 29.89 ? 28  ALA A O   1 
ATOM   188 C  CB  . ALA A 1 28  ? -2.782  9.301   6.728   1.00 33.36 ? 28  ALA A CB  1 
ATOM   189 N  N   . PRO A 1 29  ? -0.481  9.476   4.476   1.00 28.23 ? 29  PRO A N   1 
ATOM   190 C  CA  . PRO A 1 29  ? 0.114   8.930   3.258   1.00 26.09 ? 29  PRO A CA  1 
ATOM   191 C  C   . PRO A 1 29  ? -0.399  7.545   2.863   1.00 24.00 ? 29  PRO A C   1 
ATOM   192 O  O   . PRO A 1 29  ? -1.036  6.848   3.653   1.00 21.95 ? 29  PRO A O   1 
ATOM   193 C  CB  . PRO A 1 29  ? 1.603   8.926   3.580   1.00 26.83 ? 29  PRO A CB  1 
ATOM   194 C  CG  . PRO A 1 29  ? 1.614   8.660   5.042   1.00 29.71 ? 29  PRO A CG  1 
ATOM   195 C  CD  . PRO A 1 29  ? 0.518   9.554   5.556   1.00 29.79 ? 29  PRO A CD  1 
ATOM   196 N  N   . LEU A 1 30  ? -0.114  7.168   1.625   1.00 23.61 ? 30  LEU A N   1 
ATOM   197 C  CA  . LEU A 1 30  ? -0.520  5.873   1.094   1.00 23.68 ? 30  LEU A CA  1 
ATOM   198 C  C   . LEU A 1 30  ? 0.714   5.041   0.809   1.00 23.62 ? 30  LEU A C   1 
ATOM   199 O  O   . LEU A 1 30  ? 1.828   5.564   0.745   1.00 23.78 ? 30  LEU A O   1 
ATOM   200 C  CB  . LEU A 1 30  ? -1.291  6.053   -0.217  1.00 24.48 ? 30  LEU A CB  1 
ATOM   201 C  CG  . LEU A 1 30  ? -2.538  6.932   -0.195  1.00 24.38 ? 30  LEU A CG  1 
ATOM   202 C  CD1 . LEU A 1 30  ? -3.150  6.981   -1.591  1.00 27.10 ? 30  LEU A CD1 1 
ATOM   203 C  CD2 . LEU A 1 30  ? -3.530  6.373   0.808   1.00 24.85 ? 30  LEU A CD2 1 
ATOM   204 N  N   . ALA A 1 31  ? 0.509   3.741   0.637   1.00 22.39 ? 31  ALA A N   1 
ATOM   205 C  CA  . ALA A 1 31  ? 1.599   2.843   0.300   1.00 22.69 ? 31  ALA A CA  1 
ATOM   206 C  C   . ALA A 1 31  ? 1.181   2.150   -0.987  1.00 23.23 ? 31  ALA A C   1 
ATOM   207 O  O   . ALA A 1 31  ? 0.042   1.702   -1.112  1.00 21.78 ? 31  ALA A O   1 
ATOM   208 C  CB  . ALA A 1 31  ? 1.817   1.818   1.410   1.00 23.28 ? 31  ALA A CB  1 
ATOM   209 N  N   . VAL A 1 32  ? 2.091   2.106   -1.953  1.00 22.85 ? 32  VAL A N   1 
ATOM   210 C  CA  . VAL A 1 32  ? 1.830   1.451   -3.225  1.00 24.86 ? 32  VAL A CA  1 
ATOM   211 C  C   . VAL A 1 32  ? 2.748   0.240   -3.261  1.00 24.89 ? 32  VAL A C   1 
ATOM   212 O  O   . VAL A 1 32  ? 3.957   0.363   -3.057  1.00 23.88 ? 32  VAL A O   1 
ATOM   213 C  CB  . VAL A 1 32  ? 2.139   2.385   -4.415  1.00 25.07 ? 32  VAL A CB  1 
ATOM   214 C  CG1 . VAL A 1 32  ? 2.018   1.618   -5.731  1.00 27.28 ? 32  VAL A CG1 1 
ATOM   215 C  CG2 . VAL A 1 32  ? 1.174   3.563   -4.403  1.00 26.26 ? 32  VAL A CG2 1 
ATOM   216 N  N   . TYR A 1 33  ? 2.166   -0.932  -3.498  1.00 24.04 ? 33  TYR A N   1 
ATOM   217 C  CA  . TYR A 1 33  ? 2.933   -2.168  -3.530  1.00 24.34 ? 33  TYR A CA  1 
ATOM   218 C  C   . TYR A 1 33  ? 2.926   -2.790  -4.909  1.00 26.13 ? 33  TYR A C   1 
ATOM   219 O  O   . TYR A 1 33  ? 1.898   -2.794  -5.583  1.00 25.89 ? 33  TYR A O   1 
ATOM   220 C  CB  . TYR A 1 33  ? 2.347   -3.204  -2.568  1.00 22.78 ? 33  TYR A CB  1 
ATOM   221 C  CG  . TYR A 1 33  ? 1.860   -2.674  -1.238  1.00 21.44 ? 33  TYR A CG  1 
ATOM   222 C  CD1 . TYR A 1 33  ? 0.620   -2.049  -1.126  1.00 19.09 ? 33  TYR A CD1 1 
ATOM   223 C  CD2 . TYR A 1 33  ? 2.623   -2.838  -0.085  1.00 21.05 ? 33  TYR A CD2 1 
ATOM   224 C  CE1 . TYR A 1 33  ? 0.148   -1.602  0.107   1.00 19.43 ? 33  TYR A CE1 1 
ATOM   225 C  CE2 . TYR A 1 33  ? 2.163   -2.397  1.150   1.00 20.49 ? 33  TYR A CE2 1 
ATOM   226 C  CZ  . TYR A 1 33  ? 0.928   -1.782  1.242   1.00 19.76 ? 33  TYR A CZ  1 
ATOM   227 O  OH  . TYR A 1 33  ? 0.469   -1.368  2.471   1.00 19.47 ? 33  TYR A OH  1 
ATOM   228 N  N   . ARG A 1 34  ? 4.070   -3.320  -5.327  1.00 25.71 ? 34  ARG A N   1 
ATOM   229 C  CA  . ARG A 1 34  ? 4.141   -3.993  -6.612  1.00 26.25 ? 34  ARG A CA  1 
ATOM   230 C  C   . ARG A 1 34  ? 4.275   -5.487  -6.359  1.00 26.79 ? 34  ARG A C   1 
ATOM   231 O  O   . ARG A 1 34  ? 5.295   -5.958  -5.847  1.00 25.68 ? 34  ARG A O   1 
ATOM   232 C  CB  . ARG A 1 34  ? 5.325   -3.514  -7.452  1.00 27.19 ? 34  ARG A CB  1 
ATOM   233 C  CG  . ARG A 1 34  ? 5.435   -4.300  -8.756  1.00 27.56 ? 34  ARG A CG  1 
ATOM   234 C  CD  . ARG A 1 34  ? 6.387   -3.684  -9.761  1.00 29.74 ? 34  ARG A CD  1 
ATOM   235 N  NE  . ARG A 1 34  ? 6.387   -4.453  -11.003 1.00 29.65 ? 34  ARG A NE  1 
ATOM   236 C  CZ  . ARG A 1 34  ? 6.854   -4.007  -12.163 1.00 32.67 ? 34  ARG A CZ  1 
ATOM   237 N  NH1 . ARG A 1 34  ? 7.365   -2.785  -12.252 1.00 30.12 ? 34  ARG A NH1 1 
ATOM   238 N  NH2 . ARG A 1 34  ? 6.795   -4.779  -13.239 1.00 30.54 ? 34  ARG A NH2 1 
ATOM   239 N  N   . VAL A 1 35  ? 3.227   -6.224  -6.706  1.00 25.33 ? 35  VAL A N   1 
ATOM   240 C  CA  . VAL A 1 35  ? 3.209   -7.669  -6.537  1.00 26.47 ? 35  VAL A CA  1 
ATOM   241 C  C   . VAL A 1 35  ? 3.287   -8.235  -7.946  1.00 26.38 ? 35  VAL A C   1 
ATOM   242 O  O   . VAL A 1 35  ? 2.312   -8.186  -8.695  1.00 26.26 ? 35  VAL A O   1 
ATOM   243 C  CB  . VAL A 1 35  ? 1.900   -8.122  -5.856  1.00 26.22 ? 35  VAL A CB  1 
ATOM   244 C  CG1 . VAL A 1 35  ? 1.920   -9.621  -5.620  1.00 25.53 ? 35  VAL A CG1 1 
ATOM   245 C  CG2 . VAL A 1 35  ? 1.722   -7.377  -4.537  1.00 26.90 ? 35  VAL A CG2 1 
ATOM   246 N  N   . GLY A 1 36  ? 4.450   -8.769  -8.308  1.00 27.42 ? 36  GLY A N   1 
ATOM   247 C  CA  . GLY A 1 36  ? 4.621   -9.282  -9.653  1.00 28.96 ? 36  GLY A CA  1 
ATOM   248 C  C   . GLY A 1 36  ? 4.556   -8.056  -10.545 1.00 29.49 ? 36  GLY A C   1 
ATOM   249 O  O   . GLY A 1 36  ? 5.362   -7.135  -10.393 1.00 29.24 ? 36  GLY A O   1 
ATOM   250 N  N   . ASP A 1 37  ? 3.591   -8.029  -11.456 1.00 28.48 ? 37  ASP A N   1 
ATOM   251 C  CA  . ASP A 1 37  ? 3.413   -6.890  -12.344 1.00 28.65 ? 37  ASP A CA  1 
ATOM   252 C  C   . ASP A 1 37  ? 2.135   -6.143  -11.971 1.00 27.91 ? 37  ASP A C   1 
ATOM   253 O  O   . ASP A 1 37  ? 1.687   -5.256  -12.698 1.00 27.66 ? 37  ASP A O   1 
ATOM   254 C  CB  . ASP A 1 37  ? 3.350   -7.352  -13.803 1.00 31.48 ? 37  ASP A CB  1 
ATOM   255 C  CG  . ASP A 1 37  ? 4.645   -7.991  -14.262 1.00 34.34 ? 37  ASP A CG  1 
ATOM   256 O  OD1 . ASP A 1 37  ? 5.711   -7.369  -14.062 1.00 35.04 ? 37  ASP A OD1 1 
ATOM   257 O  OD2 . ASP A 1 37  ? 4.603   -9.109  -14.819 1.00 35.00 ? 37  ASP A OD2 1 
ATOM   258 N  N   . GLN A 1 38  ? 1.554   -6.514  -10.833 1.00 26.80 ? 38  GLN A N   1 
ATOM   259 C  CA  . GLN A 1 38  ? 0.332   -5.882  -10.339 1.00 27.20 ? 38  GLN A CA  1 
ATOM   260 C  C   . GLN A 1 38  ? 0.695   -4.792  -9.331  1.00 26.34 ? 38  GLN A C   1 
ATOM   261 O  O   . GLN A 1 38  ? 1.685   -4.912  -8.610  1.00 26.27 ? 38  GLN A O   1 
ATOM   262 C  CB  . GLN A 1 38  ? -0.560  -6.899  -9.619  1.00 28.45 ? 38  GLN A CB  1 
ATOM   263 C  CG  . GLN A 1 38  ? -0.674  -8.266  -10.269 1.00 30.81 ? 38  GLN A CG  1 
ATOM   264 C  CD  . GLN A 1 38  ? -1.099  -8.189  -11.709 1.00 29.56 ? 38  GLN A CD  1 
ATOM   265 O  OE1 . GLN A 1 38  ? -1.886  -7.323  -12.092 1.00 31.26 ? 38  GLN A OE1 1 
ATOM   266 N  NE2 . GLN A 1 38  ? -0.593  -9.109  -12.520 1.00 34.41 ? 38  GLN A NE2 1 
ATOM   267 N  N   . PHE A 1 39  ? -0.112  -3.740  -9.275  1.00 25.21 ? 39  PHE A N   1 
ATOM   268 C  CA  . PHE A 1 39  ? 0.120   -2.656  -8.324  1.00 25.83 ? 39  PHE A CA  1 
ATOM   269 C  C   . PHE A 1 39  ? -1.115  -2.476  -7.458  1.00 25.14 ? 39  PHE A C   1 
ATOM   270 O  O   . PHE A 1 39  ? -2.241  -2.479  -7.956  1.00 27.03 ? 39  PHE A O   1 
ATOM   271 C  CB  . PHE A 1 39  ? 0.424   -1.341  -9.045  1.00 26.61 ? 39  PHE A CB  1 
ATOM   272 C  CG  . PHE A 1 39  ? 1.706   -1.357  -9.821  1.00 28.60 ? 39  PHE A CG  1 
ATOM   273 C  CD1 . PHE A 1 39  ? 1.767   -1.947  -11.079 1.00 28.65 ? 39  PHE A CD1 1 
ATOM   274 C  CD2 . PHE A 1 39  ? 2.861   -0.791  -9.288  1.00 29.61 ? 39  PHE A CD2 1 
ATOM   275 C  CE1 . PHE A 1 39  ? 2.959   -1.973  -11.797 1.00 30.26 ? 39  PHE A CE1 1 
ATOM   276 C  CE2 . PHE A 1 39  ? 4.058   -0.811  -9.997  1.00 29.66 ? 39  PHE A CE2 1 
ATOM   277 C  CZ  . PHE A 1 39  ? 4.108   -1.404  -11.254 1.00 30.24 ? 39  PHE A CZ  1 
ATOM   278 N  N   . TYR A 1 40  ? -0.899  -2.325  -6.156  1.00 23.17 ? 40  TYR A N   1 
ATOM   279 C  CA  . TYR A 1 40  ? -1.992  -2.136  -5.210  1.00 21.79 ? 40  TYR A CA  1 
ATOM   280 C  C   . TYR A 1 40  ? -1.642  -0.961  -4.316  1.00 22.04 ? 40  TYR A C   1 
ATOM   281 O  O   . TYR A 1 40  ? -0.477  -0.577  -4.222  1.00 22.28 ? 40  TYR A O   1 
ATOM   282 C  CB  . TYR A 1 40  ? -2.179  -3.389  -4.355  1.00 22.17 ? 40  TYR A CB  1 
ATOM   283 C  CG  . TYR A 1 40  ? -2.554  -4.612  -5.155  1.00 22.33 ? 40  TYR A CG  1 
ATOM   284 C  CD1 . TYR A 1 40  ? -3.818  -4.731  -5.728  1.00 23.09 ? 40  TYR A CD1 1 
ATOM   285 C  CD2 . TYR A 1 40  ? -1.632  -5.637  -5.370  1.00 21.98 ? 40  TYR A CD2 1 
ATOM   286 C  CE1 . TYR A 1 40  ? -4.158  -5.839  -6.500  1.00 23.02 ? 40  TYR A CE1 1 
ATOM   287 C  CE2 . TYR A 1 40  ? -1.963  -6.749  -6.142  1.00 23.27 ? 40  TYR A CE2 1 
ATOM   288 C  CZ  . TYR A 1 40  ? -3.228  -6.842  -6.704  1.00 23.83 ? 40  TYR A CZ  1 
ATOM   289 O  OH  . TYR A 1 40  ? -3.558  -7.939  -7.476  1.00 24.32 ? 40  TYR A OH  1 
ATOM   290 N  N   . ALA A 1 41  ? -2.650  -0.398  -3.659  1.00 21.63 ? 41  ALA A N   1 
ATOM   291 C  CA  . ALA A 1 41  ? -2.433  0.734   -2.767  1.00 22.48 ? 41  ALA A CA  1 
ATOM   292 C  C   . ALA A 1 41  ? -3.380  0.688   -1.579  1.00 21.97 ? 41  ALA A C   1 
ATOM   293 O  O   . ALA A 1 41  ? -4.547  0.317   -1.710  1.00 21.38 ? 41  ALA A O   1 
ATOM   294 C  CB  . ALA A 1 41  ? -2.611  2.047   -3.524  1.00 23.81 ? 41  ALA A CB  1 
ATOM   295 N  N   . THR A 1 42  ? -2.860  1.060   -0.414  1.00 21.05 ? 42  THR A N   1 
ATOM   296 C  CA  . THR A 1 42  ? -3.643  1.090   0.812   1.00 20.36 ? 42  THR A CA  1 
ATOM   297 C  C   . THR A 1 42  ? -3.126  2.284   1.601   1.00 19.77 ? 42  THR A C   1 
ATOM   298 O  O   . THR A 1 42  ? -2.180  2.950   1.177   1.00 19.62 ? 42  THR A O   1 
ATOM   299 C  CB  . THR A 1 42  ? -3.394  -0.157  1.687   1.00 21.68 ? 42  THR A CB  1 
ATOM   300 O  OG1 . THR A 1 42  ? -2.054  -0.117  2.193   1.00 22.08 ? 42  THR A OG1 1 
ATOM   301 C  CG2 . THR A 1 42  ? -3.583  -1.444  0.883   1.00 23.28 ? 42  THR A CG2 1 
ATOM   302 N  N   . GLU A 1 43  ? -3.749  2.558   2.740   1.00 20.56 ? 43  GLU A N   1 
ATOM   303 C  CA  . GLU A 1 43  ? -3.270  3.627   3.599   1.00 21.87 ? 43  GLU A CA  1 
ATOM   304 C  C   . GLU A 1 43  ? -1.912  3.073   4.025   1.00 21.34 ? 43  GLU A C   1 
ATOM   305 O  O   . GLU A 1 43  ? -1.761  1.860   4.162   1.00 19.68 ? 43  GLU A O   1 
ATOM   306 C  CB  . GLU A 1 43  ? -4.169  3.775   4.825   1.00 24.97 ? 43  GLU A CB  1 
ATOM   307 C  CG  . GLU A 1 43  ? -5.634  4.018   4.497   1.00 31.32 ? 43  GLU A CG  1 
ATOM   308 C  CD  . GLU A 1 43  ? -6.504  4.058   5.734   1.00 36.04 ? 43  GLU A CD  1 
ATOM   309 O  OE1 . GLU A 1 43  ? -6.663  3.008   6.397   1.00 36.52 ? 43  GLU A OE1 1 
ATOM   310 O  OE2 . GLU A 1 43  ? -7.030  5.147   6.046   1.00 41.92 ? 43  GLU A OE2 1 
ATOM   311 N  N   . ASP A 1 44  ? -0.928  3.940   4.214   1.00 21.05 ? 44  ASP A N   1 
ATOM   312 C  CA  . ASP A 1 44  ? 0.395   3.487   4.619   1.00 19.97 ? 44  ASP A CA  1 
ATOM   313 C  C   . ASP A 1 44  ? 0.470   3.188   6.112   1.00 19.09 ? 44  ASP A C   1 
ATOM   314 O  O   . ASP A 1 44  ? 1.321   2.421   6.556   1.00 20.70 ? 44  ASP A O   1 
ATOM   315 C  CB  . ASP A 1 44  ? 1.440   4.547   4.271   1.00 21.22 ? 44  ASP A CB  1 
ATOM   316 C  CG  . ASP A 1 44  ? 2.840   4.136   4.681   1.00 22.67 ? 44  ASP A CG  1 
ATOM   317 O  OD1 . ASP A 1 44  ? 3.350   3.147   4.118   1.00 20.41 ? 44  ASP A OD1 1 
ATOM   318 O  OD2 . ASP A 1 44  ? 3.423   4.796   5.573   1.00 22.14 ? 44  ASP A OD2 1 
ATOM   319 N  N   . THR A 1 45  ? -0.429  3.783   6.886   1.00 18.36 ? 45  THR A N   1 
ATOM   320 C  CA  . THR A 1 45  ? -0.419  3.595   8.330   1.00 18.65 ? 45  THR A CA  1 
ATOM   321 C  C   . THR A 1 45  ? -1.193  2.372   8.807   1.00 18.50 ? 45  THR A C   1 
ATOM   322 O  O   . THR A 1 45  ? -2.357  2.174   8.450   1.00 18.75 ? 45  THR A O   1 
ATOM   323 C  CB  . THR A 1 45  ? -0.977  4.845   9.044   1.00 18.22 ? 45  THR A CB  1 
ATOM   324 O  OG1 . THR A 1 45  ? -0.364  6.019   8.490   1.00 19.80 ? 45  THR A OG1 1 
ATOM   325 C  CG2 . THR A 1 45  ? -0.684  4.784   10.542  1.00 18.68 ? 45  THR A CG2 1 
ATOM   326 N  N   . CYS A 1 46  ? -0.535  1.552   9.622   1.00 17.19 ? 46  CYS A N   1 
ATOM   327 C  CA  . CYS A 1 46  ? -1.161  0.354   10.173  1.00 16.61 ? 46  CYS A CA  1 
ATOM   328 C  C   . CYS A 1 46  ? -2.368  0.789   10.994  1.00 17.36 ? 46  CYS A C   1 
ATOM   329 O  O   . CYS A 1 46  ? -2.337  1.834   11.651  1.00 16.68 ? 46  CYS A O   1 
ATOM   330 C  CB  . CYS A 1 46  ? -0.173  -0.392  11.070  1.00 15.95 ? 46  CYS A CB  1 
ATOM   331 S  SG  . CYS A 1 46  ? -0.824  -1.928  11.765  1.00 17.03 ? 46  CYS A SG  1 
ATOM   332 N  N   . THR A 1 47  ? -3.432  -0.008  10.969  1.00 17.51 ? 47  THR A N   1 
ATOM   333 C  CA  . THR A 1 47  ? -4.636  0.337   11.712  1.00 18.02 ? 47  THR A CA  1 
ATOM   334 C  C   . THR A 1 47  ? -4.539  -0.050  13.183  1.00 17.80 ? 47  THR A C   1 
ATOM   335 O  O   . THR A 1 47  ? -5.389  0.330   13.989  1.00 17.67 ? 47  THR A O   1 
ATOM   336 C  CB  . THR A 1 47  ? -5.878  -0.344  11.108  1.00 17.05 ? 47  THR A CB  1 
ATOM   337 O  OG1 . THR A 1 47  ? -5.711  -1.767  11.145  1.00 17.10 ? 47  THR A OG1 1 
ATOM   338 C  CG2 . THR A 1 47  ? -6.076  0.106   9.671   1.00 18.35 ? 47  THR A CG2 1 
ATOM   339 N  N   . HIS A 1 48  ? -3.493  -0.793  13.533  1.00 17.61 ? 48  HIS A N   1 
ATOM   340 C  CA  . HIS A 1 48  ? -3.308  -1.240  14.908  1.00 17.93 ? 48  HIS A CA  1 
ATOM   341 C  C   . HIS A 1 48  ? -2.386  -0.330  15.725  1.00 19.22 ? 48  HIS A C   1 
ATOM   342 O  O   . HIS A 1 48  ? -2.340  -0.421  16.950  1.00 18.72 ? 48  HIS A O   1 
ATOM   343 C  CB  . HIS A 1 48  ? -2.761  -2.669  14.907  1.00 17.29 ? 48  HIS A CB  1 
ATOM   344 C  CG  . HIS A 1 48  ? -2.526  -3.233  16.272  1.00 20.40 ? 48  HIS A CG  1 
ATOM   345 N  ND1 . HIS A 1 48  ? -1.263  -3.441  16.783  1.00 19.81 ? 48  HIS A ND1 1 
ATOM   346 C  CD2 . HIS A 1 48  ? -3.392  -3.644  17.229  1.00 19.89 ? 48  HIS A CD2 1 
ATOM   347 C  CE1 . HIS A 1 48  ? -1.361  -3.957  17.996  1.00 20.32 ? 48  HIS A CE1 1 
ATOM   348 N  NE2 . HIS A 1 48  ? -2.642  -4.090  18.290  1.00 21.26 ? 48  HIS A NE2 1 
ATOM   349 N  N   . GLY A 1 49  ? -1.655  0.547   15.050  1.00 19.94 ? 49  GLY A N   1 
ATOM   350 C  CA  . GLY A 1 49  ? -0.767  1.444   15.769  1.00 21.34 ? 49  GLY A CA  1 
ATOM   351 C  C   . GLY A 1 49  ? -0.083  2.426   14.846  1.00 21.57 ? 49  GLY A C   1 
ATOM   352 O  O   . GLY A 1 49  ? -0.235  2.344   13.629  1.00 21.00 ? 49  GLY A O   1 
ATOM   353 N  N   . ILE A 1 50  ? 0.675   3.356   15.421  1.00 22.33 ? 50  ILE A N   1 
ATOM   354 C  CA  . ILE A 1 50  ? 1.381   4.352   14.621  1.00 23.19 ? 50  ILE A CA  1 
ATOM   355 C  C   . ILE A 1 50  ? 2.610   3.711   13.994  1.00 22.87 ? 50  ILE A C   1 
ATOM   356 O  O   . ILE A 1 50  ? 3.728   3.847   14.492  1.00 22.52 ? 50  ILE A O   1 
ATOM   357 C  CB  . ILE A 1 50  ? 1.811   5.557   15.481  1.00 26.73 ? 50  ILE A CB  1 
ATOM   358 C  CG1 . ILE A 1 50  ? 0.590   6.149   16.190  1.00 29.99 ? 50  ILE A CG1 1 
ATOM   359 C  CG2 . ILE A 1 50  ? 2.461   6.617   14.604  1.00 27.30 ? 50  ILE A CG2 1 
ATOM   360 C  CD1 . ILE A 1 50  ? -0.500  6.628   15.256  1.00 36.03 ? 50  ILE A CD1 1 
ATOM   361 N  N   . ALA A 1 51  ? 2.393   3.009   12.889  1.00 17.87 ? 51  ALA A N   1 
ATOM   362 C  CA  . ALA A 1 51  ? 3.472   2.319   12.207  1.00 17.36 ? 51  ALA A CA  1 
ATOM   363 C  C   . ALA A 1 51  ? 3.312   2.421   10.696  1.00 17.33 ? 51  ALA A C   1 
ATOM   364 O  O   . ALA A 1 51  ? 2.191   2.386   10.176  1.00 15.55 ? 51  ALA A O   1 
ATOM   365 C  CB  . ALA A 1 51  ? 3.488   0.846   12.634  1.00 16.81 ? 51  ALA A CB  1 
ATOM   366 N  N   . SER A 1 52  ? 4.436   2.547   9.999   1.00 17.78 ? 52  SER A N   1 
ATOM   367 C  CA  . SER A 1 52  ? 4.426   2.658   8.546   1.00 19.64 ? 52  SER A CA  1 
ATOM   368 C  C   . SER A 1 52  ? 4.540   1.290   7.882   1.00 19.33 ? 52  SER A C   1 
ATOM   369 O  O   . SER A 1 52  ? 5.537   0.585   8.050   1.00 19.24 ? 52  SER A O   1 
ATOM   370 C  CB  . SER A 1 52  ? 5.575   3.549   8.072   1.00 20.37 ? 52  SER A CB  1 
ATOM   371 O  OG  . SER A 1 52  ? 5.645   3.552   6.654   1.00 24.77 ? 52  SER A OG  1 
ATOM   372 N  N   . LEU A 1 53  ? 3.517   0.914   7.124   1.00 18.31 ? 53  LEU A N   1 
ATOM   373 C  CA  . LEU A 1 53  ? 3.527   -0.376  6.448   1.00 18.46 ? 53  LEU A CA  1 
ATOM   374 C  C   . LEU A 1 53  ? 4.580   -0.431  5.340   1.00 19.09 ? 53  LEU A C   1 
ATOM   375 O  O   . LEU A 1 53  ? 5.098   -1.507  5.027   1.00 20.03 ? 53  LEU A O   1 
ATOM   376 C  CB  . LEU A 1 53  ? 2.134   -0.685  5.885   1.00 16.50 ? 53  LEU A CB  1 
ATOM   377 C  CG  . LEU A 1 53  ? 1.048   -0.851  6.955   1.00 16.82 ? 53  LEU A CG  1 
ATOM   378 C  CD1 . LEU A 1 53  ? -0.313  -1.079  6.284   1.00 16.67 ? 53  LEU A CD1 1 
ATOM   379 C  CD2 . LEU A 1 53  ? 1.399   -2.033  7.860   1.00 18.56 ? 53  LEU A CD2 1 
ATOM   380 N  N   . SER A 1 54  ? 4.910   0.717   4.751   1.00 18.96 ? 54  SER A N   1 
ATOM   381 C  CA  . SER A 1 54  ? 5.923   0.733   3.700   1.00 19.77 ? 54  SER A CA  1 
ATOM   382 C  C   . SER A 1 54  ? 7.304   0.449   4.297   1.00 20.06 ? 54  SER A C   1 
ATOM   383 O  O   . SER A 1 54  ? 8.274   0.249   3.570   1.00 19.20 ? 54  SER A O   1 
ATOM   384 C  CB  . SER A 1 54  ? 5.924   2.072   2.948   1.00 22.05 ? 54  SER A CB  1 
ATOM   385 O  OG  . SER A 1 54  ? 6.049   3.172   3.826   1.00 26.07 ? 54  SER A OG  1 
ATOM   386 N  N   . GLU A 1 55  ? 7.384   0.434   5.624   1.00 19.04 ? 55  GLU A N   1 
ATOM   387 C  CA  . GLU A 1 55  ? 8.636   0.129   6.311   1.00 20.27 ? 55  GLU A CA  1 
ATOM   388 C  C   . GLU A 1 55  ? 8.586   -1.335  6.748   1.00 21.40 ? 55  GLU A C   1 
ATOM   389 O  O   . GLU A 1 55  ? 9.510   -1.843  7.386   1.00 21.97 ? 55  GLU A O   1 
ATOM   390 C  CB  . GLU A 1 55  ? 8.817   1.024   7.539   1.00 21.79 ? 55  GLU A CB  1 
ATOM   391 C  CG  . GLU A 1 55  ? 9.230   2.460   7.232   1.00 22.22 ? 55  GLU A CG  1 
ATOM   392 C  CD  . GLU A 1 55  ? 10.668  2.567   6.756   1.00 20.82 ? 55  GLU A CD  1 
ATOM   393 O  OE1 . GLU A 1 55  ? 11.393  1.550   6.806   1.00 18.13 ? 55  GLU A OE1 1 
ATOM   394 O  OE2 . GLU A 1 55  ? 11.075  3.672   6.345   1.00 21.55 ? 55  GLU A OE2 1 
ATOM   395 N  N   . GLY A 1 56  ? 7.496   -2.007  6.398   1.00 19.62 ? 56  GLY A N   1 
ATOM   396 C  CA  . GLY A 1 56  ? 7.337   -3.403  6.758   1.00 20.21 ? 56  GLY A CA  1 
ATOM   397 C  C   . GLY A 1 56  ? 7.921   -4.354  5.734   1.00 21.09 ? 56  GLY A C   1 
ATOM   398 O  O   . GLY A 1 56  ? 8.808   -3.987  4.958   1.00 21.52 ? 56  GLY A O   1 
ATOM   399 N  N   . THR A 1 57  ? 7.405   -5.580  5.722   1.00 21.62 ? 57  THR A N   1 
ATOM   400 C  CA  . THR A 1 57  ? 7.880   -6.613  4.812   1.00 21.95 ? 57  THR A CA  1 
ATOM   401 C  C   . THR A 1 57  ? 6.758   -7.107  3.908   1.00 21.65 ? 57  THR A C   1 
ATOM   402 O  O   . THR A 1 57  ? 5.756   -7.627  4.389   1.00 21.26 ? 57  THR A O   1 
ATOM   403 C  CB  . THR A 1 57  ? 8.425   -7.824  5.601   1.00 23.87 ? 57  THR A CB  1 
ATOM   404 O  OG1 . THR A 1 57  ? 9.415   -7.378  6.537   1.00 26.78 ? 57  THR A OG1 1 
ATOM   405 C  CG2 . THR A 1 57  ? 9.050   -8.850  4.651   1.00 23.29 ? 57  THR A CG2 1 
ATOM   406 N  N   . LEU A 1 58  ? 6.926   -6.942  2.602   1.00 18.87 ? 58  LEU A N   1 
ATOM   407 C  CA  . LEU A 1 58  ? 5.917   -7.409  1.665   1.00 22.74 ? 58  LEU A CA  1 
ATOM   408 C  C   . LEU A 1 58  ? 6.250   -8.853  1.299   1.00 23.10 ? 58  LEU A C   1 
ATOM   409 O  O   . LEU A 1 58  ? 7.276   -9.118  0.678   1.00 23.30 ? 58  LEU A O   1 
ATOM   410 C  CB  . LEU A 1 58  ? 5.905   -6.546  0.399   1.00 20.77 ? 58  LEU A CB  1 
ATOM   411 C  CG  . LEU A 1 58  ? 4.854   -6.926  -0.658  1.00 21.63 ? 58  LEU A CG  1 
ATOM   412 C  CD1 . LEU A 1 58  ? 3.452   -6.796  -0.070  1.00 19.43 ? 58  LEU A CD1 1 
ATOM   413 C  CD2 . LEU A 1 58  ? 5.004   -6.027  -1.870  1.00 22.39 ? 58  LEU A CD2 1 
ATOM   414 N  N   . ASP A 1 59  ? 5.392   -9.777  1.715   1.00 22.46 ? 59  ASP A N   1 
ATOM   415 C  CA  . ASP A 1 59  ? 5.579   -11.196 1.428   1.00 23.89 ? 59  ASP A CA  1 
ATOM   416 C  C   . ASP A 1 59  ? 4.431   -11.600 0.512   1.00 23.70 ? 59  ASP A C   1 
ATOM   417 O  O   . ASP A 1 59  ? 3.306   -11.820 0.973   1.00 23.13 ? 59  ASP A O   1 
ATOM   418 C  CB  . ASP A 1 59  ? 5.521   -12.010 2.721   1.00 25.43 ? 59  ASP A CB  1 
ATOM   419 C  CG  . ASP A 1 59  ? 5.924   -13.455 2.517   1.00 26.33 ? 59  ASP A CG  1 
ATOM   420 O  OD1 . ASP A 1 59  ? 5.467   -14.072 1.534   1.00 27.48 ? 59  ASP A OD1 1 
ATOM   421 O  OD2 . ASP A 1 59  ? 6.695   -13.979 3.345   1.00 30.62 ? 59  ASP A OD2 1 
ATOM   422 N  N   . GLY A 1 60  ? 4.711   -11.699 -0.783  1.00 23.01 ? 60  GLY A N   1 
ATOM   423 C  CA  . GLY A 1 60  ? 3.664   -12.033 -1.729  1.00 23.64 ? 60  GLY A CA  1 
ATOM   424 C  C   . GLY A 1 60  ? 2.798   -10.795 -1.844  1.00 23.14 ? 60  GLY A C   1 
ATOM   425 O  O   . GLY A 1 60  ? 3.278   -9.739  -2.265  1.00 22.60 ? 60  GLY A O   1 
ATOM   426 N  N   . ASP A 1 61  ? 1.528   -10.911 -1.472  1.00 20.85 ? 61  ASP A N   1 
ATOM   427 C  CA  . ASP A 1 61  ? 0.631   -9.765  -1.514  1.00 21.49 ? 61  ASP A CA  1 
ATOM   428 C  C   . ASP A 1 61  ? 0.142   -9.435  -0.109  1.00 19.78 ? 61  ASP A C   1 
ATOM   429 O  O   . ASP A 1 61  ? -0.917  -8.839  0.069   1.00 20.31 ? 61  ASP A O   1 
ATOM   430 C  CB  . ASP A 1 61  ? -0.556  -10.021 -2.448  1.00 21.21 ? 61  ASP A CB  1 
ATOM   431 C  CG  . ASP A 1 61  ? -1.367  -11.230 -2.050  1.00 21.83 ? 61  ASP A CG  1 
ATOM   432 O  OD1 . ASP A 1 61  ? -0.991  -11.916 -1.081  1.00 22.43 ? 61  ASP A OD1 1 
ATOM   433 O  OD2 . ASP A 1 61  ? -2.390  -11.494 -2.716  1.00 24.02 ? 61  ASP A OD2 1 
ATOM   434 N  N   . VAL A 1 62  ? 0.923   -9.832  0.888   1.00 19.76 ? 62  VAL A N   1 
ATOM   435 C  CA  . VAL A 1 62  ? 0.589   -9.551  2.280   1.00 19.94 ? 62  VAL A CA  1 
ATOM   436 C  C   . VAL A 1 62  ? 1.683   -8.662  2.856   1.00 21.31 ? 62  VAL A C   1 
ATOM   437 O  O   . VAL A 1 62  ? 2.865   -9.015  2.812   1.00 21.57 ? 62  VAL A O   1 
ATOM   438 C  CB  . VAL A 1 62  ? 0.489   -10.848 3.125   1.00 20.26 ? 62  VAL A CB  1 
ATOM   439 C  CG1 . VAL A 1 62  ? 0.479   -10.505 4.625   1.00 20.50 ? 62  VAL A CG1 1 
ATOM   440 C  CG2 . VAL A 1 62  ? -0.786  -11.604 2.772   1.00 22.00 ? 62  VAL A CG2 1 
ATOM   441 N  N   . ILE A 1 63  ? 1.297   -7.497  3.368   1.00 19.92 ? 63  ILE A N   1 
ATOM   442 C  CA  . ILE A 1 63  ? 2.269   -6.587  3.956   1.00 19.44 ? 63  ILE A CA  1 
ATOM   443 C  C   . ILE A 1 63  ? 2.326   -6.845  5.458   1.00 20.08 ? 63  ILE A C   1 
ATOM   444 O  O   . ILE A 1 63  ? 1.307   -6.804  6.148   1.00 19.70 ? 63  ILE A O   1 
ATOM   445 C  CB  . ILE A 1 63  ? 1.908   -5.098  3.685   1.00 18.54 ? 63  ILE A CB  1 
ATOM   446 C  CG1 . ILE A 1 63  ? 2.964   -4.182  4.316   1.00 17.60 ? 63  ILE A CG1 1 
ATOM   447 C  CG2 . ILE A 1 63  ? 0.522   -4.777  4.229   1.00 16.84 ? 63  ILE A CG2 1 
ATOM   448 C  CD1 . ILE A 1 63  ? 4.332   -4.296  3.679   1.00 17.18 ? 63  ILE A CD1 1 
ATOM   449 N  N   . GLU A 1 64  ? 3.523   -7.146  5.951   1.00 19.05 ? 64  GLU A N   1 
ATOM   450 C  CA  . GLU A 1 64  ? 3.723   -7.405  7.367   1.00 19.08 ? 64  GLU A CA  1 
ATOM   451 C  C   . GLU A 1 64  ? 4.144   -6.116  8.043   1.00 18.52 ? 64  GLU A C   1 
ATOM   452 O  O   . GLU A 1 64  ? 5.123   -5.486  7.637   1.00 18.39 ? 64  GLU A O   1 
ATOM   453 C  CB  . GLU A 1 64  ? 4.822   -8.443  7.577   1.00 20.68 ? 64  GLU A CB  1 
ATOM   454 C  CG  . GLU A 1 64  ? 4.555   -9.785  6.937   1.00 26.77 ? 64  GLU A CG  1 
ATOM   455 C  CD  . GLU A 1 64  ? 5.719   -10.735 7.127   1.00 31.63 ? 64  GLU A CD  1 
ATOM   456 O  OE1 . GLU A 1 64  ? 6.053   -11.042 8.293   1.00 35.68 ? 64  GLU A OE1 1 
ATOM   457 O  OE2 . GLU A 1 64  ? 6.302   -11.166 6.116   1.00 33.06 ? 64  GLU A OE2 1 
ATOM   458 N  N   . CYS A 1 65  ? 3.407   -5.732  9.075   1.00 17.99 ? 65  CYS A N   1 
ATOM   459 C  CA  . CYS A 1 65  ? 3.709   -4.519  9.817   1.00 18.37 ? 65  CYS A CA  1 
ATOM   460 C  C   . CYS A 1 65  ? 5.048   -4.676  10.537  1.00 18.70 ? 65  CYS A C   1 
ATOM   461 O  O   . CYS A 1 65  ? 5.449   -5.785  10.895  1.00 17.41 ? 65  CYS A O   1 
ATOM   462 C  CB  . CYS A 1 65  ? 2.603   -4.254  10.842  1.00 16.71 ? 65  CYS A CB  1 
ATOM   463 S  SG  . CYS A 1 65  ? 2.831   -2.782  11.880  1.00 17.94 ? 65  CYS A SG  1 
ATOM   464 N  N   . PRO A 1 66  ? 5.768   -3.566  10.735  1.00 19.07 ? 66  PRO A N   1 
ATOM   465 C  CA  . PRO A 1 66  ? 7.058   -3.627  11.426  1.00 17.70 ? 66  PRO A CA  1 
ATOM   466 C  C   . PRO A 1 66  ? 6.892   -4.117  12.864  1.00 17.42 ? 66  PRO A C   1 
ATOM   467 O  O   . PRO A 1 66  ? 7.869   -4.468  13.523  1.00 17.92 ? 66  PRO A O   1 
ATOM   468 C  CB  . PRO A 1 66  ? 7.535   -2.176  11.385  1.00 20.07 ? 66  PRO A CB  1 
ATOM   469 C  CG  . PRO A 1 66  ? 6.962   -1.672  10.112  1.00 22.17 ? 66  PRO A CG  1 
ATOM   470 C  CD  . PRO A 1 66  ? 5.564   -2.243  10.119  1.00 17.93 ? 66  PRO A CD  1 
ATOM   471 N  N   . PHE A 1 67  ? 5.652   -4.142  13.349  1.00 16.71 ? 67  PHE A N   1 
ATOM   472 C  CA  . PHE A 1 67  ? 5.399   -4.556  14.725  1.00 16.90 ? 67  PHE A CA  1 
ATOM   473 C  C   . PHE A 1 67  ? 4.364   -5.652  14.937  1.00 18.74 ? 67  PHE A C   1 
ATOM   474 O  O   . PHE A 1 67  ? 3.548   -5.946  14.063  1.00 16.88 ? 67  PHE A O   1 
ATOM   475 C  CB  . PHE A 1 67  ? 4.941   -3.350  15.547  1.00 16.38 ? 67  PHE A CB  1 
ATOM   476 C  CG  . PHE A 1 67  ? 5.853   -2.169  15.447  1.00 18.51 ? 67  PHE A CG  1 
ATOM   477 C  CD1 . PHE A 1 67  ? 7.093   -2.181  16.073  1.00 18.26 ? 67  PHE A CD1 1 
ATOM   478 C  CD2 . PHE A 1 67  ? 5.487   -1.059  14.696  1.00 19.02 ? 67  PHE A CD2 1 
ATOM   479 C  CE1 . PHE A 1 67  ? 7.966   -1.098  15.948  1.00 20.24 ? 67  PHE A CE1 1 
ATOM   480 C  CE2 . PHE A 1 67  ? 6.349   0.029   14.561  1.00 20.42 ? 67  PHE A CE2 1 
ATOM   481 C  CZ  . PHE A 1 67  ? 7.594   0.008   15.191  1.00 21.25 ? 67  PHE A CZ  1 
ATOM   482 N  N   . HIS A 1 68  ? 4.434   -6.245  16.129  1.00 18.38 ? 68  HIS A N   1 
ATOM   483 C  CA  . HIS A 1 68  ? 3.480   -7.237  16.613  1.00 19.33 ? 68  HIS A CA  1 
ATOM   484 C  C   . HIS A 1 68  ? 3.173   -8.488  15.797  1.00 19.81 ? 68  HIS A C   1 
ATOM   485 O  O   . HIS A 1 68  ? 2.429   -9.350  16.264  1.00 20.36 ? 68  HIS A O   1 
ATOM   486 C  CB  . HIS A 1 68  ? 2.161   -6.512  16.903  1.00 20.04 ? 68  HIS A CB  1 
ATOM   487 C  CG  . HIS A 1 68  ? 2.332   -5.244  17.682  1.00 22.12 ? 68  HIS A CG  1 
ATOM   488 N  ND1 . HIS A 1 68  ? 1.775   -4.047  17.287  1.00 20.39 ? 68  HIS A ND1 1 
ATOM   489 C  CD2 . HIS A 1 68  ? 2.988   -4.990  18.839  1.00 21.48 ? 68  HIS A CD2 1 
ATOM   490 C  CE1 . HIS A 1 68  ? 2.080   -3.109  18.168  1.00 21.62 ? 68  HIS A CE1 1 
ATOM   491 N  NE2 . HIS A 1 68  ? 2.815   -3.656  19.120  1.00 22.92 ? 68  HIS A NE2 1 
ATOM   492 N  N   . GLY A 1 69  ? 3.724   -8.594  14.598  1.00 19.54 ? 69  GLY A N   1 
ATOM   493 C  CA  . GLY A 1 69  ? 3.427   -9.750  13.772  1.00 20.88 ? 69  GLY A CA  1 
ATOM   494 C  C   . GLY A 1 69  ? 2.120   -9.528  13.027  1.00 21.96 ? 69  GLY A C   1 
ATOM   495 O  O   . GLY A 1 69  ? 1.553   -10.460 12.453  1.00 21.74 ? 69  GLY A O   1 
ATOM   496 N  N   . GLY A 1 70  ? 1.636   -8.289  13.039  1.00 19.92 ? 70  GLY A N   1 
ATOM   497 C  CA  . GLY A 1 70  ? 0.401   -7.974  12.340  1.00 17.93 ? 70  GLY A CA  1 
ATOM   498 C  C   . GLY A 1 70  ? 0.635   -7.943  10.841  1.00 17.90 ? 70  GLY A C   1 
ATOM   499 O  O   . GLY A 1 70  ? 1.770   -7.797  10.386  1.00 18.24 ? 70  GLY A O   1 
ATOM   500 N  N   . ALA A 1 71  ? -0.434  -8.076  10.061  1.00 15.90 ? 71  ALA A N   1 
ATOM   501 C  CA  . ALA A 1 71  ? -0.303  -8.065  8.613   1.00 16.55 ? 71  ALA A CA  1 
ATOM   502 C  C   . ALA A 1 71  ? -1.645  -7.858  7.933   1.00 17.05 ? 71  ALA A C   1 
ATOM   503 O  O   . ALA A 1 71  ? -2.699  -8.138  8.515   1.00 18.02 ? 71  ALA A O   1 
ATOM   504 C  CB  . ALA A 1 71  ? 0.321   -9.376  8.135   1.00 17.03 ? 71  ALA A CB  1 
ATOM   505 N  N   . PHE A 1 72  ? -1.591  -7.369  6.697   1.00 17.46 ? 72  PHE A N   1 
ATOM   506 C  CA  . PHE A 1 72  ? -2.789  -7.120  5.902   1.00 18.65 ? 72  PHE A CA  1 
ATOM   507 C  C   . PHE A 1 72  ? -2.588  -7.603  4.480   1.00 18.27 ? 72  PHE A C   1 
ATOM   508 O  O   . PHE A 1 72  ? -1.462  -7.692  3.994   1.00 18.19 ? 72  PHE A O   1 
ATOM   509 C  CB  . PHE A 1 72  ? -3.110  -5.621  5.800   1.00 18.87 ? 72  PHE A CB  1 
ATOM   510 C  CG  . PHE A 1 72  ? -3.267  -4.929  7.117   1.00 19.30 ? 72  PHE A CG  1 
ATOM   511 C  CD1 . PHE A 1 72  ? -2.153  -4.489  7.823   1.00 18.75 ? 72  PHE A CD1 1 
ATOM   512 C  CD2 . PHE A 1 72  ? -4.534  -4.689  7.642   1.00 18.45 ? 72  PHE A CD2 1 
ATOM   513 C  CE1 . PHE A 1 72  ? -2.297  -3.816  9.034   1.00 19.51 ? 72  PHE A CE1 1 
ATOM   514 C  CE2 . PHE A 1 72  ? -4.687  -4.019  8.852   1.00 19.26 ? 72  PHE A CE2 1 
ATOM   515 C  CZ  . PHE A 1 72  ? -3.566  -3.581  9.548   1.00 19.15 ? 72  PHE A CZ  1 
ATOM   516 N  N   . ASN A 1 73  ? -3.696  -7.906  3.812   1.00 19.03 ? 73  ASN A N   1 
ATOM   517 C  CA  . ASN A 1 73  ? -3.646  -8.300  2.417   1.00 18.56 ? 73  ASN A CA  1 
ATOM   518 C  C   . ASN A 1 73  ? -3.684  -6.943  1.717   1.00 19.25 ? 73  ASN A C   1 
ATOM   519 O  O   . ASN A 1 73  ? -4.531  -6.109  2.041   1.00 19.90 ? 73  ASN A O   1 
ATOM   520 C  CB  . ASN A 1 73  ? -4.877  -9.136  2.056   1.00 18.97 ? 73  ASN A CB  1 
ATOM   521 C  CG  . ASN A 1 73  ? -4.916  -9.500  0.591   1.00 20.05 ? 73  ASN A CG  1 
ATOM   522 O  OD1 . ASN A 1 73  ? -5.252  -8.675  -0.253  1.00 20.99 ? 73  ASN A OD1 1 
ATOM   523 N  ND2 . ASN A 1 73  ? -4.552  -10.736 0.278   1.00 21.12 ? 73  ASN A ND2 1 
ATOM   524 N  N   . VAL A 1 74  ? -2.769  -6.700  0.782   1.00 19.07 ? 74  VAL A N   1 
ATOM   525 C  CA  . VAL A 1 74  ? -2.732  -5.405  0.109   1.00 19.87 ? 74  VAL A CA  1 
ATOM   526 C  C   . VAL A 1 74  ? -3.805  -5.199  -0.954  1.00 22.28 ? 74  VAL A C   1 
ATOM   527 O  O   . VAL A 1 74  ? -4.066  -4.068  -1.356  1.00 21.57 ? 74  VAL A O   1 
ATOM   528 C  CB  . VAL A 1 74  ? -1.345  -5.132  -0.522  1.00 20.06 ? 74  VAL A CB  1 
ATOM   529 C  CG1 . VAL A 1 74  ? -0.266  -5.196  0.556   1.00 19.77 ? 74  VAL A CG1 1 
ATOM   530 C  CG2 . VAL A 1 74  ? -1.059  -6.124  -1.640  1.00 19.47 ? 74  VAL A CG2 1 
ATOM   531 N  N   . CYS A 1 75  ? -4.429  -6.284  -1.401  1.00 23.21 ? 75  CYS A N   1 
ATOM   532 C  CA  . CYS A 1 75  ? -5.475  -6.182  -2.417  1.00 23.99 ? 75  CYS A CA  1 
ATOM   533 C  C   . CYS A 1 75  ? -6.802  -5.757  -1.806  1.00 22.92 ? 75  CYS A C   1 
ATOM   534 O  O   . CYS A 1 75  ? -7.512  -4.912  -2.357  1.00 24.50 ? 75  CYS A O   1 
ATOM   535 C  CB  . CYS A 1 75  ? -5.698  -7.531  -3.102  1.00 26.87 ? 75  CYS A CB  1 
ATOM   536 S  SG  . CYS A 1 75  ? -4.217  -8.374  -3.618  1.00 33.16 ? 75  CYS A SG  1 
ATOM   537 N  N   . THR A 1 76  ? -7.131  -6.357  -0.666  1.00 22.01 ? 76  THR A N   1 
ATOM   538 C  CA  . THR A 1 76  ? -8.394  -6.087  0.009   1.00 22.39 ? 76  THR A CA  1 
ATOM   539 C  C   . THR A 1 76  ? -8.293  -5.184  1.232   1.00 23.26 ? 76  THR A C   1 
ATOM   540 O  O   . THR A 1 76  ? -9.306  -4.648  1.686   1.00 21.78 ? 76  THR A O   1 
ATOM   541 C  CB  . THR A 1 76  ? -9.048  -7.394  0.470   1.00 22.00 ? 76  THR A CB  1 
ATOM   542 O  OG1 . THR A 1 76  ? -8.249  -7.979  1.506   1.00 20.37 ? 76  THR A OG1 1 
ATOM   543 C  CG2 . THR A 1 76  ? -9.163  -8.383  -0.698  1.00 22.57 ? 76  THR A CG2 1 
ATOM   544 N  N   . GLY A 1 77  ? -7.085  -5.032  1.768   1.00 22.09 ? 77  GLY A N   1 
ATOM   545 C  CA  . GLY A 1 77  ? -6.895  -4.211  2.954   1.00 21.10 ? 77  GLY A CA  1 
ATOM   546 C  C   . GLY A 1 77  ? -7.299  -4.933  4.229   1.00 21.66 ? 77  GLY A C   1 
ATOM   547 O  O   . GLY A 1 77  ? -7.191  -4.390  5.331   1.00 21.31 ? 77  GLY A O   1 
ATOM   548 N  N   . MET A 1 78  ? -7.757  -6.172  4.084   1.00 22.05 ? 78  MET A N   1 
ATOM   549 C  CA  . MET A 1 78  ? -8.196  -6.968  5.224   1.00 22.16 ? 78  MET A CA  1 
ATOM   550 C  C   . MET A 1 78  ? -7.037  -7.509  6.055   1.00 21.29 ? 78  MET A C   1 
ATOM   551 O  O   . MET A 1 78  ? -5.973  -7.826  5.523   1.00 20.87 ? 78  MET A O   1 
ATOM   552 C  CB  . MET A 1 78  ? -9.048  -8.145  4.741   1.00 23.71 ? 78  MET A CB  1 
ATOM   553 C  CG  . MET A 1 78  ? -10.344 -7.751  4.037   1.00 26.19 ? 78  MET A CG  1 
ATOM   554 S  SD  . MET A 1 78  ? -11.500 -6.885  5.120   1.00 28.82 ? 78  MET A SD  1 
ATOM   555 C  CE  . MET A 1 78  ? -12.053 -8.206  6.158   1.00 28.71 ? 78  MET A CE  1 
ATOM   556 N  N   . PRO A 1 79  ? -7.231  -7.618  7.379   1.00 21.01 ? 79  PRO A N   1 
ATOM   557 C  CA  . PRO A 1 79  ? -6.179  -8.137  8.257   1.00 21.65 ? 79  PRO A CA  1 
ATOM   558 C  C   . PRO A 1 79  ? -5.824  -9.550  7.807   1.00 24.39 ? 79  PRO A C   1 
ATOM   559 O  O   . PRO A 1 79  ? -6.708  -10.321 7.429   1.00 24.04 ? 79  PRO A O   1 
ATOM   560 C  CB  . PRO A 1 79  ? -6.846  -8.136  9.630   1.00 21.45 ? 79  PRO A CB  1 
ATOM   561 C  CG  . PRO A 1 79  ? -7.789  -6.979  9.541   1.00 22.91 ? 79  PRO A CG  1 
ATOM   562 C  CD  . PRO A 1 79  ? -8.391  -7.164  8.167   1.00 21.15 ? 79  PRO A CD  1 
ATOM   563 N  N   . ALA A 1 80  ? -4.539  -9.884  7.844   1.00 22.76 ? 80  ALA A N   1 
ATOM   564 C  CA  . ALA A 1 80  ? -4.084  -11.212 7.443   1.00 23.61 ? 80  ALA A CA  1 
ATOM   565 C  C   . ALA A 1 80  ? -3.477  -11.934 8.639   1.00 24.12 ? 80  ALA A C   1 
ATOM   566 O  O   . ALA A 1 80  ? -3.249  -13.144 8.598   1.00 25.65 ? 80  ALA A O   1 
ATOM   567 C  CB  . ALA A 1 80  ? -3.060  -11.097 6.321   1.00 23.44 ? 80  ALA A CB  1 
ATOM   568 N  N   . SER A 1 81  ? -3.220  -11.189 9.708   1.00 23.32 ? 81  SER A N   1 
ATOM   569 C  CA  . SER A 1 81  ? -2.649  -11.779 10.909  1.00 22.75 ? 81  SER A CA  1 
ATOM   570 C  C   . SER A 1 81  ? -2.937  -10.943 12.148  1.00 23.72 ? 81  SER A C   1 
ATOM   571 O  O   . SER A 1 81  ? -2.979  -9.714  12.081  1.00 22.26 ? 81  SER A O   1 
ATOM   572 C  CB  . SER A 1 81  ? -1.132  -11.935 10.747  1.00 22.99 ? 81  SER A CB  1 
ATOM   573 O  OG  . SER A 1 81  ? -0.571  -12.624 11.851  0.45 19.31 ? 81  SER A OG  1 
ATOM   574 N  N   . SER A 1 82  ? -3.152  -11.621 13.272  1.00 23.41 ? 82  SER A N   1 
ATOM   575 C  CA  . SER A 1 82  ? -3.394  -10.954 14.545  1.00 23.45 ? 82  SER A CA  1 
ATOM   576 C  C   . SER A 1 82  ? -2.155  -10.097 14.796  1.00 22.28 ? 82  SER A C   1 
ATOM   577 O  O   . SER A 1 82  ? -1.068  -10.427 14.323  1.00 21.89 ? 82  SER A O   1 
ATOM   578 C  CB  . SER A 1 82  ? -3.539  -12.002 15.657  1.00 25.93 ? 82  SER A CB  1 
ATOM   579 O  OG  . SER A 1 82  ? -3.721  -11.393 16.923  1.00 33.21 ? 82  SER A OG  1 
ATOM   580 N  N   . PRO A 1 83  ? -2.284  -9.005  15.565  1.00 21.59 ? 83  PRO A N   1 
ATOM   581 C  CA  . PRO A 1 83  ? -3.471  -8.472  16.240  1.00 20.40 ? 83  PRO A CA  1 
ATOM   582 C  C   . PRO A 1 83  ? -4.338  -7.532  15.401  1.00 20.53 ? 83  PRO A C   1 
ATOM   583 O  O   . PRO A 1 83  ? -5.256  -6.908  15.927  1.00 22.96 ? 83  PRO A O   1 
ATOM   584 C  CB  . PRO A 1 83  ? -2.871  -7.757  17.440  1.00 22.59 ? 83  PRO A CB  1 
ATOM   585 C  CG  . PRO A 1 83  ? -1.638  -7.139  16.833  1.00 20.76 ? 83  PRO A CG  1 
ATOM   586 C  CD  . PRO A 1 83  ? -1.075  -8.262  15.974  1.00 21.06 ? 83  PRO A CD  1 
ATOM   587 N  N   . CYS A 1 84  ? -4.057  -7.425  14.109  1.00 18.66 ? 84  CYS A N   1 
ATOM   588 C  CA  . CYS A 1 84  ? -4.829  -6.528  13.249  1.00 18.31 ? 84  CYS A CA  1 
ATOM   589 C  C   . CYS A 1 84  ? -6.287  -6.962  13.117  1.00 20.78 ? 84  CYS A C   1 
ATOM   590 O  O   . CYS A 1 84  ? -6.570  -8.141  12.926  1.00 19.24 ? 84  CYS A O   1 
ATOM   591 C  CB  . CYS A 1 84  ? -4.174  -6.446  11.870  1.00 19.85 ? 84  CYS A CB  1 
ATOM   592 S  SG  . CYS A 1 84  ? -2.465  -5.852  11.945  1.00 22.39 ? 84  CYS A SG  1 
ATOM   593 N  N   . THR A 1 85  ? -7.207  -6.003  13.224  1.00 20.16 ? 85  THR A N   1 
ATOM   594 C  CA  . THR A 1 85  ? -8.638  -6.290  13.131  1.00 21.71 ? 85  THR A CA  1 
ATOM   595 C  C   . THR A 1 85  ? -9.379  -5.286  12.253  1.00 21.48 ? 85  THR A C   1 
ATOM   596 O  O   . THR A 1 85  ? -10.423 -5.600  11.680  1.00 22.40 ? 85  THR A O   1 
ATOM   597 C  CB  . THR A 1 85  ? -9.301  -6.279  14.522  1.00 22.50 ? 85  THR A CB  1 
ATOM   598 O  OG1 . THR A 1 85  ? -9.022  -5.033  15.174  1.00 24.48 ? 85  THR A OG1 1 
ATOM   599 C  CG2 . THR A 1 85  ? -8.784  -7.423  15.370  1.00 24.68 ? 85  THR A CG2 1 
ATOM   600 N  N   . VAL A 1 86  ? -8.842  -4.077  12.155  1.00 20.44 ? 86  VAL A N   1 
ATOM   601 C  CA  . VAL A 1 86  ? -9.462  -3.027  11.351  1.00 20.63 ? 86  VAL A CA  1 
ATOM   602 C  C   . VAL A 1 86  ? -8.869  -3.011  9.946   1.00 20.17 ? 86  VAL A C   1 
ATOM   603 O  O   . VAL A 1 86  ? -7.657  -2.878  9.771   1.00 19.79 ? 86  VAL A O   1 
ATOM   604 C  CB  . VAL A 1 86  ? -9.257  -1.642  12.008  1.00 19.50 ? 86  VAL A CB  1 
ATOM   605 C  CG1 . VAL A 1 86  ? -9.865  -0.549  11.139  1.00 21.22 ? 86  VAL A CG1 1 
ATOM   606 C  CG2 . VAL A 1 86  ? -9.883  -1.634  13.392  1.00 18.68 ? 86  VAL A CG2 1 
ATOM   607 N  N   . PRO A 1 87  ? -9.721  -3.143  8.918   1.00 21.07 ? 87  PRO A N   1 
ATOM   608 C  CA  . PRO A 1 87  ? -9.233  -3.140  7.537   1.00 21.19 ? 87  PRO A CA  1 
ATOM   609 C  C   . PRO A 1 87  ? -8.633  -1.803  7.108   1.00 21.53 ? 87  PRO A C   1 
ATOM   610 O  O   . PRO A 1 87  ? -9.076  -0.742  7.550   1.00 20.95 ? 87  PRO A O   1 
ATOM   611 C  CB  . PRO A 1 87  ? -10.487 -3.470  6.719   1.00 22.76 ? 87  PRO A CB  1 
ATOM   612 C  CG  . PRO A 1 87  ? -11.369 -4.206  7.700   1.00 24.01 ? 87  PRO A CG  1 
ATOM   613 C  CD  . PRO A 1 87  ? -11.170 -3.403  8.958   1.00 22.61 ? 87  PRO A CD  1 
ATOM   614 N  N   . LEU A 1 88  ? -7.628  -1.868  6.244   1.00 20.45 ? 88  LEU A N   1 
ATOM   615 C  CA  . LEU A 1 88  ? -6.990  -0.677  5.704   1.00 21.83 ? 88  LEU A CA  1 
ATOM   616 C  C   . LEU A 1 88  ? -7.869  -0.168  4.575   1.00 24.81 ? 88  LEU A C   1 
ATOM   617 O  O   . LEU A 1 88  ? -8.589  -0.943  3.944   1.00 22.99 ? 88  LEU A O   1 
ATOM   618 C  CB  . LEU A 1 88  ? -5.636  -1.017  5.094   1.00 22.30 ? 88  LEU A CB  1 
ATOM   619 C  CG  . LEU A 1 88  ? -4.451  -1.403  5.968   1.00 20.86 ? 88  LEU A CG  1 
ATOM   620 C  CD1 . LEU A 1 88  ? -3.381  -2.050  5.088   1.00 20.03 ? 88  LEU A CD1 1 
ATOM   621 C  CD2 . LEU A 1 88  ? -3.908  -0.160  6.666   1.00 20.93 ? 88  LEU A CD2 1 
ATOM   622 N  N   . GLY A 1 89  ? -7.807  1.130   4.317   1.00 24.56 ? 89  GLY A N   1 
ATOM   623 C  CA  . GLY A 1 89  ? -8.566  1.669   3.211   1.00 26.97 ? 89  GLY A CA  1 
ATOM   624 C  C   . GLY A 1 89  ? -7.767  1.291   1.978   1.00 27.00 ? 89  GLY A C   1 
ATOM   625 O  O   . GLY A 1 89  ? -6.536  1.274   2.024   1.00 26.09 ? 89  GLY A O   1 
ATOM   626 N  N   . VAL A 1 90  ? -8.445  0.960   0.886   1.00 27.60 ? 90  VAL A N   1 
ATOM   627 C  CA  . VAL A 1 90  ? -7.752  0.589   -0.342  1.00 27.68 ? 90  VAL A CA  1 
ATOM   628 C  C   . VAL A 1 90  ? -7.965  1.678   -1.383  1.00 26.60 ? 90  VAL A C   1 
ATOM   629 O  O   . VAL A 1 90  ? -8.998  2.347   -1.389  1.00 26.11 ? 90  VAL A O   1 
ATOM   630 C  CB  . VAL A 1 90  ? -8.265  -0.756  -0.904  1.00 29.94 ? 90  VAL A CB  1 
ATOM   631 C  CG1 . VAL A 1 90  ? -7.993  -1.871  0.092   1.00 29.71 ? 90  VAL A CG1 1 
ATOM   632 C  CG2 . VAL A 1 90  ? -9.749  -0.665  -1.200  1.00 32.39 ? 90  VAL A CG2 1 
ATOM   633 N  N   . PHE A 1 91  ? -6.983  1.853   -2.255  1.00 25.27 ? 91  PHE A N   1 
ATOM   634 C  CA  . PHE A 1 91  ? -7.055  2.874   -3.288  1.00 26.90 ? 91  PHE A CA  1 
ATOM   635 C  C   . PHE A 1 91  ? -6.757  2.307   -4.667  1.00 28.75 ? 91  PHE A C   1 
ATOM   636 O  O   . PHE A 1 91  ? -5.830  1.516   -4.841  1.00 28.57 ? 91  PHE A O   1 
ATOM   637 C  CB  . PHE A 1 91  ? -6.079  4.006   -2.965  1.00 26.42 ? 91  PHE A CB  1 
ATOM   638 C  CG  . PHE A 1 91  ? -6.378  4.703   -1.670  1.00 28.39 ? 91  PHE A CG  1 
ATOM   639 C  CD1 . PHE A 1 91  ? -6.183  4.054   -0.455  1.00 27.40 ? 91  PHE A CD1 1 
ATOM   640 C  CD2 . PHE A 1 91  ? -6.889  5.997   -1.663  1.00 29.33 ? 91  PHE A CD2 1 
ATOM   641 C  CE1 . PHE A 1 91  ? -6.496  4.681   0.751   1.00 29.93 ? 91  PHE A CE1 1 
ATOM   642 C  CE2 . PHE A 1 91  ? -7.205  6.634   -0.463  1.00 29.64 ? 91  PHE A CE2 1 
ATOM   643 C  CZ  . PHE A 1 91  ? -7.009  5.976   0.746   1.00 30.05 ? 91  PHE A CZ  1 
ATOM   644 N  N   . GLU A 1 92  ? -7.551  2.723   -5.648  1.00 31.12 ? 92  GLU A N   1 
ATOM   645 C  CA  . GLU A 1 92  ? -7.379  2.258   -7.015  1.00 32.82 ? 92  GLU A CA  1 
ATOM   646 C  C   . GLU A 1 92  ? -6.054  2.717   -7.611  1.00 32.74 ? 92  GLU A C   1 
ATOM   647 O  O   . GLU A 1 92  ? -5.642  3.862   -7.435  1.00 32.50 ? 92  GLU A O   1 
ATOM   648 C  CB  . GLU A 1 92  ? -8.538  2.759   -7.884  1.00 36.85 ? 92  GLU A CB  1 
ATOM   649 C  CG  . GLU A 1 92  ? -8.334  2.555   -9.377  1.00 43.24 ? 92  GLU A CG  1 
ATOM   650 C  CD  . GLU A 1 92  ? -9.504  3.063   -10.204 1.00 46.98 ? 92  GLU A CD  1 
ATOM   651 O  OE1 . GLU A 1 92  ? -9.982  4.186   -9.940  1.00 48.79 ? 92  GLU A OE1 1 
ATOM   652 O  OE2 . GLU A 1 92  ? -9.938  2.343   -11.128 1.00 49.62 ? 92  GLU A OE2 1 
ATOM   653 N  N   . VAL A 1 93  ? -5.389  1.803   -8.310  1.00 32.50 ? 93  VAL A N   1 
ATOM   654 C  CA  . VAL A 1 93  ? -4.120  2.092   -8.962  1.00 34.35 ? 93  VAL A CA  1 
ATOM   655 C  C   . VAL A 1 93  ? -4.288  1.834   -10.455 1.00 37.73 ? 93  VAL A C   1 
ATOM   656 O  O   . VAL A 1 93  ? -4.998  0.912   -10.856 1.00 36.20 ? 93  VAL A O   1 
ATOM   657 C  CB  . VAL A 1 93  ? -2.990  1.192   -8.427  1.00 33.55 ? 93  VAL A CB  1 
ATOM   658 C  CG1 . VAL A 1 93  ? -1.691  1.507   -9.152  1.00 33.26 ? 93  VAL A CG1 1 
ATOM   659 C  CG2 . VAL A 1 93  ? -2.825  1.401   -6.929  1.00 31.77 ? 93  VAL A CG2 1 
ATOM   660 N  N   . GLU A 1 94  ? -3.635  2.652   -11.272 1.00 41.33 ? 94  GLU A N   1 
ATOM   661 C  CA  . GLU A 1 94  ? -3.728  2.501   -12.717 1.00 45.55 ? 94  GLU A CA  1 
ATOM   662 C  C   . GLU A 1 94  ? -2.402  2.858   -13.372 1.00 46.88 ? 94  GLU A C   1 
ATOM   663 O  O   . GLU A 1 94  ? -1.739  3.816   -12.973 1.00 47.31 ? 94  GLU A O   1 
ATOM   664 C  CB  . GLU A 1 94  ? -4.836  3.403   -13.262 1.00 47.57 ? 94  GLU A CB  1 
ATOM   665 C  CG  . GLU A 1 94  ? -5.645  2.781   -14.385 1.00 52.79 ? 94  GLU A CG  1 
ATOM   666 C  CD  . GLU A 1 94  ? -6.406  1.545   -13.937 1.00 54.47 ? 94  GLU A CD  1 
ATOM   667 O  OE1 . GLU A 1 94  ? -7.204  1.649   -12.981 1.00 55.42 ? 94  GLU A OE1 1 
ATOM   668 O  OE2 . GLU A 1 94  ? -6.210  0.470   -14.544 1.00 56.31 ? 94  GLU A OE2 1 
ATOM   669 N  N   . VAL A 1 95  ? -2.014  2.080   -14.377 1.00 48.50 ? 95  VAL A N   1 
ATOM   670 C  CA  . VAL A 1 95  ? -0.765  2.317   -15.087 1.00 50.70 ? 95  VAL A CA  1 
ATOM   671 C  C   . VAL A 1 95  ? -1.052  2.804   -16.504 1.00 52.77 ? 95  VAL A C   1 
ATOM   672 O  O   . VAL A 1 95  ? -1.597  2.062   -17.324 1.00 52.97 ? 95  VAL A O   1 
ATOM   673 C  CB  . VAL A 1 95  ? 0.082   1.032   -15.171 1.00 49.81 ? 95  VAL A CB  1 
ATOM   674 C  CG1 . VAL A 1 95  ? 1.419   1.332   -15.827 1.00 49.92 ? 95  VAL A CG1 1 
ATOM   675 C  CG2 . VAL A 1 95  ? 0.284   0.451   -13.783 1.00 50.21 ? 95  VAL A CG2 1 
ATOM   676 N  N   . LYS A 1 96  ? -0.689  4.052   -16.787 1.00 54.27 ? 96  LYS A N   1 
ATOM   677 C  CA  . LYS A 1 96  ? -0.907  4.624   -18.111 1.00 56.28 ? 96  LYS A CA  1 
ATOM   678 C  C   . LYS A 1 96  ? 0.399   5.054   -18.763 1.00 56.56 ? 96  LYS A C   1 
ATOM   679 O  O   . LYS A 1 96  ? 1.046   6.002   -18.319 1.00 56.64 ? 96  LYS A O   1 
ATOM   680 C  CB  . LYS A 1 96  ? -1.851  5.826   -18.032 1.00 57.13 ? 96  LYS A CB  1 
ATOM   681 C  CG  . LYS A 1 96  ? -3.257  5.496   -17.556 1.00 59.23 ? 96  LYS A CG  1 
ATOM   682 C  CD  . LYS A 1 96  ? -4.216  6.653   -17.820 1.00 61.62 ? 96  LYS A CD  1 
ATOM   683 C  CE  . LYS A 1 96  ? -3.757  7.936   -17.142 1.00 63.40 ? 96  LYS A CE  1 
ATOM   684 N  NZ  . LYS A 1 96  ? -4.659  9.080   -17.452 1.00 64.25 ? 96  LYS A NZ  1 
ATOM   685 N  N   . GLU A 1 97  ? 0.777   4.346   -19.822 1.00 57.69 ? 97  GLU A N   1 
ATOM   686 C  CA  . GLU A 1 97  ? 1.996   4.641   -20.563 1.00 57.45 ? 97  GLU A CA  1 
ATOM   687 C  C   . GLU A 1 97  ? 3.250   4.513   -19.702 1.00 56.28 ? 97  GLU A C   1 
ATOM   688 O  O   . GLU A 1 97  ? 4.156   5.345   -19.775 1.00 56.31 ? 97  GLU A O   1 
ATOM   689 C  CB  . GLU A 1 97  ? 1.911   6.046   -21.167 1.00 59.51 ? 97  GLU A CB  1 
ATOM   690 C  CG  . GLU A 1 97  ? 0.749   6.214   -22.139 1.00 62.56 ? 97  GLU A CG  1 
ATOM   691 C  CD  . GLU A 1 97  ? 0.640   7.622   -22.693 1.00 64.41 ? 97  GLU A CD  1 
ATOM   692 O  OE1 . GLU A 1 97  ? 0.434   8.563   -21.896 1.00 65.73 ? 97  GLU A OE1 1 
ATOM   693 O  OE2 . GLU A 1 97  ? 0.760   7.785   -23.925 1.00 65.47 ? 97  GLU A OE2 1 
ATOM   694 N  N   . GLY A 1 98  ? 3.293   3.464   -18.888 1.00 54.47 ? 98  GLY A N   1 
ATOM   695 C  CA  . GLY A 1 98  ? 4.447   3.228   -18.038 1.00 51.72 ? 98  GLY A CA  1 
ATOM   696 C  C   . GLY A 1 98  ? 4.505   4.041   -16.760 1.00 49.19 ? 98  GLY A C   1 
ATOM   697 O  O   . GLY A 1 98  ? 5.460   3.919   -15.995 1.00 49.14 ? 98  GLY A O   1 
ATOM   698 N  N   . GLU A 1 99  ? 3.494   4.869   -16.520 1.00 47.62 ? 99  GLU A N   1 
ATOM   699 C  CA  . GLU A 1 99  ? 3.465   5.693   -15.315 1.00 46.09 ? 99  GLU A CA  1 
ATOM   700 C  C   . GLU A 1 99  ? 2.394   5.185   -14.351 1.00 44.17 ? 99  GLU A C   1 
ATOM   701 O  O   . GLU A 1 99  ? 1.252   4.947   -14.744 1.00 43.81 ? 99  GLU A O   1 
ATOM   702 C  CB  . GLU A 1 99  ? 3.191   7.153   -15.687 1.00 46.60 ? 99  GLU A CB  1 
ATOM   703 C  CG  . GLU A 1 99  ? 3.337   8.160   -14.549 1.00 47.98 ? 99  GLU A CG  1 
ATOM   704 C  CD  . GLU A 1 99  ? 4.740   8.207   -13.970 1.00 49.06 ? 99  GLU A CD  1 
ATOM   705 O  OE1 . GLU A 1 99  ? 5.708   7.980   -14.725 1.00 49.43 ? 99  GLU A OE1 1 
ATOM   706 O  OE2 . GLU A 1 99  ? 4.876   8.490   -12.761 1.00 49.96 ? 99  GLU A OE2 1 
ATOM   707 N  N   . VAL A 1 100 ? 2.773   5.015   -13.088 1.00 41.85 ? 100 VAL A N   1 
ATOM   708 C  CA  . VAL A 1 100 ? 1.850   4.531   -12.069 1.00 38.99 ? 100 VAL A CA  1 
ATOM   709 C  C   . VAL A 1 100 ? 1.117   5.683   -11.388 1.00 38.57 ? 100 VAL A C   1 
ATOM   710 O  O   . VAL A 1 100 ? 1.741   6.621   -10.891 1.00 38.49 ? 100 VAL A O   1 
ATOM   711 C  CB  . VAL A 1 100 ? 2.596   3.720   -10.982 1.00 37.86 ? 100 VAL A CB  1 
ATOM   712 C  CG1 . VAL A 1 100 ? 1.606   3.198   -9.953  1.00 36.83 ? 100 VAL A CG1 1 
ATOM   713 C  CG2 . VAL A 1 100 ? 3.362   2.570   -11.620 1.00 36.62 ? 100 VAL A CG2 1 
ATOM   714 N  N   . TYR A 1 101 ? -0.210  5.608   -11.374 1.00 38.20 ? 101 TYR A N   1 
ATOM   715 C  CA  . TYR A 1 101 ? -1.032  6.627   -10.735 1.00 38.31 ? 101 TYR A CA  1 
ATOM   716 C  C   . TYR A 1 101 ? -1.915  5.981   -9.674  1.00 37.82 ? 101 TYR A C   1 
ATOM   717 O  O   . TYR A 1 101 ? -2.370  4.850   -9.841  1.00 37.44 ? 101 TYR A O   1 
ATOM   718 C  CB  . TYR A 1 101 ? -1.927  7.334   -11.756 1.00 41.29 ? 101 TYR A CB  1 
ATOM   719 C  CG  . TYR A 1 101 ? -1.184  8.103   -12.822 1.00 43.63 ? 101 TYR A CG  1 
ATOM   720 C  CD1 . TYR A 1 101 ? -0.635  7.454   -13.925 1.00 44.77 ? 101 TYR A CD1 1 
ATOM   721 C  CD2 . TYR A 1 101 ? -1.028  9.486   -12.726 1.00 45.14 ? 101 TYR A CD2 1 
ATOM   722 C  CE1 . TYR A 1 101 ? 0.047   8.164   -14.911 1.00 46.53 ? 101 TYR A CE1 1 
ATOM   723 C  CE2 . TYR A 1 101 ? -0.346  10.205  -13.704 1.00 46.78 ? 101 TYR A CE2 1 
ATOM   724 C  CZ  . TYR A 1 101 ? 0.190   9.538   -14.794 1.00 47.52 ? 101 TYR A CZ  1 
ATOM   725 O  OH  . TYR A 1 101 ? 0.869   10.246  -15.761 1.00 48.71 ? 101 TYR A OH  1 
ATOM   726 N  N   . VAL A 1 102 ? -2.156  6.702   -8.584  1.00 37.41 ? 102 VAL A N   1 
ATOM   727 C  CA  . VAL A 1 102 ? -2.997  6.194   -7.510  1.00 36.83 ? 102 VAL A CA  1 
ATOM   728 C  C   . VAL A 1 102 ? -4.079  7.211   -7.164  1.00 38.27 ? 102 VAL A C   1 
ATOM   729 O  O   . VAL A 1 102 ? -3.824  8.415   -7.136  1.00 38.38 ? 102 VAL A O   1 
ATOM   730 C  CB  . VAL A 1 102 ? -2.169  5.887   -6.238  1.00 35.54 ? 102 VAL A CB  1 
ATOM   731 C  CG1 . VAL A 1 102 ? -1.485  7.152   -5.735  1.00 34.12 ? 102 VAL A CG1 1 
ATOM   732 C  CG2 . VAL A 1 102 ? -3.071  5.299   -5.158  1.00 33.70 ? 102 VAL A CG2 1 
ATOM   733 N  N   . ALA A 1 103 ? -5.287  6.722   -6.909  1.00 39.54 ? 103 ALA A N   1 
ATOM   734 C  CA  . ALA A 1 103 ? -6.402  7.591   -6.555  1.00 42.29 ? 103 ALA A CA  1 
ATOM   735 C  C   . ALA A 1 103 ? -6.172  8.176   -5.168  1.00 43.94 ? 103 ALA A C   1 
ATOM   736 O  O   . ALA A 1 103 ? -5.781  7.465   -4.244  1.00 44.00 ? 103 ALA A O   1 
ATOM   737 C  CB  . ALA A 1 103 ? -7.705  6.805   -6.580  1.00 41.80 ? 103 ALA A CB  1 
ATOM   738 N  N   . GLY A 1 104 ? -6.414  9.474   -5.027  1.00 45.54 ? 104 GLY A N   1 
ATOM   739 C  CA  . GLY A 1 104 ? -6.223  10.123  -3.745  1.00 48.80 ? 104 GLY A CA  1 
ATOM   740 C  C   . GLY A 1 104 ? -7.359  9.847   -2.780  1.00 51.26 ? 104 GLY A C   1 
ATOM   741 O  O   . GLY A 1 104 ? -7.236  10.098  -1.581  1.00 50.81 ? 104 GLY A O   1 
ATOM   742 N  N   . GLU A 1 105 ? -8.466  9.326   -3.301  1.00 54.32 ? 105 GLU A N   1 
ATOM   743 C  CA  . GLU A 1 105 ? -9.631  9.022   -2.477  1.00 57.97 ? 105 GLU A CA  1 
ATOM   744 C  C   . GLU A 1 105 ? -9.872  7.521   -2.355  1.00 59.61 ? 105 GLU A C   1 
ATOM   745 O  O   . GLU A 1 105 ? -9.756  6.777   -3.330  1.00 59.47 ? 105 GLU A O   1 
ATOM   746 C  CB  . GLU A 1 105 ? -10.881 9.691   -3.055  1.00 59.94 ? 105 GLU A CB  1 
ATOM   747 C  CG  . GLU A 1 105 ? -10.789 11.207  -3.173  1.00 63.72 ? 105 GLU A CG  1 
ATOM   748 C  CD  . GLU A 1 105 ? -9.755  11.654  -4.190  1.00 65.95 ? 105 GLU A CD  1 
ATOM   749 O  OE1 . GLU A 1 105 ? -9.881  11.277  -5.376  1.00 67.20 ? 105 GLU A OE1 1 
ATOM   750 O  OE2 . GLU A 1 105 ? -8.816  12.383  -3.803  1.00 67.54 ? 105 GLU A OE2 1 
ATOM   751 N  N   . LYS A 1 106 ? -10.216 7.090   -1.146  1.00 61.41 ? 106 LYS A N   1 
ATOM   752 C  CA  . LYS A 1 106 ? -10.481 5.686   -0.854  1.00 63.33 ? 106 LYS A CA  1 
ATOM   753 C  C   . LYS A 1 106 ? -11.612 5.152   -1.731  1.00 64.37 ? 106 LYS A C   1 
ATOM   754 O  O   . LYS A 1 106 ? -12.378 5.922   -2.306  1.00 64.48 ? 106 LYS A O   1 
ATOM   755 C  CB  . LYS A 1 106 ? -10.858 5.538   0.622   1.00 63.82 ? 106 LYS A CB  1 
ATOM   756 C  CG  . LYS A 1 106 ? -11.079 4.112   1.086   1.00 65.08 ? 106 LYS A CG  1 
ATOM   757 C  CD  . LYS A 1 106 ? -11.651 4.072   2.498   1.00 66.08 ? 106 LYS A CD  1 
ATOM   758 C  CE  . LYS A 1 106 ? -10.728 4.743   3.504   1.00 66.91 ? 106 LYS A CE  1 
ATOM   759 N  NZ  . LYS A 1 106 ? -11.297 4.710   4.881   1.00 67.02 ? 106 LYS A NZ  1 
ATOM   760 N  N   . LYS A 1 107 ? -11.707 3.830   -1.834  1.00 65.77 ? 107 LYS A N   1 
ATOM   761 C  CA  . LYS A 1 107 ? -12.755 3.208   -2.632  1.00 67.04 ? 107 LYS A CA  1 
ATOM   762 C  C   . LYS A 1 107 ? -13.486 2.149   -1.815  1.00 67.72 ? 107 LYS A C   1 
ATOM   763 O  O   . LYS A 1 107 ? -14.213 1.320   -2.361  1.00 69.24 ? 107 LYS A O   1 
ATOM   764 C  CB  . LYS A 1 107 ? -12.165 2.567   -3.894  1.00 66.93 ? 107 LYS A CB  1 
ATOM   765 C  CG  . LYS A 1 107 ? -11.297 1.346   -3.638  1.00 66.77 ? 107 LYS A CG  1 
ATOM   766 C  CD  . LYS A 1 107 ? -10.827 0.727   -4.946  1.00 66.57 ? 107 LYS A CD  1 
ATOM   767 C  CE  . LYS A 1 107 ? -10.005 -0.530  -4.703  1.00 66.63 ? 107 LYS A CE  1 
ATOM   768 N  NZ  . LYS A 1 107 ? -9.500  -1.125  -5.972  1.00 65.92 ? 107 LYS A NZ  1 
HETATM 769 FE FE  . FE  B 2 .   ? 13.360  1.104   6.728   1.00 24.85 ? 211 FE  A FE  1 
HETATM 770 FE FE1 . FES C 3 .   ? 0.932   -2.702  13.088  1.00 18.14 ? 201 FES A FE1 1 
HETATM 771 FE FE2 . FES C 3 .   ? 0.522   -3.390  15.649  1.00 18.89 ? 201 FES A FE2 1 
HETATM 772 S  S1  . FES C 3 .   ? 0.247   -4.706  13.861  1.00 17.75 ? 201 FES A S1  1 
HETATM 773 S  S2  . FES C 3 .   ? 1.240   -1.429  14.887  1.00 17.35 ? 201 FES A S2  1 
HETATM 774 S  S   . H2S D 4 .   ? 13.428  1.935   4.038   1.00 47.91 ? 212 H2S A S   1 
HETATM 775 O  O   . HOH E 5 .   ? -2.004  6.313   6.262   1.00 24.99 ? 213 HOH A O   1 
HETATM 776 O  O   . HOH E 5 .   ? 2.133   6.046   7.776   1.00 24.67 ? 214 HOH A O   1 
HETATM 777 O  O   . HOH E 5 .   ? -6.305  -3.292  13.469  1.00 18.69 ? 215 HOH A O   1 
HETATM 778 O  O   . HOH E 5 .   ? -5.312  -1.112  -4.971  1.00 22.83 ? 216 HOH A O   1 
HETATM 779 O  O   . HOH E 5 .   ? 7.084   2.717   11.454  1.00 22.47 ? 217 HOH A O   1 
HETATM 780 O  O   . HOH E 5 .   ? -7.771  1.587   13.594  1.00 24.04 ? 218 HOH A O   1 
HETATM 781 O  O   . HOH E 5 .   ? 9.551   -6.181  1.543   1.00 29.11 ? 219 HOH A O   1 
HETATM 782 O  O   . HOH E 5 .   ? -0.978  8.384   9.575   1.00 23.61 ? 220 HOH A O   1 
HETATM 783 O  O   . HOH E 5 .   ? -8.309  -10.556 2.008   1.00 28.61 ? 221 HOH A O   1 
HETATM 784 O  O   . HOH E 5 .   ? -4.569  3.540   8.704   1.00 25.83 ? 222 HOH A O   1 
HETATM 785 O  O   . HOH E 5 .   ? 0.272   12.286  3.330   1.00 30.53 ? 223 HOH A O   1 
HETATM 786 O  O   . HOH E 5 .   ? 2.466   13.617  4.189   1.00 27.41 ? 224 HOH A O   1 
HETATM 787 O  O   . HOH E 5 .   ? 6.389   -9.666  -6.128  1.00 30.62 ? 225 HOH A O   1 
HETATM 788 O  O   . HOH E 5 .   ? -3.187  3.819   13.243  1.00 32.91 ? 226 HOH A O   1 
HETATM 789 O  O   . HOH E 5 .   ? 5.799   -9.435  -3.500  1.00 26.06 ? 227 HOH A O   1 
HETATM 790 O  O   . HOH E 5 .   ? -9.529  4.536   -5.006  1.00 34.42 ? 228 HOH A O   1 
HETATM 791 O  O   . HOH E 5 .   ? -0.050  -0.393  18.706  1.00 26.81 ? 229 HOH A O   1 
HETATM 792 O  O   . HOH E 5 .   ? -6.794  -4.962  16.725  1.00 29.19 ? 230 HOH A O   1 
HETATM 793 O  O   . HOH E 5 .   ? -5.740  -2.615  -2.869  1.00 32.77 ? 231 HOH A O   1 
HETATM 794 O  O   . HOH E 5 .   ? 5.554   -7.724  12.767  1.00 35.57 ? 232 HOH A O   1 
HETATM 795 O  O   . HOH E 5 .   ? -10.454 -2.677  3.154   1.00 29.51 ? 233 HOH A O   1 
HETATM 796 O  O   . HOH E 5 .   ? 9.119   5.642   7.128   1.00 30.16 ? 234 HOH A O   1 
HETATM 797 O  O   . HOH E 5 .   ? -3.264  -14.600 13.095  1.00 39.00 ? 235 HOH A O   1 
HETATM 798 O  O   . HOH E 5 .   ? 6.434   11.231  4.614   1.00 35.79 ? 236 HOH A O   1 
HETATM 799 O  O   . HOH E 5 .   ? -4.342  -4.814  20.670  1.00 48.80 ? 237 HOH A O   1 
HETATM 800 O  O   . HOH E 5 .   ? 1.734   -9.168  19.194  1.00 42.62 ? 238 HOH A O   1 
HETATM 801 O  O   . HOH E 5 .   ? 8.391   -12.612 6.048   1.00 32.84 ? 239 HOH A O   1 
HETATM 802 O  O   . HOH E 5 .   ? -8.831  2.333   7.809   1.00 39.16 ? 240 HOH A O   1 
HETATM 803 O  O   . HOH E 5 .   ? -9.452  -10.708 7.697   1.00 33.18 ? 241 HOH A O   1 
HETATM 804 O  O   . HOH E 5 .   ? 8.830   5.428   -0.905  1.00 37.13 ? 242 HOH A O   1 
HETATM 805 O  O   . HOH E 5 .   ? 10.542  0.333   -5.426  1.00 45.37 ? 243 HOH A O   1 
HETATM 806 O  O   . HOH E 5 .   ? 7.414   -12.320 -1.893  1.00 38.75 ? 244 HOH A O   1 
HETATM 807 O  O   . HOH E 5 .   ? -0.983  -11.490 18.263  1.00 43.01 ? 245 HOH A O   1 
HETATM 808 O  O   . HOH E 5 .   ? 1.393   -11.872 16.318  1.00 35.52 ? 246 HOH A O   1 
HETATM 809 O  O   . HOH E 5 .   ? 10.572  -1.487  -1.075  1.00 37.20 ? 247 HOH A O   1 
HETATM 810 O  O   . HOH E 5 .   ? -11.412 1.160   1.161   1.00 30.07 ? 248 HOH A O   1 
HETATM 811 O  O   . HOH E 5 .   ? 0.315   -12.628 14.305  1.00 43.82 ? 249 HOH A O   1 
HETATM 812 O  O   . HOH E 5 .   ? -6.082  10.583  6.410   1.00 53.40 ? 250 HOH A O   1 
HETATM 813 O  O   . HOH E 5 .   ? 12.571  -0.725  -6.790  1.00 47.33 ? 251 HOH A O   1 
HETATM 814 O  O   . HOH E 5 .   ? 9.469   1.363   11.506  1.00 28.24 ? 252 HOH A O   1 
HETATM 815 O  O   . HOH E 5 .   ? -6.638  -11.461 4.687   1.00 39.09 ? 253 HOH A O   1 
HETATM 816 O  O   . HOH E 5 .   ? 9.368   -8.246  -0.974  1.00 45.38 ? 254 HOH A O   1 
HETATM 817 O  O   . HOH E 5 .   ? -1.337  -9.855  -15.201 1.00 37.67 ? 255 HOH A O   1 
HETATM 818 O  O   . HOH E 5 .   ? 4.855   11.686  -2.132  1.00 50.09 ? 256 HOH A O   1 
HETATM 819 O  O   . HOH E 5 .   ? -11.031 -3.430  16.261  1.00 40.71 ? 257 HOH A O   1 
HETATM 820 O  O   . HOH E 5 .   ? 0.532   3.206   18.407  1.00 32.16 ? 258 HOH A O   1 
HETATM 821 O  O   . HOH E 5 .   ? -11.912 0.116   7.918   1.00 39.57 ? 259 HOH A O   1 
HETATM 822 O  O   . HOH E 5 .   ? 11.598  5.811   4.866   1.00 25.10 ? 260 HOH A O   1 
HETATM 823 O  O   . HOH E 5 .   ? -10.992 -0.846  16.820  1.00 30.00 ? 261 HOH A O   1 
HETATM 824 O  O   . HOH E 5 .   ? -1.404  17.248  4.641   1.00 44.35 ? 262 HOH A O   1 
HETATM 825 O  O   . HOH E 5 .   ? -13.646 0.094   10.147  1.00 42.83 ? 263 HOH A O   1 
HETATM 826 O  O   . HOH E 5 .   ? -4.954  1.987   16.538  1.00 33.54 ? 264 HOH A O   1 
HETATM 827 O  O   . HOH E 5 .   ? 14.296  -2.832  8.863   1.00 48.32 ? 265 HOH A O   1 
HETATM 828 O  O   . HOH E 5 .   ? -4.812  -6.164  -10.374 1.00 48.40 ? 266 HOH A O   1 
HETATM 829 O  O   . HOH E 5 .   ? -11.983 -4.776  0.107   1.00 46.60 ? 267 HOH A O   1 
HETATM 830 O  O   . HOH E 5 .   ? -4.286  10.687  9.732   1.00 43.70 ? 268 HOH A O   1 
HETATM 831 O  O   . HOH E 5 .   ? -8.336  -5.841  -6.067  1.00 55.72 ? 269 HOH A O   1 
HETATM 832 O  O   . HOH E 5 .   ? 11.043  -3.551  -12.854 1.00 55.75 ? 270 HOH A O   1 
HETATM 833 O  O   . HOH E 5 .   ? -6.634  6.074   13.285  1.00 46.07 ? 271 HOH A O   1 
HETATM 834 O  O   . HOH E 5 .   ? -6.445  -7.745  -9.024  1.00 33.87 ? 272 HOH A O   1 
HETATM 835 O  O   . HOH E 5 .   ? 11.855  -2.577  11.156  1.00 51.24 ? 273 HOH A O   1 
HETATM 836 O  O   . HOH E 5 .   ? 12.535  -8.332  6.837   1.00 48.03 ? 274 HOH A O   1 
HETATM 837 O  O   . HOH E 5 .   ? 4.707   -12.053 -6.748  1.00 54.11 ? 275 HOH A O   1 
HETATM 838 O  O   . HOH E 5 .   ? 2.026   12.515  -6.212  1.00 56.90 ? 276 HOH A O   1 
HETATM 839 O  O   . HOH E 5 .   ? 4.699   -3.109  21.293  1.00 55.63 ? 277 HOH A O   1 
HETATM 840 O  O   . HOH E 5 .   ? 9.995   -3.803  12.200  1.00 59.76 ? 278 HOH A O   1 
HETATM 841 O  O   . HOH E 5 .   ? -1.830  13.741  -12.458 1.00 52.47 ? 279 HOH A O   1 
HETATM 842 O  O   . HOH E 5 .   ? -6.976  -10.795 12.552  1.00 55.67 ? 280 HOH A O   1 
HETATM 843 O  O   . HOH E 5 .   ? -11.720 -7.302  9.921   1.00 41.40 ? 281 HOH A O   1 
HETATM 844 O  O   . HOH E 5 .   ? -13.175 -3.174  4.024   1.00 51.08 ? 282 HOH A O   1 
HETATM 845 O  O   . HOH E 5 .   ? -10.395 -9.612  9.911   1.00 47.29 ? 283 HOH A O   1 
HETATM 846 O  O   . HOH E 5 .   ? -4.872  -2.096  -7.597  1.00 45.31 ? 284 HOH A O   1 
HETATM 847 O  O   . HOH E 5 .   ? -3.138  14.824  -2.190  1.00 50.93 ? 285 HOH A O   1 
HETATM 848 O  O   . HOH E 5 .   ? -3.312  -1.341  -12.244 1.00 52.18 ? 286 HOH A O   1 
HETATM 849 O  O   . HOH E 5 .   ? 7.216   -10.647 -11.814 1.00 48.69 ? 287 HOH A O   1 
HETATM 850 O  O   . HOH E 5 .   ? -9.612  8.668   3.504   1.00 53.73 ? 288 HOH A O   1 
HETATM 851 O  O   . HOH E 5 .   ? 10.209  -4.018  0.650   1.00 54.82 ? 289 HOH A O   1 
HETATM 852 O  O   . HOH E 5 .   ? -11.684 1.121   5.384   1.00 55.55 ? 290 HOH A O   1 
HETATM 853 O  O   . HOH E 5 .   ? -5.889  7.475   -14.889 1.00 52.18 ? 291 HOH A O   1 
HETATM 854 O  O   . HOH E 5 .   ? -14.076 -6.188  9.204   1.00 46.93 ? 292 HOH A O   1 
HETATM 855 O  O   . HOH E 5 .   ? -7.841  7.394   4.585   1.00 53.01 ? 293 HOH A O   1 
HETATM 856 O  O   . HOH E 5 .   ? -7.022  -10.958 17.329  1.00 60.96 ? 294 HOH A O   1 
HETATM 857 O  O   . HOH E 5 .   ? -3.549  -4.004  -10.008 1.00 56.93 ? 295 HOH A O   1 
HETATM 858 O  O   . HOH E 5 .   ? 3.955   7.063   4.470   1.00 65.27 ? 296 HOH A O   1 
HETATM 859 O  O   . HOH E 5 .   ? 5.866   7.870   -4.290  1.00 51.95 ? 297 HOH A O   1 
HETATM 860 O  O   . HOH E 5 .   ? 7.434   2.459   -16.753 1.00 48.78 ? 298 HOH A O   1 
HETATM 861 O  O   . HOH E 5 .   ? -6.968  -8.757  18.622  1.00 51.43 ? 299 HOH A O   1 
HETATM 862 O  O   . HOH E 5 .   ? -13.905 2.872   9.321   1.00 54.61 ? 300 HOH A O   1 
HETATM 863 O  O   . HOH E 5 .   ? 6.668   -11.948 -8.570  1.00 56.93 ? 301 HOH A O   1 
HETATM 864 O  O   . HOH E 5 .   ? 8.118   7.331   -5.407  1.00 59.51 ? 302 HOH A O   1 
HETATM 865 O  O   . HOH E 5 .   ? 6.970   9.999   -11.966 1.00 52.89 ? 303 HOH A O   1 
HETATM 866 O  O   . HOH E 5 .   ? 9.624   -10.978 1.628   1.00 47.72 ? 304 HOH A O   1 
HETATM 867 O  O   . HOH E 5 .   ? 2.766   13.077  -3.766  1.00 60.29 ? 305 HOH A O   1 
HETATM 868 O  O   . HOH E 5 .   ? -11.142 -8.630  12.226  1.00 60.62 ? 306 HOH A O   1 
HETATM 869 O  O   . HOH E 5 .   ? -10.809 -12.095 5.626   1.00 53.54 ? 307 HOH A O   1 
HETATM 870 O  O   . HOH E 5 .   ? -5.974  14.044  -1.150  1.00 56.32 ? 308 HOH A O   1 
HETATM 871 O  O   . HOH E 5 .   ? -12.749 -8.050  0.172   1.00 50.55 ? 309 HOH A O   1 
HETATM 872 O  O   . HOH E 5 .   ? 1.116   17.462  3.788   1.00 53.00 ? 310 HOH A O   1 
HETATM 873 O  O   . HOH E 5 .   ? 6.546   11.044  -16.312 1.00 55.24 ? 311 HOH A O   1 
HETATM 874 O  O   . HOH E 5 .   ? -4.112  -7.309  -14.544 1.00 56.84 ? 312 HOH A O   1 
HETATM 875 O  O   . HOH E 5 .   ? 1.138   13.928  -8.511  1.00 53.33 ? 313 HOH A O   1 
HETATM 876 O  O   . HOH E 5 .   ? 14.619  -2.605  -5.084  1.00 56.28 ? 314 HOH A O   1 
HETATM 877 O  O   . HOH E 5 .   ? -10.630 4.716   -13.729 1.00 56.20 ? 315 HOH A O   1 
HETATM 878 O  O   . HOH E 5 .   ? -3.657  -0.008  -15.173 1.00 53.17 ? 316 HOH A O   1 
HETATM 879 O  O   . HOH E 5 .   ? 10.393  8.997   1.207   1.00 54.57 ? 317 HOH A O   1 
HETATM 880 O  O   . HOH E 5 .   ? 12.994  8.702   4.483   1.00 51.73 ? 318 HOH A O   1 
HETATM 881 O  O   . HOH E 5 .   ? -8.126  6.825   -17.776 1.00 62.65 ? 319 HOH A O   1 
HETATM 882 O  O   . HOH E 5 .   ? -1.103  2.525   -21.425 1.00 61.36 ? 320 HOH A O   1 
HETATM 883 O  O   . HOH E 5 .   ? 1.021   1.438   -19.707 1.00 51.65 ? 321 HOH A O   1 
HETATM 884 O  O   . HOH E 5 .   ? -4.549  9.651   -14.677 1.00 61.47 ? 322 HOH A O   1 
HETATM 885 O  O   . HOH E 5 .   ? -6.850  -0.740  -8.533  1.00 50.71 ? 323 HOH A O   1 
HETATM 886 O  O   . HOH E 5 .   ? -11.508 2.999   8.415   1.00 56.81 ? 324 HOH A O   1 
HETATM 887 O  O   . HOH E 5 .   ? 12.789  3.354   -15.073 1.00 51.33 ? 325 HOH A O   1 
HETATM 888 O  O   . HOH E 5 .   ? -7.533  -3.515  -4.809  1.00 54.51 ? 326 HOH A O   1 
HETATM 889 O  O   . HOH E 5 .   ? -11.325 8.757   0.967   1.00 59.05 ? 327 HOH A O   1 
HETATM 890 O  O   . HOH E 5 .   ? 7.293   4.287   14.603  0.33 36.94 ? 328 HOH A O   1 
HETATM 891 O  O   . HOH E 5 .   ? 16.452  2.394   3.725   0.33 42.39 ? 329 HOH A O   1 
HETATM 892 O  O   . HOH E 5 .   ? 10.906  3.566   10.329  0.33 37.43 ? 330 HOH A O   1 
HETATM 893 O  O   . HOH E 5 .   ? 1.602   8.725   -17.973 1.00 46.43 ? 331 HOH A O   1 
HETATM 894 O  O   . HOH E 5 .   ? -3.453  -9.198  -16.123 1.00 48.67 ? 332 HOH A O   1 
HETATM 895 O  O   . HOH E 5 .   ? -8.900  5.802   14.472  1.00 26.87 ? 333 HOH A O   1 
HETATM 896 O  O   . HOH E 5 .   ? -3.682  3.865   15.856  1.00 29.28 ? 334 HOH A O   1 
HETATM 897 O  O   . HOH E 5 .   ? -4.374  6.480   7.531   1.00 30.78 ? 335 HOH A O   1 
HETATM 898 O  O   . HOH E 5 .   ? -3.856  7.891   9.998   1.00 34.33 ? 336 HOH A O   1 
HETATM 899 O  O   . HOH E 5 .   ? -5.580  4.075   11.151  1.00 34.15 ? 337 HOH A O   1 
HETATM 900 O  O   . HOH E 5 .   ? -1.980  4.447   18.178  1.00 38.67 ? 338 HOH A O   1 
HETATM 901 O  O   . HOH E 5 .   ? -0.302  -3.592  -13.785 1.00 46.19 ? 339 HOH A O   1 
HETATM 902 O  O   . HOH E 5 .   ? 8.226   -2.774  -15.593 1.00 44.72 ? 340 HOH A O   1 
HETATM 903 O  O   . HOH E 5 .   ? -5.365  6.850   16.502  1.00 47.24 ? 341 HOH A O   1 
HETATM 904 O  O   . HOH E 5 .   ? -1.826  -3.064  -11.515 1.00 36.66 ? 342 HOH A O   1 
HETATM 905 O  O   . HOH E 5 .   ? 8.032   -10.086 -2.100  1.00 51.64 ? 343 HOH A O   1 
HETATM 906 O  O   . HOH E 5 .   ? -6.252  -12.496 10.935  1.00 49.02 ? 344 HOH A O   1 
HETATM 907 O  O   . HOH E 5 .   ? -3.162  -5.468  22.901  1.00 46.01 ? 345 HOH A O   1 
HETATM 908 O  O   . HOH E 5 .   ? -6.721  -10.365 14.996  1.00 49.48 ? 346 HOH A O   1 
HETATM 909 O  O   . HOH E 5 .   ? 6.167   -4.641  22.522  1.00 56.62 ? 347 HOH A O   1 
HETATM 910 O  O   . HOH E 5 .   ? 11.708  1.292   2.283   1.00 47.53 ? 348 HOH A O   1 
HETATM 911 O  O   . HOH E 5 .   ? -6.372  7.653   6.711   1.00 45.58 ? 349 HOH A O   1 
HETATM 912 O  O   . HOH E 5 .   ? -8.649  9.203   1.482   1.00 52.28 ? 350 HOH A O   1 
HETATM 913 O  O   . HOH E 5 .   ? -0.816  -14.870 14.168  1.00 44.60 ? 351 HOH A O   1 
# 
